data_7AS5
#
_entry.id   7AS5
#
_cell.length_a   1.00
_cell.length_b   1.00
_cell.length_c   1.00
_cell.angle_alpha   90.00
_cell.angle_beta   90.00
_cell.angle_gamma   90.00
#
_symmetry.space_group_name_H-M   'P 1'
#
loop_
_entity.id
_entity.type
_entity.pdbx_description
1 polymer 'SCAFFOLD STRAND'
2 polymer 'SCAFFOLD STRAND'
3 polymer 'STAPLE STRAND'
4 polymer 'STAPLE STRAND'
5 polymer 'STAPLE STRAND'
6 polymer 'STAPLE STRAND'
7 polymer 'STAPLE STRAND'
8 polymer 'STAPLE STRAND'
9 polymer 'STAPLE STRAND'
10 polymer 'STAPLE STRAND'
11 polymer 'STAPLE STRAND'
12 polymer 'STAPLE STRAND'
13 polymer 'STAPLE STRAND'
14 polymer 'STAPLE STRAND'
15 polymer 'STAPLE STRAND'
16 polymer 'STAPLE STRAND'
17 polymer 'STAPLE STRAND'
18 polymer 'STAPLE STRAND'
19 polymer 'STAPLE STRAND'
20 polymer 'STAPLE STRAND'
21 polymer 'STAPLE STRAND'
22 polymer 'STAPLE STRAND'
23 polymer 'STAPLE STRAND'
24 polymer 'STAPLE STRAND'
25 polymer 'STAPLE STRAND'
26 polymer 'STAPLE STRAND'
27 polymer 'STAPLE STRAND'
28 polymer 'STAPLE STRAND'
29 polymer 'STAPLE STRAND'
30 polymer 'STAPLE STRAND'
31 polymer 'STAPLE STRAND'
32 polymer 'STAPLE STRAND'
33 polymer 'STAPLE STRAND'
34 polymer 'STAPLE STRAND'
35 polymer 'STAPLE STRAND'
36 polymer 'STAPLE STRAND'
37 polymer 'STAPLE STRAND'
38 polymer 'STAPLE STRAND'
39 polymer 'STAPLE STRAND'
40 polymer 'STAPLE STRAND'
41 polymer 'STAPLE STRAND'
42 polymer 'STAPLE STRAND'
43 polymer 'STAPLE STRAND'
44 polymer 'STAPLE STRAND'
45 polymer 'STAPLE STRAND'
46 polymer 'STAPLE STRAND'
47 polymer 'STAPLE STRAND'
48 polymer 'STAPLE STRAND'
49 polymer 'STAPLE STRAND'
50 polymer 'STAPLE STRAND'
51 polymer 'STAPLE STRAND'
52 polymer 'STAPLE STRAND'
53 polymer 'STAPLE STRAND'
54 polymer 'STAPLE STRAND'
55 polymer 'STAPLE STRAND'
56 polymer 'STAPLE STRAND'
57 polymer 'STAPLE STRAND'
58 polymer 'STAPLE STRAND'
59 polymer 'STAPLE STRAND'
60 polymer 'STAPLE STRAND'
61 polymer 'STAPLE STRAND'
62 polymer 'STAPLE STRAND'
63 polymer 'STAPLE STRAND'
64 polymer 'STAPLE STRAND'
65 polymer 'STAPLE STRAND'
66 polymer 'STAPLE STRAND'
67 polymer 'STAPLE STRAND'
68 polymer 'STAPLE STRAND'
69 polymer 'STAPLE STRAND'
70 polymer 'STAPLE STRAND'
71 polymer 'STAPLE STRAND'
72 polymer 'STAPLE STRAND'
73 polymer 'STAPLE STRAND'
74 polymer 'STAPLE STRAND'
75 polymer 'STAPLE STRAND'
76 polymer 'STAPLE STRAND'
77 polymer 'STAPLE STRAND'
78 polymer 'STAPLE STRAND'
79 polymer 'STAPLE STRAND'
80 polymer 'STAPLE STRAND'
81 polymer 'STAPLE STRAND'
82 polymer 'STAPLE STRAND'
83 polymer 'STAPLE STRAND'
84 polymer 'STAPLE STRAND'
85 polymer 'STAPLE STRAND'
86 polymer 'STAPLE STRAND'
87 polymer 'STAPLE STRAND'
88 polymer 'STAPLE STRAND'
89 polymer 'STAPLE STRAND'
90 polymer 'STAPLE STRAND'
91 polymer 'STAPLE STRAND'
92 polymer 'STAPLE STRAND'
93 polymer 'STAPLE STRAND'
94 polymer 'STAPLE STRAND'
95 polymer 'STAPLE STRAND'
96 polymer 'STAPLE STRAND'
97 polymer 'STAPLE STRAND'
98 polymer 'STAPLE STRAND'
99 polymer 'STAPLE STRAND'
100 polymer 'STAPLE STRAND'
101 polymer 'STAPLE STRAND'
102 polymer 'STAPLE STRAND'
103 polymer 'STAPLE STRAND'
104 polymer 'STAPLE STRAND'
105 polymer 'STAPLE STRAND'
106 polymer 'STAPLE STRAND'
107 polymer 'STAPLE STRAND'
108 polymer 'STAPLE STRAND'
109 polymer 'STAPLE STRAND'
110 polymer 'STAPLE STRAND'
111 polymer 'STAPLE STRAND'
112 polymer 'STAPLE STRAND'
113 polymer 'STAPLE STRAND'
114 polymer 'STAPLE STRAND'
115 polymer 'STAPLE STRAND'
116 polymer 'STAPLE STRAND'
117 polymer 'STAPLE STRAND'
118 polymer 'STAPLE STRAND'
119 polymer 'STAPLE STRAND'
120 polymer 'STAPLE STRAND'
121 polymer 'STAPLE STRAND'
122 polymer 'STAPLE STRAND'
123 polymer 'STAPLE STRAND'
124 polymer 'STAPLE STRAND'
125 polymer 'STAPLE STRAND'
126 polymer 'STAPLE STRAND'
127 polymer 'STAPLE STRAND'
128 polymer 'STAPLE STRAND'
129 polymer 'STAPLE STRAND'
130 polymer 'STAPLE STRAND'
131 polymer 'STAPLE STRAND'
132 polymer 'STAPLE STRAND'
133 polymer 'STAPLE STRAND'
134 polymer 'STAPLE STRAND'
135 polymer 'STAPLE STRAND'
136 polymer 'STAPLE STRAND'
137 polymer 'STAPLE STRAND'
138 polymer 'STAPLE STRAND'
139 polymer 'STAPLE STRAND'
140 polymer 'STAPLE STRAND'
141 polymer 'STAPLE STRAND'
142 polymer 'STAPLE STRAND'
143 polymer 'STAPLE STRAND'
144 polymer 'STAPLE STRAND'
145 polymer 'STAPLE STRAND'
146 polymer 'STAPLE STRAND'
147 polymer 'STAPLE STRAND'
148 polymer 'STAPLE STRAND'
149 polymer 'STAPLE STRAND'
150 polymer 'STAPLE STRAND'
151 polymer 'STAPLE STRAND'
152 polymer 'STAPLE STRAND'
153 polymer 'STAPLE STRAND'
154 polymer 'STAPLE STRAND'
155 polymer 'STAPLE STRAND'
156 polymer 'STAPLE STRAND'
157 polymer 'STAPLE STRAND'
158 polymer 'STAPLE STRAND'
159 polymer 'STAPLE STRAND'
160 polymer 'STAPLE STRAND'
161 polymer 'STAPLE STRAND'
162 polymer 'STAPLE STRAND'
163 polymer 'STAPLE STRAND'
164 polymer 'STAPLE STRAND'
165 polymer 'STAPLE STRAND'
166 polymer 'STAPLE STRAND'
167 polymer 'STAPLE STRAND'
168 polymer 'STAPLE STRAND'
169 polymer 'STAPLE STRAND'
170 polymer 'STAPLE STRAND'
171 polymer 'STAPLE STRAND'
172 polymer 'STAPLE STRAND'
173 polymer 'STAPLE STRAND'
174 polymer 'STAPLE STRAND'
175 polymer 'STAPLE STRAND'
176 polymer 'STAPLE STRAND'
177 polymer 'STAPLE STRAND'
178 polymer 'STAPLE STRAND'
179 polymer 'STAPLE STRAND'
180 polymer 'STAPLE STRAND'
181 polymer 'STAPLE STRAND'
182 polymer 'STAPLE STRAND'
183 polymer 'STAPLE STRAND'
184 polymer 'STAPLE STRAND'
185 polymer 'STAPLE STRAND'
186 polymer 'STAPLE STRAND'
187 polymer 'STAPLE STRAND'
188 polymer 'STAPLE STRAND'
189 polymer 'STAPLE STRAND'
190 polymer 'STAPLE STRAND'
191 polymer 'STAPLE STRAND'
192 polymer 'STAPLE STRAND'
193 polymer 'STAPLE STRAND'
194 polymer 'STAPLE STRAND'
195 polymer 'STAPLE STRAND'
196 polymer 'STAPLE STRAND'
197 polymer 'STAPLE STRAND'
198 polymer 'STAPLE STRAND'
199 polymer 'STAPLE STRAND'
200 polymer 'STAPLE STRAND'
201 polymer 'STAPLE STRAND'
202 polymer 'STAPLE STRAND'
203 polymer 'STAPLE STRAND'
204 polymer 'STAPLE STRAND'
205 polymer 'STAPLE STRAND'
206 polymer 'STAPLE STRAND'
207 polymer 'STAPLE STRAND'
208 polymer 'STAPLE STRAND'
209 polymer 'STAPLE STRAND'
210 polymer 'STAPLE STRAND'
211 polymer 'STAPLE STRAND'
212 polymer 'STAPLE STRAND'
213 polymer 'STAPLE STRAND'
214 polymer 'STAPLE STRAND'
215 polymer 'STAPLE STRAND'
216 polymer 'STAPLE STRAND'
217 polymer 'STAPLE STRAND'
218 polymer 'STAPLE STRAND'
219 polymer 'STAPLE STRAND'
220 polymer 'STAPLE STRAND'
221 polymer 'STAPLE STRAND'
222 polymer 'STAPLE STRAND'
223 polymer 'STAPLE STRAND'
224 polymer 'STAPLE STRAND'
225 polymer 'STAPLE STRAND'
226 polymer 'STAPLE STRAND'
227 polymer 'STAPLE STRAND'
228 polymer 'STAPLE STRAND'
229 polymer 'STAPLE STRAND'
230 polymer 'STAPLE STRAND'
231 polymer 'STAPLE STRAND'
232 polymer 'STAPLE STRAND'
233 polymer 'STAPLE STRAND'
234 polymer 'STAPLE STRAND'
235 polymer 'STAPLE STRAND'
236 polymer 'STAPLE STRAND'
237 polymer 'STAPLE STRAND'
238 polymer 'STAPLE STRAND'
239 polymer 'STAPLE STRAND'
240 polymer 'STAPLE STRAND'
241 polymer 'STAPLE STRAND'
242 polymer 'STAPLE STRAND'
243 polymer 'STAPLE STRAND'
244 polymer 'STAPLE STRAND'
245 polymer 'STAPLE STRAND'
246 polymer 'STAPLE STRAND'
247 polymer 'STAPLE STRAND'
248 polymer 'STAPLE STRAND'
249 polymer 'STAPLE STRAND'
250 polymer 'STAPLE STRAND'
251 polymer 'STAPLE STRAND'
252 polymer 'STAPLE STRAND'
253 polymer 'STAPLE STRAND'
254 polymer 'STAPLE STRAND'
255 polymer 'STAPLE STRAND'
256 polymer 'STAPLE STRAND'
257 polymer 'STAPLE STRAND'
258 polymer 'STAPLE STRAND'
259 polymer 'STAPLE STRAND'
260 polymer 'STAPLE STRAND'
261 polymer 'STAPLE STRAND'
262 polymer 'STAPLE STRAND'
263 polymer 'STAPLE STRAND'
264 polymer 'STAPLE STRAND'
265 polymer 'STAPLE STRAND'
266 polymer 'STAPLE STRAND'
267 polymer 'STAPLE STRAND'
268 polymer 'STAPLE STRAND'
269 polymer 'STAPLE STRAND'
270 polymer 'STAPLE STRAND'
271 polymer 'STAPLE STRAND'
272 polymer 'STAPLE STRAND'
273 polymer 'STAPLE STRAND'
274 polymer 'STAPLE STRAND'
275 polymer 'STAPLE STRAND'
276 polymer 'STAPLE STRAND'
277 polymer 'STAPLE STRAND'
278 polymer 'STAPLE STRAND'
279 polymer 'STAPLE STRAND'
280 polymer 'STAPLE STRAND'
281 polymer 'STAPLE STRAND'
282 polymer 'STAPLE STRAND'
283 polymer 'STAPLE STRAND'
284 polymer 'STAPLE STRAND'
285 polymer 'STAPLE STRAND'
286 polymer 'STAPLE STRAND'
287 polymer 'STAPLE STRAND'
288 polymer 'STAPLE STRAND'
289 polymer 'STAPLE STRAND'
290 polymer 'STAPLE STRAND'
291 polymer 'STAPLE STRAND'
292 polymer 'STAPLE STRAND'
293 polymer 'STAPLE STRAND'
294 polymer 'STAPLE STRAND'
295 polymer 'STAPLE STRAND'
296 polymer 'STAPLE STRAND'
297 polymer 'STAPLE STRAND'
298 polymer 'STAPLE STRAND'
299 polymer 'STAPLE STRAND'
300 polymer 'STAPLE STRAND'
301 polymer 'STAPLE STRAND'
302 polymer 'STAPLE STRAND'
303 polymer 'STAPLE STRAND'
304 polymer 'STAPLE STRAND'
305 polymer 'STAPLE STRAND'
306 polymer 'STAPLE STRAND'
307 polymer 'STAPLE STRAND'
308 polymer 'STAPLE STRAND'
309 polymer 'STAPLE STRAND'
310 polymer 'STAPLE STRAND'
311 polymer 'STAPLE STRAND'
312 polymer 'STAPLE STRAND'
313 polymer 'STAPLE STRAND'
314 polymer 'STAPLE STRAND'
315 polymer 'STAPLE STRAND'
316 polymer 'STAPLE STRAND'
317 polymer 'STAPLE STRAND'
318 polymer 'STAPLE STRAND'
319 polymer 'STAPLE STRAND'
320 polymer 'STAPLE STRAND'
321 polymer 'STAPLE STRAND'
322 polymer 'STAPLE STRAND'
323 polymer 'STAPLE STRAND'
324 polymer 'STAPLE STRAND'
325 polymer 'STAPLE STRAND'
326 polymer 'STAPLE STRAND'
327 polymer 'STAPLE STRAND'
328 polymer 'STAPLE STRAND'
329 polymer 'STAPLE STRAND'
330 polymer 'STAPLE STRAND'
331 polymer 'STAPLE STRAND'
332 polymer 'STAPLE STRAND'
333 polymer 'STAPLE STRAND'
334 polymer 'STAPLE STRAND'
335 polymer 'STAPLE STRAND'
336 polymer 'STAPLE STRAND'
337 polymer 'STAPLE STRAND'
338 polymer 'STAPLE STRAND'
339 polymer 'STAPLE STRAND'
340 polymer 'STAPLE STRAND'
341 polymer 'STAPLE STRAND'
342 polymer 'STAPLE STRAND'
343 polymer 'STAPLE STRAND'
344 polymer 'STAPLE STRAND'
345 polymer 'STAPLE STRAND'
346 polymer 'STAPLE STRAND'
347 polymer 'STAPLE STRAND'
348 polymer 'STAPLE STRAND'
349 polymer 'STAPLE STRAND'
350 polymer 'STAPLE STRAND'
351 polymer 'STAPLE STRAND'
352 polymer 'STAPLE STRAND'
353 polymer 'STAPLE STRAND'
354 polymer 'STAPLE STRAND'
355 polymer 'STAPLE STRAND'
356 polymer 'STAPLE STRAND'
357 polymer 'STAPLE STRAND'
358 polymer 'STAPLE STRAND'
359 polymer 'STAPLE STRAND'
360 polymer 'STAPLE STRAND'
361 polymer 'STAPLE STRAND'
362 polymer 'STAPLE STRAND'
363 polymer 'STAPLE STRAND'
364 polymer 'STAPLE STRAND'
365 polymer 'STAPLE STRAND'
366 polymer 'STAPLE STRAND'
367 polymer 'STAPLE STRAND'
368 polymer 'STAPLE STRAND'
369 polymer 'STAPLE STRAND'
370 polymer 'STAPLE STRAND'
371 polymer 'STAPLE STRAND'
372 polymer 'STAPLE STRAND'
373 polymer 'STAPLE STRAND'
374 polymer 'STAPLE STRAND'
375 polymer 'STAPLE STRAND'
376 polymer 'STAPLE STRAND'
377 polymer 'STAPLE STRAND'
378 polymer 'STAPLE STRAND'
379 polymer 'STAPLE STRAND'
380 polymer 'STAPLE STRAND'
381 polymer 'STAPLE STRAND'
382 polymer 'STAPLE STRAND'
383 polymer 'STAPLE STRAND'
384 polymer 'STAPLE STRAND'
385 polymer 'STAPLE STRAND'
386 polymer 'STAPLE STRAND'
387 polymer 'STAPLE STRAND'
388 polymer 'STAPLE STRAND'
389 polymer 'STAPLE STRAND'
390 polymer 'STAPLE STRAND'
391 polymer 'STAPLE STRAND'
392 polymer 'STAPLE STRAND'
393 polymer 'STAPLE STRAND'
394 polymer 'STAPLE STRAND'
395 polymer 'STAPLE STRAND'
396 polymer 'STAPLE STRAND'
397 polymer 'STAPLE STRAND'
398 polymer 'STAPLE STRAND'
399 polymer 'STAPLE STRAND'
400 polymer 'STAPLE STRAND'
401 polymer 'STAPLE STRAND'
402 polymer 'STAPLE STRAND'
403 polymer 'STAPLE STRAND'
404 polymer 'STAPLE STRAND'
405 polymer 'STAPLE STRAND'
406 polymer 'STAPLE STRAND'
407 polymer 'STAPLE STRAND'
408 polymer 'STAPLE STRAND'
409 polymer 'STAPLE STRAND'
410 polymer 'STAPLE STRAND'
411 polymer 'STAPLE STRAND'
412 polymer 'STAPLE STRAND'
413 polymer 'STAPLE STRAND'
414 polymer 'STAPLE STRAND'
415 polymer 'STAPLE STRAND'
416 polymer 'STAPLE STRAND'
417 polymer 'STAPLE STRAND'
418 polymer 'STAPLE STRAND'
419 polymer 'STAPLE STRAND'
420 polymer 'STAPLE STRAND'
421 polymer 'STAPLE STRAND'
422 polymer 'STAPLE STRAND'
423 polymer 'STAPLE STRAND'
424 polymer 'STAPLE STRAND'
425 polymer 'STAPLE STRAND'
426 polymer 'STAPLE STRAND'
427 polymer 'STAPLE STRAND'
428 polymer 'STAPLE STRAND'
429 polymer 'STAPLE STRAND'
430 polymer 'STAPLE STRAND'
431 polymer 'STAPLE STRAND'
432 polymer 'STAPLE STRAND'
433 polymer 'STAPLE STRAND'
434 polymer 'STAPLE STRAND'
435 polymer 'STAPLE STRAND'
436 polymer 'STAPLE STRAND'
437 polymer 'STAPLE STRAND'
438 polymer 'STAPLE STRAND'
439 polymer 'STAPLE STRAND'
440 polymer 'STAPLE STRAND'
441 polymer 'STAPLE STRAND'
442 polymer 'STAPLE STRAND'
443 polymer 'STAPLE STRAND'
444 polymer 'STAPLE STRAND'
445 polymer 'STAPLE STRAND'
446 polymer 'STAPLE STRAND'
447 polymer 'STAPLE STRAND'
448 polymer 'STAPLE STRAND'
449 polymer 'STAPLE STRAND'
450 polymer 'STAPLE STRAND'
451 polymer 'STAPLE STRAND'
452 polymer 'STAPLE STRAND'
453 polymer 'STAPLE STRAND'
454 polymer 'STAPLE STRAND'
455 polymer 'STAPLE STRAND'
#
loop_
_entity_poly.entity_id
_entity_poly.type
_entity_poly.pdbx_seq_one_letter_code
_entity_poly.pdbx_strand_id
1 'polydeoxyribonucleotide'
;(DT)(DG)(DT)(DC)(DT)(DA)(DA)(DT)(DG)(DT)(DA)(DT)(DG)(DG)(DA)(DC)(DA)(DG)(DT)(DG)
(DG)(DA)(DT)(DA)(DA)(DA)(DC)(DA)(DC)(DG)(DC)(DG)(DC)(DC)(DC)(DT)(DG)(DT)(DA)(DG)
(DC)(DG)(DG)(DC)(DG)(DC)(DA)(DT)(DT)(DA)(DA)(DG)(DC)(DG)(DC)(DG)(DG)(DC)(DG)(DG)
(DG)(DT)(DG)(DT)(DG)(DG)(DT)(DG)(DG)(DT)(DT)(DA)(DC)(DG)(DC)(DG)(DC)(DA)(DG)(DC)
(DG)(DT)(DG)(DA)(DC)(DC)(DG)(DC)(DT)(DA)(DC)(DA)(DC)(DT)(DT)(DG)(DC)(DC)(DA)(DG)
(DC)(DG)(DC)(DC)(DC)(DT)(DA)(DG)(DC)(DG)(DC)(DC)(DC)(DG)(DC)(DT)(DC)(DC)(DT)(DT)
(DT)(DC)(DG)(DC)(DT)(DT)(DT)(DC)(DT)(DT)(DC)(DC)(DC)(DT)(DT)(DC)(DC)(DT)(DT)(DT)
(DC)(DT)(DC)(DG)(DC)(DC)(DA)(DC)(DG)(DT)(DT)(DC)(DG)(DC)(DC)(DG)(DG)(DC)(DT)(DT)
(DT)(DC)(DC)(DC)(DC)(DG)(DT)(DC)(DA)(DA)(DG)(DC)(DT)(DC)(DT)(DA)(DA)(DA)(DT)(DC)
(DG)(DG)(DG)(DG)(DG)(DC)(DT)(DC)(DC)(DC)(DT)(DT)(DT)(DA)(DG)(DG)(DG)(DT)(DT)(DC)
(DC)(DG)(DA)(DT)(DT)(DT)(DA)(DG)(DT)(DG)(DC)(DT)(DT)(DT)(DA)(DC)(DG)(DG)(DC)(DA)
(DC)(DC)(DT)(DC)(DG)(DA)(DC)(DC)(DC)(DC)(DA)(DA)(DA)(DA)(DA)(DA)(DC)(DT)(DT)(DG)
(DA)(DT)(DT)(DT)(DG)(DG)(DG)(DT)(DG)(DA)(DT)(DG)(DG)(DT)(DT)(DC)(DA)(DC)(DG)(DT)
(DA)(DG)(DT)(DG)(DG)(DG)(DC)(DC)(DA)(DT)(DC)(DG)(DC)(DC)(DC)(DT)(DG)(DA)(DT)(DA)
(DG)(DA)(DC)(DG)(DG)(DT)(DT)(DT)(DT)(DT)(DC)(DG)(DC)(DC)(DC)(DT)(DT)(DT)(DG)(DA)
(DC)(DG)(DT)(DT)(DG)(DG)(DA)(DG)(DT)(DC)(DC)(DA)(DC)(DG)(DT)(DT)(DC)(DT)(DT)(DT)
(DA)(DA)(DT)(DA)(DG)(DT)(DG)(DG)(DA)(DC)(DT)(DC)(DT)(DT)(DG)(DT)(DT)(DC)(DC)(DA)
(DA)(DA)(DC)(DT)(DG)(DG)(DA)(DA)(DC)(DA)(DA)(DC)(DA)(DC)(DT)(DC)(DA)(DA)(DC)(DC)
(DC)(DT)(DA)(DT)(DC)(DT)(DC)(DG)(DG)(DG)(DC)(DT)(DA)(DT)(DT)(DC)(DT)(DT)(DT)(DT)
(DG)(DA)(DT)(DT)(DT)(DA)(DT)(DA)(DA)(DG)(DG)(DG)(DA)(DT)(DT)(DT)(DT)(DG)(DC)(DC)
(DG)(DA)(DT)(DT)(DT)(DC)(DG)(DG)(DG)(DT)(DA)(DG)(DA)(DA)(DT)(DT)(DG)(DG)(DT)(DA)
(DA)(DA)(DG)(DA)(DG)(DA)(DG)(DT)(DC)(DG)(DT)(DG)(DT)(DA)(DA)(DA)(DA)(DT)(DA)(DT)
(DC)(DG)(DA)(DG)(DT)(DT)(DC)(DG)(DC)(DA)(DC)(DA)(DT)(DC)(DT)(DT)(DG)(DT)(DT)(DG)
(DT)(DC)(DT)(DG)(DA)(DT)(DT)(DA)(DT)(DT)(DG)(DA)(DT)(DT)(DT)(DT)(DT)(DG)(DG)(DC)
(DG)(DA)(DA)(DA)(DC)(DC)(DA)(DT)(DT)(DT)(DG)(DA)(DT)(DC)(DA)(DT)(DA)(DT)(DG)(DA)
(DC)(DA)(DA)(DG)(DA)(DT)(DG)(DT)(DG)(DT)(DA)(DT)(DC)(DT)(DA)(DC)(DC)(DT)(DT)(DA)
(DA)(DC)(DT)(DT)(DA)(DA)(DT)(DG)(DA)(DT)(DT)(DT)(DT)(DG)(DA)(DT)(DA)(DA)(DA)(DA)
(DA)(DT)(DC)(DA)(DT)(DT)(DA)(DT)(DA)(DA)(DT)(DG)(DC)(DC)(DA)(DG)(DG)(DG)(DT)(DC)
(DA)(DG)(DT)(DG)(DA)(DG)(DA)(DT)(DG)(DT)(DA)(DA)(DC)(DA)(DC)(DT)(DA)(DC)(DA)(DG)
(DA)(DC)(DC)(DT)(DC)(DA)(DG)(DC)(DT)(DT)(DC)(DC)(DT)(DC)(DT)(DA)(DC)(DT)(DT)(DT)
(DG)(DC)(DC)(DT)(DG)(DG)(DC)(DA)(DT)(DA)(DG)(DC)(DC)(DT)(DA)(DC)(DT)(DG)(DC)(DA)
(DC)(DC)(DA)(DT)(DC)(DC)(DT)(DT)(DT)(DT)(DC)(DA)(DA)(DT)(DG)(DG)(DA)(DA)(DG)(DT)
(DA)(DA)(DT)(DT)(DT)(DG)(DT)(DC)(DC)(DC)(DC)(DC)(DA)(DT)(DG)(DG)(DG)(DT)(DT)(DA)
(DC)(DA)(DC)(DC)(DC)(DC)(DC)(DA)(DC)(DC)(DT)(DA)(DG)(DA)(DC)(DT)(DA)(DC)(DT)(DT)
(DA)(DA)(DG)(DA)(DA)(DG)(DG)(DT)(DG)(DC)(DT)(DA)(DT)(DT)(DG)(DC)(DT)(DC)(DC)(DT)
(DG)(DA)(DT)(DT)(DT)(DC)(DC)(DA)(DA)(DT)(DG)(DT)(DT)(DT)(DG)(DA)(DA)(DT)(DC)(DT)
(DC)(DC)(DC)(DT)(DC)(DC)(DC)(DA)(DC)(DC)(DA)(DT)(DA)(DC)(DC)(DA)(DG)(DG)(DC)(DA)
(DT)(DA)(DA)(DA)(DG)(DG)(DC)(DT)(DG)(DT)(DC)(DA)(DC)(DT)(DC)(DC)(DC)(DC)(DA)(DA)
(DT)(DA)(DC)(DT)(DA)(DA)(DG)(DT)(DG)(DG)(DC)(DC)(DC)(DC)(DA)(DA)(DG)(DT)(DT)(DC)
(DA)(DC)(DC)(DA)(DC)(DA)(DA)(DT)(DA)(DC)(DA)(DG)(DC)(DC)(DA)(DA)(DG)(DT)(DG)(DC)
(DA)(DT)(DT)(DG)(DT)(DT)(DA)(DT)(DC)(DA)(DC)(DA)(DT)(DT)(DC)(DA)(DG)(DT)(DC)(DA)
(DA)(DA)(DG)(DA)(DA)(DT)(DT)(DT)(DT)(DC)(DA)(DT)(DT)(DG)(DG)(DC)(DA)(DA)(DC)(DA)
(DG)(DT)(DC)(DC)(DT)(DC)(DT)(DC)(DC)(DA)(DA)(DT)(DC)(DT)(DG)(DC)(DC)(DT)(DA)(DT)
(DT)(DC)(DA)(DC)(DT)(DG)(DT)(DC)(DC)(DC)(DT)(DA)(DC)(DA)(DT)(DC)(DA)(DG)(DG)(DT)
(DG)(DA)(DT)(DA)(DG)(DT)(DC)(DC)(DA)(DG)(DT)(DT)(DG)(DT)(DC)(DA)(DG)(DA)(DC)(DA)
(DT)(DG)(DT)(DG)(DA)(DT)(DC)(DC)(DC)(DT)(DG)(DT)(DT)(DT)(DG)(DG)(DG)(DG)(DA)(DC)
(DC)(DC)(DA)(DC)(DA)(DA)(DG)(DG)(DC)(DC)(DT)(DA)(DT)(DC)(DC)(DA)(DA)(DC)(DC)(DC)
(DA)(DT)(DT)(DG)(DC)(DT)(DT)(DT)(DT)(DA)(DA)(DA)(DA)(DG)(DA)(DG)(DC)(DT)(DG)(DG)
(DG)(DG)(DT)(DT)(DC)(DT)(DG)(DG)(DT)(DG)(DA)(DC)(DT)(DT)(DC)(DC)(DA)(DC)(DA)(DA)
(DC)(DA)(DA)(DG)(DC)(DC)(DC)(DA)(DT)(DC)(DT)(DG)(DC)(DT)(DC)(DT)(DT)(DA)(DG)(DT)
(DA)(DC)(DA)(DG)(DC)(DT)(DT)(DG)(DT)(DC)(DT)(DT)(DA)(DA)(DA)(DA)(DT)(DT)(DA)(DG)
(DC)(DT)(DA)(DG)(DA)(DC)(DA)(DC)(DT)(DG)(DT)(DA)(DT)(DC)(DA)(DT)(DA)(DC)(DC)(DC)
(DC)(DC)(DT)(DC)(DC)(DA)(DC)(DT)(DG)(DC)(DC)(DC)(DT)(DA)(DT)(DG)(DA)(DT)(DA)(DA)
(DG)(DG)(DA)(DC)(DA)(DG)(DC)(DA)(DG)(DA)(DG)(DG)(DG)(DT)(DT)(DA)(DG)(DA)(DT)(DT)
(DT)(DA)(DC)(DT)(DT)(DA)(DT)(DC)(DT)(DG)(DC)(DA)(DC)(DT)(DC)(DA)(DT)(DG)(DT)(DG)
(DC)(DC)(DC)(DC)(DC)(DA)(DG)(DC)(DC)(DT)(DG)(DG)(DT)(DA)(DC)(DC)(DA)(DA)(DA)(DA)
(DC)(DT)(DG)(DA)(DT)(DA)(DA)(DT)(DC)(DT)(DA)(DC)(DT)(DC)(DC)(DA)(DC)(DA)(DG)(DC)
(DT)(DG)(DC)(DA)(DT)(DA)(DC)(DC)(DT)(DG)(DC)(DC)(DA)(DT)(DC)(DT)(DT)(DA)(DG)(DC)
(DC)(DA)(DA)(DA)(DC)(DC)(DA)(DC)(DA)(DC)(DC)(DA)(DA)(DT)(DC)(DC)(DA)(DA)(DT)(DT)
(DG)(DC)(DT)(DG)(DG)(DG)(DT)(DC)(DT)(DC)(DA)(DT)(DA)(DT)(DC)(DA)(DT)(DC)(DT)(DC)
(DT)(DG)(DA)(DA)(DG)(DA)(DA)(DG)(DT)(DG)(DA)(DT)(DT)(DA)(DC)(DC)(DT)(DC)(DA)(DT)
(DT)(DA)(DC)(DA)(DT)(DG)(DC)(DT)(DT)(DG)(DC)(DT)(DT)(DG)(DA)(DT)(DA)(DT)(DA)(DC)
(DC)(DC)(DA)(DC)(DT)(DT)(DT)(DC)(DC)(DT)(DT)(DA)(DT)(DG)(DA)(DG)(DG)(DC)(DA)(DC)
(DA)(DC)(DC)(DC)(DA)(DT)(DA)(DC)(DT)(DG)(DA)(DG)(DG)(DT)(DA)(DG)(DC)(DT)(DA)(DT)
(DT)(DT)(DT)(DA)(DC)(DT)(DA)(DT)(DT)(DG)(DA)(DC)(DT)(DG)(DG)(DG)(DT)(DA)(DA)(DG)
(DC)(DC)(DA)(DG)(DT)(DA)(DC)(DA)(DA)(DA)(DA)(DT)(DA)(DA)(DT)(DC)(DA)(DT)(DA)(DG)
(DG)(DT)(DG)(DC)(DA)(DC)(DA)(DG)(DT)(DC)(DT)(DG)(DG)(DA)(DC)(DA)(DT)(DG)(DG)(DG)
(DA)(DA)(DC)(DC)(DC)(DC)(DT)(DC)(DT)(DT)(DC)(DC)(DT)(DA)(DC)(DT)(DC)(DA)(DC)(DC)
(DT)(DC)(DT)(DC)(DT)(DC)(DA)(DG)(DA)(DG)(DG)(DC)(DA)(DA)(DT)(DG)(DC)(DC)(DC)(DC)
(DT)(DT)(DC)(DA)(DT)(DT)(DA)(DA)(DC)(DC)(DA)(DT)(DG)(DC)(DA)(DC)(DC)(DC)(DT)(DA)
(DG)(DG)(DC)(DC)(DT)(DT)(DG)(DG)(DT)(DA)(DC)(DA)(DA)(DG)(DT)(DT)(DG)(DC)(DC)(DA)
(DA)(DC)(DC)(DT)(DG)(DC)(DA)(DG)(DA)(DG)(DA)(DA)(DC)(DC)(DA)(DG)(DT)(DT)(DA)(DG)
(DC)(DT)(DG)(DA)(DA)(DA)(DG)(DG)(DC)(DC)(DA)(DG)(DG)(DT)(DT)(DC)(DT)(DT)(DC)(DT)
(DT)(DG)(DA)(DT)(DC)(DT)(DT)(DG)(DG)(DT)(DG)(DC)(DT)(DT)(DA)(DG)(DG)(DG)(DC)(DA)
(DA)(DA)(DC)(DT)(DT)(DT)(DT)(DG)(DG)(DG)(DA)(DT)(DA)(DG)(DG)(DC)(DA)(DA)(DA)(DA)
(DA)(DC)(DA)(DA)(DG)(DT)(DC)(DC)(DT)(DT)(DT)(DA)(DC)(DA)(DC)(DA)(DC)(DC)(DT)(DC)
(DC)(DA)(DG)(DT)(DC)(DT)(DA)(DC)(DA)(DG)(DT)(DT)(DC)(DC)(DA)(DT)(DC)(DA)(DA)(DA)
(DG)(DT)(DG)(DG)(DA)(DA)(DC)(DT)(DT)(DG)(DG)(DA)(DA)(DT)(DG)(DT)(DT)(DA)(DT)(DA)
(DA)(DA)(DC)(DT)(DG)(DC)(DA)(DT)(DC)(DT)(DA)(DT)(DA)(DC)(DT)(DG)(DT)(DA)(DC)(DT)
(DG)(DC)(DT)(DA)(DG)(DT)(DA)(DG)(DG)(DC)(DT)(DT)(DG)(DT)(DT)(DT)(DA)(DA)(DT)(DG)
(DC)(DT)(DT)(DT)(DC)(DA)(DA)(DC)(DT)(DC)(DC)(DT)(DA)(DG)(DA)(DG)(DA)(DA)(DT)(DC)
(DA)(DC)(DT)(DT)(DC)(DA)(DA)(DT)(DC)(DC)(DT)(DA)(DC)(DC)(DA)(DA)(DC)(DC)(DA)(DA)
(DT)(DA)(DG)(DT)(DT)(DC)(DC)(DC)(DC)(DA)(DT)(DC)(DA)(DC)(DA)(DC)(DA)(DG)(DA)(DT)
(DG)(DG)(DC)(DT)(DA)(DA)(DA)(DG)(DA)(DC)(DC)(DC)(DT)(DA)(DC)(DC)(DT)(DC)(DC)(DC)
(DC)(DT)(DA)(DA)(DA)(DG)(DC)(DC)(DC)(DT)(DA)(DC)(DT)(DT)(DC)(DA)(DC)(DA)(DC)(DT)
(DG)(DC)(DA)(DG)(DG)(DG)(DA)(DC)(DC)(DT)(DC)(DC)(DT)(DA)(DA)(DG)(DG)(DG)(DT)(DC)
(DT)(DT)(DG)(DG)(DA)(DC)(DC)(DC)(DT)(DC)(DC)(DT)(DC)(DA)(DC)(DT)(DT)(DG)(DT)(DT)
(DA)(DC)(DT)(DA)(DG)(DG)(DC)(DT)(DA)(DT)(DC)(DA)(DT)(DT)(DC)(DT)(DA)(DC)(DT)(DG)
(DG)(DT)(DG)(DC)(DA)(DG)(DA)(DT)(DA)(DC)(DA)(DG)(DA)(DT)(DT)(DT)(DT)(DA)(DG)(DG)
(DT)(DA)(DC)(DC)(DT)(DG)(DT)(DC)(DC)(DT)(DT)(DG)(DA)(DT)(DG)(DC)(DA)(DC)(DT)(DT)
(DA)(DG)(DC)(DT)(DT)(DT)(DA)(DA)(DC)(DA)(DT)(DG)(DT)(DC)(DA)(DC)(DA)(DT)(DG)(DC)
(DC)(DA)(DA)(DT)(DG)(DA)(DA)(DA)(DA)(DT)(DA)(DG)(DC)(DA)(DG)(DC)(DC)(DA)(DC)(DA)
(DG)(DG)(DG)(DG)(DG)(DA)(DT)(DA)(DT)(DT)(DC)(DT)(DA)(DG)(DG)(DA)(DG)(DC)(DA)(DA)
(DC)(DA)(DT)(DG)(DG)(DA)(DG)(DA)(DC)(DT)(DG)(DT)(DC)(DT)(DG)(DC)(DT)(DA)(DC)(DA)
(DA)(DC)(DC)(DA)(DC)(DC)(DA)(DA)(DA)(DC)(DA)(DG)(DC)(DT)(DC)(DA)(DT)(DC)(DC)(DT)
(DC)(DT)(DG)(DC)(DA)(DT)(DG)(DA)(DA)(DT)(DA)(DC)(DT)(DT)(DA)(DC)(DT)(DC)(DT)(DA)
(DG)(DA)(DC)(DC)(DC)(DC)(DT)(DG)(DC)(DA)(DT)(DT)(DC)(DA)(DC)(DC)(DT)(DT)(DC)(DC)
(DA)(DT)(DG)(DA)(DT)(DT)(DA)(DA)(DT)(DC)(DA)(DC)(DC)(DA)(DA)(DC)(DT)(DG)(DA)(DG)
(DT)(DC)(DT)(DT)(DG)(DC)(DA)(DA)(DA)(DA)(DC)(DC)(DC)(DA)(DA)(DT)(DT)(DA)(DT)(DG)
(DG)(DT)(DT)(DA)(DT)(DA)(DG)(DA)(DC)(DA)(DG)(DA)(DC)(DT)(DG)(DG)(DC)(DC)(DC)(DA)
(DT)(DG)(DT)(DT)(DA)(DC)(DC)(DA)(DC)(DT)(DT)(DA)(DA)(DA)(DC)(DT)(DC)(DC)(DA)(DT)
(DC)(DT)(DA)(DG)(DT)(DC)(DT)(DG)(DC)(DA)(DG)(DT)(DG)(DT)(DT)(DC)(DT)(DG)(DA)(DC)
(DC)(DT)(DA)(DT)(DG)(DC)(DC)(DT)(DG)(DA)(DG)(DG)(DG)(DT)(DC)(DC)(DA)(DG)(DA)(DT)
(DA)(DA)(DC)(DC)(DA)(DC)(DT)(DC)(DT)(DT)(DC)(DA)(DC)(DT)(DA)(DA)(DG)(DC)(DC)(DC)
(DC)(DC)(DT)(DG)(DG)(DA)(DA)(DG)(DA)(DC)(DA)(DG)(DT)(DT)(DA)(DA)(DG)(DT)(DC)(DT)
(DA)(DT)(DC)(DT)(DA)(DT)(DC)(DA)(DG)(DC)(DC)(DT)(DC)(DA)(DC)(DA)(DT)(DC)(DC)(DA)
(DT)(DC)(DC)(DC)(DA)(DT)(DT)(DC)(DT)(DC)(DT)(DC)(DT)(DT)(DT)(DG)(DA)(DG)(DA)(DT)
(DC)(DT)(DT)(DA)(DT)(DC)(DA)(DG)(DG)(DA)(DC)(DT)(DG)(DA)(DT)(DT)(DG)(DT)(DA)(DT)
(DG)(DT)(DG)(DA)(DA)(DC)(DA)(DA)(DT)(DA)(DT)(DA)(DC)(DT)(DC)(DC)(DC)(DA)(DG)(DG)
(DC)(DT)(DG)(DG)(DC)(DC)(DA)(DT)(DT)(DA)(DG)(DA)(DG)(DA)(DT)(DT)(DG)(DG)(DT)(DT)
(DA)(DG)(DT)(DG)(DG)(DT)(DT)(DG)(DG)(DC)(DT)(DG)(DG)(DA)(DC)(DC)(DA)(DA)(DC)(DA)
(DC)(DC)(DC)(DT)(DT)(DA)(DA)(DG)(DC)(DA)(DA)(DC)(DT)(DA)(DA)(DT)(DA)(DA)(DG)(DA)
(DC)(DC)(DA)(DT)(DG)(DT)(DG)(DG)(DG)(DG)(DT)(DG)(DT)(DC)(DC)(DA)(DG)(DG)(DC)(DC)
(DT)(DC)(DA)(DT)(DA)(DA)(DA)(DT)(DC)(DC)(DT)(DG)(DA)(DG)(DC)(DC)(DT)(DC)(DT)(DC)
(DA)(DA)(DT)(DC)(DT)(DT)(DC)(DC)(DA)(DG)(DT)(DG)(DG)(DC)(DT)(DC)(DA)(DC)(DC)(DA)
(DT)(DT)(DC)(DC)(DC)(DA)(DT)(DC)(DC)(DA)(DC)(DA)(DC)(DA)(DA)(DC)(DC)(DT)(DA)(DT)
(DT)(DG)(DG)(DA)(DA)(DC)(DC)(DA)(DT)(DC)(DA)(DG)(DA)(DG)(DT)(DC)(DA)(DT)(DC)(DA)
(DC)(DC)(DT)(DA)(DT)(DA)(DT)(DA)(DG)(DG)(DG)(DT)(DG)(DA)(DA)(DG)(DT)(DA)(DG)(DA)
(DG)(DC)(DT)(DC)(DC)(DA)(DC)(DC)(DA)(DC)(DC)(DC)(DC)(DA)(DT)(DA)(DA)(DC)(DT)(DA)
(DT)(DA)(DC)(DA)(DG)(DT)(DG)(DC)(DA)(DC)(DC)(DT)(DG)(DG)(DC)(DC)(DT)(DC)(DT)(DG)
(DA)(DG)(DA)(DC)(DT)(DT)(DG)(DC)(DT)(DG)(DT)(DG)(DA)(DT)(DA)(DA)(DC)(DA)(DC)(DA)
(DA)(DA)(DC)(DC)(DC)(DC)(DA)(DG)(DG)(DG)(DC)(DC)(DA)(DA)(DA)(DT)(DT)(DG)(DG)(DG)
(DA)(DA)(DG)(DA)(DT)(DG)(DC)(DA)(DA)(DT)(DG)(DA)(DC)(DA)(DT)(DT)(DC)(DC)(DA)(DT)
(DT)(DA)(DC)(DT)(DT)(DC)(DT)(DC)(DC)(DA)(DG)(DG)(DA)(DC)(DA)(DA)(DC)(DA)(DT)(DT)
(DT)(DA)(DT)(DT)(DT)(DG)(DT)(DT)(DG)(DC)(DT)(DG)(DA)(DC)(DT)(DC)(DC)(DA)(DG)(DA)
(DC)(DT)(DT)(DA)(DA)(DC)(DA)(DA)(DG)(DG)(DA)(DG)(DT)(DA)(DT)(DT)(DT)(DG)(DA)(DG)
(DG)(DC)(DC)(DA)(DC)(DT)(DG)(DT)(DT)(DG)(DG)(DG)(DG)(DC)(DC)(DC)(DT)(DA)(DA)(DC)
(DC)(DC)(DA)(DC)(DC)(DC)(DA)(DG)(DC)(DT)(DC)(DT)(DT)(DG)(DA)(DC)(DA)(DG)(DC)(DT)
(DA)(DA)(DT)(DC)(DT)(DT)(DA)(DA)(DC)(DC)(DT)(DC)(DA)(DA)(DG)(DG)(DA)(DT)(DT)(DG)
(DA)(DC)(DC)(DA)(DT)(DT)(DG)(DG)(DG)(DG)(DG)(DA)(DG)(DT)(DC)(DA)(DA)(DC)(DC)(DA)
(DG)(DC)(DT)(DT)(DT)(DG)(DG)(DC)(DC)(DC)(DT)(DG)(DC)(DT)(DC)(DA)(DA)(DG)(DC)(DA)
(DA)(DA)(DC)(DA)(DA)(DT)(DC)(DC)(DC)(DC)(DA)(DG)(DA)(DT)(DG)(DA)(DC)(DC)(DT)(DG)
(DC)(DT)(DG)(DG)(DC)(DA)(DG)(DG)(DC)(DA)(DC)(DC)(DC)(DC)(DT)(DA)(DG)(DA)(DA)(DA)
(DT)(DA)(DT)(DT)(DG)(DT)(DG)(DG)(DG)(DT)(DT)(DG)(DC)(DA)(DC)(DT)(DA)(DT)(DT)(DT)
(DC)(DT)(DT)(DG)(DC)(DT)(DC)(DA)(DG)(DA)(DT)(DG)(DC)(DT)(DT)(DC)(DC)(DC)(DA)(DC)
(DT)(DA)(DT)(DA)(DG)(DC)(DC)(DC)(DC)(DA)(DC)(DT)(DC)(DC)(DA)(DA)(DC)(DT)(DA)(DG)
(DT)(DA)(DC)(DC)(DA)(DC)(DA)(DT)(DC)(DA)(DT)(DT)(DT)(DT)(DA)(DT)(DG)(DG)(DA)(DT)
(DC)(DA)(DA)(DT)(DC)(DA)(DC)(DA)(DA)(DA)(DG)(DG)(DA)(DG)(DC)(DC)(DC)(DC)(DT)(DA)
(DT)(DA)(DG)(DG)(DC)(DT)(DG)(DA)(DT)(DT)(DC)(DT)(DG)(DT)(DG)(DT)(DT)(DT)(DC)(DA)
(DA)(DA)(DA)(DA)(DG)(DT)(DG)(DA)(DA)(DG)(DC)(DC)(DT)(DA)(DT)(DG)(DT)(DG)(DC)(DT)
(DC)(DC)(DA)(DT)(DT)(DG)(DA)(DG)(DT)(DC)(DA)(DG)(DT)(DA)(DA)(DA)(DT)(DT)(DA)(DA)
(DC)(DA)(DC)(DC)(DA)(DC)(DT)(DA)(DG)(DA)(DA)(DG)(DT)(DT)(DA)(DT)(DC)(DC)(DA)(DG)
(DC)(DT)(DA)(DG)(DT)(DC)(DA)(DA)(DG)(DG)(DG)(DT)(DT)(DT)(DT)(DC)(DC)(DA)(DT)(DA)
(DT)(DG)(DT)(DC)(DC)(DC)(DA)(DA)(DG)(DG)(DT)(DA)(DC)(DT)(DA)(DG)(DC)(DT)(DA)(DC)
(DA)(DG)(DC)(DA)(DC)(DT)(DT)(DG)(DA)(DA)(DT)(DA)(DT)(DG)(DG)(DT)(DC)(DT)(DA)(DC)
(DT)(DA)(DT)(DG)(DA)(DG)(DT)(DG)(DG)(DG)(DA)(DC)(DT)(DA)(DT)(DT)(DA)(DA)(DT)(DG)
(DT)(DC)(DA)(DT)(DC)(DT)(DT)(DT)(DC)(DT)(DG)(DT)(DA)(DT)(DA)(DG)(DC)(DT)(DG)(DC)
(DC)(DC)(DC)(DA)(DT)(DT)(DT)(DA)(DA)(DA)(DG)(DC)(DA)(DT)(DA)(DT)(DA)(DT)(DG)(DA)
(DA)(DG)(DT)(DG)(DC)(DT)(DA)(DA)(DC)(DA)(DT)(DT)(DG)(DT)(DG)(DT)(DT)(DG)(DG)(DA)
(DT)(DC)(DT)(DT)(DT)(DA)(DT)(DG)(DC)(DC)(DA)(DC)(DC)(DA)(DG)(DA)(DT)(DC)(DC)(DC)
(DC)(DC)(DT)(DT)(DA)(DC)(DA)(DG)(DT)(DA)(DT)(DT)(DC)(DT)(DC)(DA)(DC)(DC)(DC)(DA)
(DA)(DA)(DT)(DG)(DG)(DG)(DA)(DT)(DG)(DA)(DG)(DA)(DG)(DT)(DT)(DG)(DT)(DA)(DT)(DT)
(DA)(DA)(DG)(DG)(DC)(DT)(DA)(DG)(DT)(DT)(DA)(DA)(DT)(DC)(DC)(DC)(DT)(DA)(DA)(DG)
(DT)(DC)(DC)(DA)(DT)(DA)(DC)(DA)(DT)(DA)(DG)(DG)(DA)(DC)(DC)(DA)(DC)(DA)(DG)(DT)
(DA)(DG)(DC)(DT)(DT)(DG)(DG)(DC)(DT)(DA)(DT)(DG)(DC)(DT)(DC)(DA)(DC)(DA)(DA)(DT)
(DT)(DT)(DG)(DC)(DC)(DA)(DT)(DG)(DT)(DA)(DT)(DA)(DT)(DC)(DA)(DG)(DT)(DC)(DC)(DC)
(DA)(DG)(DA)(DG)(DG)(DT)(DA)(DT)(DG)(DC)(DA)(DA)(DG)(DA)(DC)(DA)(DT)(DT)(DG)(DC)
(DC)(DC)(DA)(DC)(DA)(DT)(DT)(DT)(DC)(DA)(DG)(DA)(DA)(DT)(DG)(DG)(DT)(DC)(DC)(DT)
(DG)(DT)(DC)(DT)(DT)(DG)(DT)(DG)(DG)(DT)(DT)(DC)(DC)(DT)(DT)(DG)(DC)(DC)(DT)(DT)
(DT)(DT)(DG)(DC)(DA)(DC)(DA)(DT)(DT)(DA)(DC)(DC)(DC)(DT)(DT)(DG)(DG)(DC)(DC)(DT)
(DT)(DC)(DT)(DA)(DC)(DA)(DT)(DA)(DA)(DT)(DG)(DT)(DG)(DA)(DG)(DT)(DC)(DC)(DT)(DG)
(DG)(DC)(DT)(DG)(DC)(DA)(DA)(DT)(DC)(DT)(DA)(DT)(DG)(DT)(DA)(DT)(DT)(DG)(DA)(DA)
(DA)(DG)(DT)(DA)(DG)(DG)(DT)(DA)(DA)(DC)(DC)(DC)(DT)(DT)(DC)(DT)(DC)(DA)(DT)(DT)
(DG)(DT)(DC)(DA)(DA)(DG)(DA)(DA)(DC)(DA)(DT)(DC)(DT)(DG)(DT)(DT)(DC)(DC)(DT)(DA)
(DG)(DC)(DC)(DA)(DC)(DC)(DC)(DT)(DG)(DA)(DC)(DC)(DC)(DT)(DG)(DC)(DC)(DT)(DC)(DC)
(DC)(DT)(DG)(DA)(DA)(DG)(DC)(DT)(DG)(DC)(DT)(DC)(DC)(DC)(DA)(DT)(DA)(DG)(DG)(DC)
(DC)(DC)(DA)(DC)(DT)(DG)(DA)(DT)(DC)(DT)(DC)(DA)(DC)(DT)(DG)(DC)(DT)(DT)(DC)(DT)
(DA)(DA)(DT)(DT)(DG)(DC)(DA)(DT)(DC)(DC)(DC)(DT)(DT)(DG)(DA)(DC)(DT)(DC)(DT)(DC)
(DT)(DA)(DT)(DC)(DC)(DC)(DC)(DT)(DG)(DA)(DG)(DA)(DA)(DT)(DT)(DC)(DC)(DT)(DG)(DC)
(DT)(DT)(DG)(DT)(DG)(DC)(DA)(DG)(DC)(DC)(DT)(DT)(DG)(DT)(DG)(DA)(DG)(DC)(DC)(DA)
(DC)(DT)(DA)(DC)(DC)(DC)(DA)(DG)(DT)(DC)(DA)(DG)(DG)(DG)(DT)(DG)(DT)(DT)(DA)(DA)
(DG)(DC)(DC)(DT)(DT)(DA)(DC)(DC)(DA)(DT)(DG)(DA)(DC)(DC)(DA)(DG)(DG)(DT)(DG)(DC)
(DC)(DC)(DT)(DC)(DT)(DA)(DT)(DG)(DA)(DC)(DT)(DA)(DG)(DC)(DC)(DC)(DA)(DA)(DG)(DA)
(DC)(DT)(DC)(DA)(DC)(DA)(DG)(DA)(DC)(DA)(DG)(DG)(DA)(DT)(DA)(DG)(DC)(DC)(DA)(DG)
(DC)(DT)(DG)(DT)(DA)(DC)(DC)(DC)(DC)(DA)(DC)(DA)(DC)(DT)(DC)(DC)(DT)(DC)(DT)(DT)
(DG)(DC)(DC)(DC)(DT)(DG)(DG)(DG)(DC)(DA)(DC)(DT)(DC)(DT)(DC)(DA)(DT)(DC)(DA)(DG)
(DT)(DA)(DC)(DC)(DC)(DT)(DC)(DA)(DA)(DT)(DA)(DA)(DC)(DC)(DT)(DA)(DG)(DC)(DT)(DG)
(DT)(DC)(DC)(DA)(DC)(DT)(DC)(DA)(DC)(DT)(DA)(DT)(DC)(DC)(DT)(DC)(DA)(DG)(DA)(DC)
(DC)(DA)(DA)(DT)(DT)(DC)(DT)(DC)(DC)(DT)(DT)(DC)(DT)(DG)(DC)(DC)(DA)(DA)(DA)(DG)
(DG)(DT)(DC)(DC)(DA)(DA)(DC)(DA)(DT)(DA)(DG)(DA)(DG)(DG)(DA)(DC)(DT)(DC)(DA)(DT)
(DC)(DT)(DG)(DG)(DG)(DC)(DT)(DC)(DA)(DG)(DG)(DC)(DA)(DA)(DC)(DT)(DC)(DA)(DG)(DG)
(DG)(DC)(DA)(DT)(DA)(DT)(DG)(DG)(DG)(DA)(DC)(DC)(DA)(DT)(DA)(DG)(DC)(DT)(DC)(DA)
(DA)(DC)(DT)(DA)(DC)(DA)(DA)(DT)(DA)(DA)(DA)(DA)(DC)(DC)(DA)(DG)(DG)(DG)(DG)(DC)
(DC)(DA)(DC)(DA)(DT)(DA)(DA)(DG)(DC)(DT)(DA)(DG)(DC)(DA)(DA)(DT)(DC)(DA)(DG)(DT)
(DG)(DG)(DG)(DT)(DG)(DT)(DA)(DA)(DG)(DT)(DG)(DT)(DC)(DT)(DG)(DG)(DG)(DT)(DG)(DC)
(DA)(DT)(DC)(DA)(DG)(DC)(DT)(DG)(DG)(DT)(DA)(DA)(DG)(DA)(DC)(DT)(DG)(DC)(DC)(DA)
(DG)(DA)(DT)(DT)(DC)(DT)(DA)(DT)(DG)(DC)(DA)(DG)(DG)(DC)(DC)(DA)(DA)(DT)(DC)(DA)
(DT)(DG)(DA)(DA)(DC)(DC)(DT)(DA)(DC)(DT)(DA)(DG)(DT)(DC)(DC)(DC)(DT)(DC)(DA)(DT)
(DG)(DG)(DT)(DC)(DA)(DC)(DT)(DT)(DT)(DG)(DT)(DT)(DC)(DA)(DT)(DC)(DT)(DA)(DA)(DC)
(DA)(DG)(DA)(DT)(DA)(DG)(DT)(DT)(DG)(DC)(DT)(DT)(DC)(DA)(DA)(DA)(DC)(DT)(DC)(DA)
(DA)(DG)(DA)(DC)(DC)(DT)(DT)(DA)(DC)(DT)(DA)(DA)(DC)(DC)(DT)(DT)(DA)(DG)(DT)(DC)
(DA)(DC)(DT)(DG)(DG)(DT)(DT)(DC)(DT)(DA)(DC)(DC)(DA)(DG)(DC)(DC)(DC)(DA)(DG)(DG)
(DA)(DA)(DT)(DC)(DC)(DT)(DC)(DC)(DT)(DT)(DG)(DG)(DG)(DC)(DT)(DA)(DG)(DC)(DC)(DT)
(DC)(DC)(DA)(DA)(DG)(DA)(DA)(DG)(DC)(DT)(DT)(DC)(DA)(DG)(DA)(DC)(DT)(DC)(DC)(DT)
(DT)(DA)(DA)(DT)(DA)(DC)(DC)(DA)(DA)(DG)(DC)(DA)(DG)(DC)(DA)(DG)(DG)(DA)(DA)(DC)
(DA)(DG)(DT)(DT)(DT)(DC)(DA)(DG)(DC)(DA)(DC)(DC)(DA)(DA)(DG)(DA)(DG)(DG)(DT)(DG)
(DA)(DG)(DA)(DA)(DC)(DT)(DG)(DC)(DT)(DG)(DT)(DT)(DA)(DG)(DC)(DA)(DT)(DC)(DA)(DC)
(DT)(DG)(DA)(DC)(DT)(DT)(DA)(DC)(DA)(DA)(DT)(DC)(DT)(DC)(DA)(DT)(DG)(DA)(DT)(DA)
(DG)(DC)(DT)(DA)(DA)(DG)(DC)(DA)(DT)(DT)(DC)(DT)(DT)(DA)(DG)(DA)(DA)(DC)(DT)(DC)
(DT)(DT)(DA)(DT)(DA)(DT)(DA)(DA)(DC)(DT)(DC)(DC)(DC)(DT)(DA)(DT)(DT)(DA)(DC)(DC)
(DA)(DG)(DA)(DG)(DA)(DC)(DA)(DG)(DC)(DC)(DC)(DT)(DC)(DA)(DG)(DG)(DA)(DT)(DT)(DA)
(DC)(DT)(DG)(DA)(DT)(DG)(DG)(DA)(DC)(DC)(DT)(DT)(DC)(DT)(DT)(DC)(DA)(DA)(DG)(DT)
(DC)(DT)(DT)(DT)(DT)(DC)(DT)(DA)(DG)(DC)(DA)(DC)(DA)(DG)(DG)(DA)(DC)(DC)(DT)(DA)
(DC)(DA)(DG)(DG)(DG)(DA)(DG)(DA)(DG)(DG)(DG)(DA)(DA)(DA)(DG)(DT)(DC)(DA)(DG)(DC)
(DT)(DC)(DC)(DT)(DA)(DT)(DG)(DG)(DG)(DG)(DA)(DA)(DT)(DA)(DC)(DA)(DA)(DG)(DA)(DG)
(DT)(DT)(DA)(DG)(DT)(DC)(DT)(DT)(DC)(DA)(DG)(DT)(DT)(DT)(DG)(DT)(DG)(DG)(DC)(DT)
(DG)(DA)(DG)(DG)(DC)(DT)(DT)(DC)(DT)(DT)(DT)(DG)(DT)(DG)(DC)(DT)(DG)(DG)(DT)(DT)
(DG)(DC)(DC)(DT)(DC)(DT)(DA)(DA)(DG)(DA)(DC)(DA)(DA)(DA)(DT)(DT)(DA)(DT)(DT)(DC)
(DT)(DG)(DG)(DA)(DA)(DT)(DC)(DT)(DA)(DA)(DT)(DC)(DA)(DA)(DG)(DT)(DT)(DT)(DA)(DC)
(DA)(DA)(DG)(DG)(DT)(DC)(DA)(DG)(DC)(DA)(DT)(DT)(DA)(DT)(DG)(DA)(DC)(DC)(DC)(DA)
(DG)(DG)(DT)(DC)(DA)(DA)(DT)(DA)(DG)(DC)(DT)(DT)(DC)(DT)(DG)(DG)(DG)(DA)(DG)(DG)
(DC)(DT)(DC)(DT)(DT)(DC)(DT)(DA)(DG)(DT)(DT)(DT)(DC)(DC)(DA)(DC)(DC)(DT)(DT)(DT)
(DG)(DT)(DA)(DC)(DC)(DA)(DG)(DT)(DA)(DT)(DC)(DC)(DT)(DA)(DT)(DT)(DT)(DA)(DA)(DG)
(DA)(DT)(DA)(DG)(DG)(DT)(DC)(DA)(DT)(DG)(DC)(DA)(DT)(DA)(DG)(DG)(DG)(DC)(DT)(DC)
(DT)(DA)(DC)(DA)(DC)(DA)(DA)(DT)(DG)(DA)(DG)(DT)(DT)(DC)(DA)(DG)(DA)(DG)(DC)(DC)
(DT)(DT)(DT)(DG)(DC)(DA)(DG)(DC)(DT)(DT)(DA)(DA)(DG)(DG)(DA)(DA)(DA)(DT)(DC)(DT)
(DC)(DT)(DC)(DC)(DT)(DC)(DC)(DA)(DT)(DA)(DA)(DA)(DA)(DG)(DT)(DT)(DC)(DT)(DG)(DC)
(DT)(DT)(DT)(DG)(DA)(DT)(DG)(DT)(DC)(DA)(DA)(DT)(DT)(DC)(DC)(DC)(DC)(DT)(DT)(DG)
(DT)(DA)(DC)(DT)(DT)(DC)(DC)(DT)(DG)(DT)(DG)(DA)(DC)(DT)(DG)(DC)(DA)(DA)(DC)(DA)
(DC)(DA)(DG)(DT)(DT)(DG)(DG)(DA)(DC)(DT)(DG)(DG)(DT)(DA)(DT)(DT)(DC)(DC)(DT)(DC)
(DA)(DA)(DC)(DA)(DT)(DC)(DA)(DA)(DC)(DA)(DA)(DT)(DT)(DA)(DG)(DT)(DA)(DA)(DA)(DA)
(DG)(DC)(DA)(DA)(DT)(DG)(DG)(DT)(DT)(DG)(DT)(DG)(DA)(DC)(DC)(DA)(DA)(DG)(DG)(DA)
(DA)(DT)(DG)(DA)(DG)(DA)(DC)(DC)(DA)(DG)(DC)(DA)(DA)(DT)(DT)(DA)(DA)(DT)(DT)(DG)
(DA)(DC)(DA)(DT)(DA)(DG)(DT)(DT)(DT)(DA)(DA)(DC)(DT)(DG)(DT)(DC)(DA)(DA)(DA)(DC)
(DA)(DC)(DT)(DG)(DA)(DG)(DA)(DG)(DA)(DT)(DG)(DG)(DA)(DG)(DC)(DC)(DT)(DG)(DC)(DA)
(DA)(DG)(DT)(DG)(DG)(DG)(DG)(DC)(DT)(DT)(DA)(DT)(DC)(DC)(DC)(DA)(DC)(DA)(DG)(DA)
(DG)(DT)(DA)(DC)(DT)(DG)(DT)(DT)(DT)(DT)(DC)(DT)(DG)(DA)(DG)(DG)(DA)(DG)(DC)(DT)
(DG)(DA)(DG)(DT)(DT)(DA)(DA)(DC)(DA)(DG)(DG)(DT)(DG)(DG)(DA)(DG)(DA)(DA)(DA)(DA)
(DT)(DC)(DC)(DC)(DA)(DA)(DA)(DG)(DA)(DT)(DA)(DC)(DT)(DC)(DT)(DC)(DC)(DC)(DA)(DA)
(DT)(DG)(DG)(DC)(DC)(DA)(DG)(DT)(DC)(DC)(DA)(DA)(DG)(DC)(DT)(DT)(DG)(DA)(DA)(DG)
(DT)(DC)(DA)(DA)(DT)(DG)(DC)(DA)(DA)(DC)(DC)(DT)(DC)(DT)(DA)(DG)(DT)(DA)(DA)(DT)
(DA)(DG)(DG)(DT)(DA)(DG)(DA)(DG)(DG)(DC)(DT)(DG)(DC)(DC)(DA)(DC)(DA)(DA)(DA)(DT)
(DG)(DA)(DT)(DG)(DC)(DC)(DT)(DA)(DC)(DA)(DA)(DA)(DG)(DA)(DG)(DT)(DA)(DA)(DA)(DC)
(DT)(DT)(DC)(DT)(DA)(DT)(DA)(DT)(DG)(DT)(DG)(DG)(DT)(DA)(DA)(DT)(DG)(DG)(DC)(DA)
(DT)(DC)(DC)(DA)(DA)(DG)(DT)(DA)(DA)(DA)(DG)(DG)(DG)(DC)(DT)(DA)(DA)(DT)(DG)(DC)
(DA)(DG)(DA)(DA)(DC)(DA)(DG)(DA)(DG)(DC)(DT)(DT)(DT)(DT)(DG)(DT)(DT)(DA)(DA)(DT)
(DG)(DG)(DG)(DC)(DA)(DA)(DG)(DC)(DT)(DA)(DC)(DT)(DA)(DC)(DT)(DA)(DA)(DA)(DC)(DC)
(DC)(DT)(DC)(DT)(DG)(DG)(DA)(DG)(DC)(DA)(DT)(DG)(DT)(DG)(DT)(DT)(DA)(DG)(DT)(DA)
(DG)(DA)(DT)(DA)(DC)(DC)(DT)(DT)(DC)(DA)(DA)(DC)(DC)(DT)(DT)(DG)(DG)(DA)(DG)(DC)
(DT)(DC)(DA)(DC)(DT)(DC)(DA)(DG)(DA)(DA)(DA)(DA)(DA)(DG)(DC)(DC)(DT)(DG)(DA)(DA)
(DC)(DC)(DC)(DA)(DG)(DA)(DA)(DT)(DT)(DA)(DA)(DA)(DA)(DC)(DA)(DT)(DC)(DC)(DT)(DG)
(DG)(DT)(DG)(DT)(DA)(DC)(DT)(DC)(DT)(DG)(DG)(DC)(DA)(DC)(DC)(DA)(DG)(DT)(DG)(DA)
(DC)(DA)(DC)(DC)(DA)(DT)(DG)(DG)(DC)(DT)(DT)(DT)(DT)(DT)(DC)(DA)(DG)(DG)(DC)(DC)
(DC)(DC)(DT)(DG)(DT)(DG)(DC)(DC)(DT)(DG)(DT)(DT)(DG)(DC)(DA)(DT)(DG)(DC)(DA)(DA)
(DA)(DC)(DC)(DT)(DA)(DA)(DG)(DA)(DG)(DT)(DC)(DT)(DA)(DA)(DA)(DG)(DG)(DT)(DA)(DA)
(DT)(DC)(DT)(DG)(DT)(DC)(DA)(DG)(DC)(DC)(DA)(DG)(DG)(DA)(DG)(DA)(DG)(DT)(DG)(DG)
(DT)(DC)(DT)(DC)(DC)(DA)(DT)(DG)(DC)(DC)(DT)(DC)(DA)(DG)(DT)(DG)(DT)(DG)(DT)(DA)
(DG)(DG)(DT)(DG)(DG)(DG)(DC)(DA)(DG)(DT)(DC)(DA)(DT)(DT)(DC)(DC)(DT)(DA)(DT)(DA)
(DC)(DC)(DA)(DT)(DA)(DT)(DA)(DA)(DA)(DA)(DT)(DG)(DG)(DA)(DG)(DT)(DA)(DC)(DA)(DT)
(DC)(DT)(DA)(DC)(DA)(DA)(DG)(DC)(DA)(DC)(DT)(DG)(DG)(DA)(DC)(DT)(DA)(DC)(DC)(DT)
(DA)(DG)(DG)(DT)(DT)(DT)(DC)(DC)(DT)(DG)(DG)(DA)(DT)(DA)(DG)(DT)(DA)(DA)(DC)(DT)
(DC)(DT)(DA)(DA)(DC)(DC)(DA)(DG)(DA)(DC)(DA)(DC)(DA)(DC)(DA)(DT)(DG)(DG)(DC)(DC)
(DT)(DG)(DG)(DA)(DG)(DT)(DG)(DG)(DA)(DG)(DT)(DT)(DA)(DC)(DC)(DC)(DA)(DA)(DC)(DA)
(DG)(DA)(DA)(DC)(DC)(DC)(DT)(DG)(DT)(DC)(DA)(DT)(DA)(DT)(DT)(DT)(DC)(DC)(DT)(DA)
(DA)(DT)(DC)(DC)(DA)(DC)(DT)(DA)(DA)(DA)(DG)(DT)(DC)(DT)(DG)(DT)(DT)(DA)(DC)(DA)
(DT)(DA)(DC)(DA)(DG)(DG)(DC)(DA)(DG)(DT)(DT)(DT)(DT)(DT)(DG)(DC)(DT)(DC)(DT)(DC)
(DT)(DG)(DC)(DT)(DG)(DC)(DC)(DT)(DG)(DC)(DC)(DC)(DA)(DG)(DC)(DA)(DG)(DC)(DT)(DA)
(DT)(DG)(DG)(DT)(DG)(DA)(DT)(DC)(DA)(DA)(DC)(DT)(DG)(DG)(DC)(DT)(DA)(DG)(DA)(DA)
(DT)(DG)(DA)(DC)(DT)(DT)(DG)(DT)(DG)(DT)(DA)(DC)(DC)(DT)(DA)(DC)(DC)(DC)(DT)(DA)
(DA)(DT)(DT)(DT)(DT)(DA)(DA)(DT)(DT)(DT)(DC)(DA)(DC)(DT)(DC)(DT)(DG)(DA)(DC)(DA)
(DT)(DG)(DC)(DA)(DG)(DT)(DT)(DC)(DA)(DA)(DC)(DA)(DG)(DG)(DC)(DT)(DA)(DC)(DC)(DC)
(DC)(DT)(DT)(DT)(DT)(DT)(DA)(DT)(DT)(DG)(DG)(DT)(DG)(DG)(DC)(DT)(DA)(DC)(DA)(DT)
(DT)(DT)(DG)(DG)(DC)(DT)(DT)(DA)(DA)(DT)(DT)(DC)(DT)(DA)(DA)(DC)(DT)(DG)(DG)(DT)
(DC)(DA)(DG)(DA)(DG)(DA)(DT)(DA)(DA)(DA)(DG)(DC)(DT)(DC)(DA)(DG)(DC)(DA)(DG)(DT)
(DG)(DA)(DT)(DA)(DT)(DG)(DA)(DG)(DC)(DC)(DC)(DT)(DT)(DA)(DG)(DG)(DA)(DA)(DA)(DA)
(DT)(DT)(DC)(DC)(DA)(DG)(DA)(DG)(DC)(DA)(DC)(DA)(DC)(DA)(DC)(DT)(DA)(DG)(DC)(DA)
(DG)(DA)(DT)(DG)(DT)(DT)(DT)(DT)(DA)(DT)(DC)(DA)(DT)(DG)(DG)(DA)(DA)(DT)(DA)(DT)
(DT)(DA)(DT)(DC)(DA)(DA)(DT)(DG)(DT)(DA)(DG)(DC)(DT)(DC)(DT)(DG)(DG)(DG)(DG)(DG)
(DT)(DA)(DA)(DC)(DT)(DT)(DT)(DG)(DA)(DA)(DA)(DA)(DG)(DC)(DT)(DG)(DT)(DT)(DC)(DA)
(DC)(DT)(DT)(DA)(DC)(DC)(DT)(DT)(DT)(DC)(DC)(DA)(DG)(DG)(DG)(DA)(DT)(DA)(DA)(DC)
(DT)(DT)(DG)(DC)(DA)(DT)(DT)(DT)(DA)(DG)(DA)(DC)(DA)(DT)(DA)(DC)(DT)(DA)(DG)(DA)
(DT)(DT)(DA)(DT)(DC)(DT)(DT)(DA)(DC)(DA)(DT)(DT)(DC)(DT)(DG)(DA)(DT)(DA)(DT)(DC)
(DA)(DC)(DT)(DA)(DG)(DT)(DG)(DT)(DC)(DC)(DT)(DG)(DA)(DA)(DA)(DC)(DA)(DG)(DG)(DG)
(DC)(DT)(DT)(DC)(DA)(DT)(DC)(DA)(DT)(DA)(DA)(DT)(DC)(DC)(DT)(DT)(DG)(DT)(DC)(DA)
(DC)(DC)(DT)(DG)(DT)(DT)(DA)(DA)(DA)(DC)(DC)(DT)(DT)(DT)(DT)(DA)(DT)(DA)(DT)(DG)
(DC)(DC)(DC)(DT)(DT)(DG)(DC)(DT)(DA)(DG)(DG)(DG)(DC)(DC)(DC)(DA)(DA)(DC)(DT)(DC)
(DT)(DG)(DT)(DC)(DT)(DC)(DC)(DT)(DG)(DT)(DA)(DA)(DA)(DG)(DT)(DT)(DA)(DA)(DA)(DG)
(DT)(DG)(DC)(DC)(DT)(DT)(DC)(DA)(DG)(DG)(DA)(DA)(DG)(DT)(DT)(DG)(DG)(DT)(DG)(DA)
(DG)(DT)(DA)(DG)(DA)(DC)(DC)(DT)(DG)(DA)(DA)(DT)(DA)(DA)(DT)(DT)(DC)(DA)(DT)(DA)
(DC)(DT)(DT)(DT)(DA)(DT)(DC)(DT)(DC)(DC)(DT)(DA)(DC)(DA)(DC)(DC)(DA)(DG)(DG)(DA)
(DT)(DG)(DA)(DC)(DT)(DC)(DA)(DG)(DT)(DA)(DG)(DG)(DA)(DC)(DA)(DT)(DC)(DT)(DC)(DA)
(DG)(DT)(DC)(DT)(DC)(DT)(DA)(DA)(DT)(DA)(DC)(DT)(DC)(DA)(DT)(DA)(DC)(DA)(DA)(DA)
(DT)(DA)(DC)(DA)(DC)(DT)(DC)(DT)(DA)(DT)(DT)(DA)(DG)(DG)(DG)(DG)(DC)(DT)(DG)(DG)
(DG)(DA)(DC)(DA)(DC)(DC)(DT)(DG)(DA)(DT)(DC)(DC)(DA)(DG)(DA)(DA)(DA)(DC)(DA)(DA)
(DA)(DG)(DT)(DT)(DT)(DC)(DT)(DT)(DA)(DA)(DG)(DT)(DA)(DC)(DC)(DT)(DC)(DT)(DG)(DT)
(DA)(DC)(DA)(DA)(DT)(DT)(DG)(DA)(DA)(DG)(DA)(DT)(DA)(DA)(DT)(DG)(DG)(DT)(DA)(DC)
(DT)(DC)(DA)(DA)(DT)(DG)(DA)(DT)(DA)(DT)(DT)(DT)(DT)(DG)(DT)(DG)(DA)(DT)(DT)(DC)
(DA)(DA)(DA)(DT)(DT)(DT)(DA)(DC)(DA)(DG)(DA)(DG)(DA)(DG)(DC)(DA)(DG)(DT)(DA)(DA)
(DT)(DG)(DT)(DT)(DC)(DC)(DC)(DA)(DG)(DT)(DT)(DT)(DA)(DT)(DC)(DC)(DT)(DT)(DA)(DG)
(DA)(DT)(DA)(DG)(DA)(DG)(DC)(DA)(DA)(DA)(DA)(DG)(DA)(DT)(DT)(DA)(DA)(DA)(DG)(DA)
(DA)(DC)(DC)(DT)(DG)(DG)(DT)(DT)(DA)(DA)(DT)(DA)(DT)(DT)(DT)(DA)(DG)(DG)(DA)(DT)
(DC)(DT)(DG)(DA)(DT)(DG)(DA)(DT)(DC)(DC)(DT)(DG)(DC)(DA)(DC)(DA)(DC)(DT)(DT)(DC)
(DT)(DG)(DA)(DA)(DT)(DG)(DC)(DC)(DT)(DT)(DG)(DA)(DA)(DA)(DT)(DT)(DC)(DT)(DT)(DG)
(DT)(DC)(DC)(DA)(DT)(DT)(DC)(DA)(DA)(DT)(DA)(DC)(DC)(DC)(DT)(DG)(DG)(DT)(DC)(DT)
(DT)(DA)(DG)(DG)(DC)(DC)(DA)(DT)(DA)(DT)(DC)(DC)(DT)(DG)(DT)(DT)(DC)(DT)(DA)(DG)
(DA)(DA)(DC)(DA)(DC)(DT)(DT)(DA)(DT)(DG)(DC)(DA)(DC)(DA)(DA)(DT)(DC)(DA)(DA)(DT)
(DA)(DT)(DG)(DC)(DA)(DT)(DG)(DG)(DG)(DC)(DT)(DG)(DT)(DG)(DT)(DG)(DA)(DG)(DG)(DG)
(DC)(DT)(DG)(DC)(DT)(DA)(DT)(DC)(DT)(DG)(DT)(DA)(DG)(DG)(DC)(DA)(DC)(DT)(DA)(DA)
(DT)(DG)(DG)(DA)(DT)(DT)(DT)(DG)(DT)(DA)(DA)(DG)(DC)(DT)(DG)(DG)(DC)(DT)(DC)(DT)
(DG)(DT)(DT)(DT)(DC)(DT)(DC)(DT)(DT)(DA)(DC)(DT)(DT)(DT)(DC)(DA)(DG)(DT)(DA)(DT)
(DA)(DC)(DC)(DT)(DA)(DT)(DC)(DA)(DA)(DG)(DG)(DT)(DT)(DT)(DT)(DG)(DG)(DT)(DG)(DT)
(DT)(DG)(DA)(DA)(DA)(DC)(DC)(DT)(DG)(DA)(DC)(DT)(DG)(DA)(DC)(DC)(DA)(DC)(DT)(DG)
(DG)(DC)(DA)(DA)(DA)(DG)(DG)(DG)(DT)(DG)(DG)(DG)(DA)(DA)(DA)(DC)(DT)(DT)(DA)(DG)
(DG)(DT)(DT)(DC)(DC)(DC)(DT)(DA)(DG)(DT)(DA)(DT)(DG)(DC)(DT)(DA)(DG)(DC)(DT)(DT)
(DA)(DG)(DC)(DA)(DA)(DC)(DC)(DA)(DT)(DA)(DA)(DG)(DG)(DT)(DC)(DT)(DA)(DT)(DT)(DG)
(DT)(DC)(DT)(DC)(DA)(DA)(DA)(DT)(DC)(DA)(DA)(DA)(DA)(DT)(DC)(DT)(DA)(DG)(DG)(DG)
(DG)(DA)(DA)(DC)(DA)(DT)(DG)(DA)(DT)(DC)(DT)(DG)(DG)(DA)(DT)(DG)(DC)(DC)(DC)(DA)
(DT)(DA)(DT)(DT)(DC)(DA)(DA)(DG)(DC)(DC)(DA)(DA)(DC)(DA)(DA)(DA)(DT)(DC)(DT)(DT)
(DG)(DA)(DA)(DC)(DT)(DG)(DG)(DG)(DA)(DT)(DT)(DC)(DC)(DA)(DA)(DG)(DG)(DG)(DC)(DC)
(DT)(DA)(DA)(DC)(DA)(DA)(DC)(DT)(DA)(DT)(DT)(DC)(DC)(DA)(DC)(DT)(DT)(DG)(DG)(DC)
(DA)(DC)(DT)(DT)(DT)(DA)(DG)(DC)(DA)(DG)(DG)(DC)(DT)(DC)(DA)(DT)(DT)(DC)(DA)(DT)
(DG)(DC)(DT)(DC)(DT)(DG)(DA)(DT)(DC)(DA)(DG)(DT)(DT)(DG)(DC)(DA)(DA)(DT)(DT)(DT)
(DA)(DT)(DG)(DA)(DA)(DA)(DC)(DT)(DG)(DT)(DA)(DG)(DT)(DC)(DT)(DC)(DA)(DG)(DG)(DT)
(DC)(DC)(DT)(DA)(DG)(DG)(DA)(DA)(DT)(DT)(DA)(DT)(DA)(DG)(DG)(DT)(DT)(DG)(DT)(DA)
(DC)(DA)(DC)(DT)(DG)(DG)(DG)(DC)(DC)(DT)(DC)(DC)(DT)(DG)(DG)(DG)(DA)(DA)(DT)(DT)
(DG)(DT)(DT)(DT)(DG)(DC)(DT)(DA)(DC)(DT)(DT)(DG)(DA)(DC)(DC)(DT)(DC)(DT)(DT)(DT)
(DC)(DA)(DT)(DG)(DT)(DA)(DC)(DA)(DT)(DG)(DT)(DT)(DG)(DA)(DT)(DG)(DG)(DG)(DG)(DT)
(DA)(DG)(DT)(DA)(DC)(DT)(DA)(DA)(DT)(DT)(DA)(DA)(DG)(DA)(DG)(DC)(DC)(DA)(DT)(DA)
(DG)(DT)(DC)(DA)(DT)(DA)(DA)(DG)(DT)(DA)(DG)(DT)(DT)(DG)(DG)(DG)(DC)(DA)(DT)(DG)
(DC)(DT)(DG)(DA)(DA)(DT)(DC)(DA)(DT)(DC)(DC)(DA)(DG)(DT)(DA)(DG)(DA)(DA)(DG)(DG)
(DC)(DT)(DC)(DC)(DA)(DG)(DC)(DA)(DT)(DG)(DA)(DG)(DG)(DT)(DG)(DG)(DC)(DA)(DT)(DT)
(DG)(DA)(DT)(DG)(DA)(DA)(DC)(DA)(DG)(DC)(DC)(DT)(DA)(DA)(DG)(DC)(DT)(DT)(DA)(DT)
(DT)(DG)(DC)(DA)(DA)(DG)(DC)(DA)(DT)(DG)(DG)(DC)(DA)(DC)(DA)(DT)(DA)(DG)(DC)(DA)
(DC)(DC)(DT)(DA)(DA)(DC)(DT)(DT)(DC)(DA)(DT)(DG)(DA)(DC)(DT)(DG)(DT)(DT)(DA)(DT)
(DT)(DC)(DA)(DT)(DT)(DT)(DA)(DC)(DC)(DT)(DG)(DA)(DG)(DT)(DA)(DT)(DA)(DG)(DG)(DA)
(DT)(DT)(DT)(DC)(DA)(DT)(DA)(DT)(DA)(DG)(DA)(DT)(DC)(DC)(DA)(DA)(DA)(DT)(DA)(DG)
(DG)(DA)(DA)(DC)(DT)(DA)(DA)(DG)(DG)(DT)(DT)(DC)(DA)(DT)(DA)(DG)(DT)(DA)(DG)(DC)
(DC)(DA)(DT)(DC)(DA)(DT)(DG)(DT)(DT)(DC)(DA)(DA)(DA)(DG)(DC)(DT)(DA)(DT)(DA)(DA)
(DC)(DA)(DA)(DA)(DC)(DA)(DT)(DT)(DA)(DA)(DA)(DT)(DA)(DT)(DA)(DT)(DC)(DC)(DA)(DT)
(DG)(DT)(DC)(DC)(DT)(DA)(DA)(DA)(DT)(DG)(DC)(DA)(DT)(DT)(DA)(DG)(DG)(DT)(DG)(DA)
(DA)(DC)(DC)(DA)(DA)(DG)(DT)(DC)(DA)(DC)(DA)(DG)(DG)(DT)(DA)(DC)(DA)(DG)(DA)(DA)
(DA)(DG)(DG)(DG)(DG)(DA)(DT)(DG)(DC)(DA)(DG)(DC)(DA)(DC)(DA)(DA)(DA)(DA)(DA)(DT)
(DT)(DG)(DA)(DT)(DA)(DC)(DT)(DT)(DG)(DT)(DA)(DG)(DA)(DA)(DA)(DG)(DA)(DG)(DG)(DA)
(DT)(DT)(DC)(DA)(DG)(DA)(DT)(DA)(DT)(DA)(DT)(DT)(DG)(DA)(DG)(DC)(DT)(DG)(DT)(DG)
(DC)(DT)(DA)(DC)(DC)(DA)(DT)(DT)(DA)(DA)(DT)(DA)(DA)(DA)(DG)(DA)(DT)(DG)(DG)(DG)
(DT)(DC)(DC)(DC)(DA)(DT)(DG)(DA)(DA)(DG)(DA)(DG)(DC)(DA)(DT)(DC)(DT)(DT)(DC)(DT)
(DG)(DT)(DT)(DG)(DT)(DT)(DA)(DG)(DG)(DT)(DC)(DT)(DG)(DA)(DC)(DT)(DA)(DT)(DG)(DG)
(DC)(DA)(DG)(DC)(DA)(DA)(DA)(DT)(DC)(DC)(DA)(DG)(DG)(DT)(DA)(DA)(DG)(DG)(DC)(DA)
(DA)(DG)(DG)(DA)(DC)(DT)(DA)(DG)(DT)(DT)(DC)(DT)(DC)(DA)(DA)(DG)(DT)(DG)(DA)(DC)
(DC)(DT)(DT)(DT)(DA)(DA)(DG)(DT)(DT)(DG)(DA)(DC)(DT)(DT)(DT)(DT)(DA)(DG)(DC)(DC)
(DT)(DG)(DT)(DA)(DT)(DT)(DT)(DC)(DA)(DA)(DG)(DG)(DC)(DT)(DT)(DA)(DG)(DA)(DG)(DG)
(DG)(DC)(DA)(DC)(DA)(DA)(DC)(DT)(DG)(DT)(DG)(DT)(DC)(DT)(DA)(DT)(DA)(DA)(DA)(DT)
(DT)(DG)(DC)(DC)(DT)(DA)(DA)(DT)(DG)(DA)(DA)(DT)(DC)(DC)(DA)(DT)(DA)(DG)(DA)(DC)
(DT)(DT)(DT)(DA)(DC)(DC)(DA)(DA)(DT)(DG)(DC)(DT)(DG)(DT)(DC)(DT)(DA)(DG)(DA)(DT)
(DA)(DT)(DG)(DC)(DT)(DT)(DA)(DA)(DA)(DG)(DG)(DA)(DA)(DG)(DA)(DG)(DT)(DG)(DT)(DT)
(DG)(DT)(DA)(DG)(DT)(DG)(DT)(DA)(DT)(DG)(DA)(DA)(DC)(DT)(DT)(DT)(DC)(DT)(DA)(DT)
(DT)(DT)(DG)(DC)(DT)(DG)(DC)(DT)(DG)(DA)(DG)(DA)(DT)(DA)(DT)(DT)(DA)(DG)(DT)(DT)
(DG)(DT)(DG)(DG)(DA)(DT)(DC)(DC)(DT)(DA)(DG)(DT)(DT)(DG)(DA)(DA)(DT)(DT)(DT)(DC)
(DT)(DA)(DA)(DG)(DT)(DT)(DA)(DG)(DG)(DC)(DA)(DG)(DG)(DT)(DA)(DT)(DC)(DT)(DG)(DG)
(DC)(DT)(DT)(DG)(DC)(DA)(DG)(DG)(DA)(DT)(DC)(DC)(DA)(DT)(DT)(DT)(DC)(DT)(DG)(DC)
(DA)(DA)(DA)(DG)(DT)(DA)(DA)(DG)(DA)(DG)(DG)(DG)(DG)(DG)(DT)(DC)(DA)(DT)(DT)(DG)
(DC)(DA)(DG)(DA)(DC)(DC)(DC)(DA)(DT)(DG)(DC)(DT)(DA)(DT)(DG)(DT)(DC)(DT)(DG)(DT)
(DG)(DA)(DA)(DA)(DG)(DA)(DT)(DC)(DT)(DG)(DT)(DG)(DC)(DA)(DT)(DA)(DT)(DC)(DT)(DA)
(DG)(DA)(DG)(DG)(DT)(DT)(DA)(DG)(DG)(DA)(DC)(DT)(DT)(DC)(DA)(DG)(DC)(DT)(DA)(DC)
(DC)(DT)(DG)(DG)(DG)(DT)(DT)(DT)(DG)(DC)(DA)(DT)(DA)(DA)(DG)(DA)(DA)(DT)(DA)(DA)
(DG)(DC)(DA)(DG)(DA)(DC)(DT)(DA)(DA)(DA)(DA)(DG)(DG)(DC)(DA)(DT)(DG)(DA)(DC)(DA)
(DG)(DA)(DA)(DG)(DA)(DC)(DT)(DT)(DC)(DT)(DT)(DA)(DT)(DG)(DG)(DG)(DT)(DA)(DG)(DC)
(DA)(DG)(DT)(DC)(DT)(DT)(DA)(DT)(DT)(DT)(DT)(DT)(DA)(DG)(DA)(DG)(DT)(DT)(DC)(DT)
(DT)(DG)(DG)(DG)(DA)(DG)(DA)(DT)(DC)(DA)(DG)(DA)(DT)(DC)(DT)(DA)(DA)(DG)(DG)(DA)
(DG)(DA)(DT)(DT)(DC)(DA)(DC)(DA)(DA)(DG)(DA)(DA)(DA)(DC)(DT)(DA)(DG)(DA)(DG)(DT)
(DA)(DG)(DC)(DA)(DT)(DT)(DG)(DG)(DA)(DG)(DA)(DT)(DG)(DA)(DG)(DT)(DA)(DA)(DC)(DA)
(DT)(DA)(DT)(DA)(DC)(DA)(DC)(DA)(DT)(DA)(DT)(DT)(DA)(DC)(DT)(DA)(DC)(DA)(DT)(DG)
(DG)(DT)(DT)(DT)(DA)(DC)(DT)(DG)(DC)(DC)(DT)(DT)(DA)(DA)(DA)(DT)(DG)(DT)(DG)(DG)
(DC)(DC)(DT)(DA)(DG)(DG)(DG)(DT)(DA)(DT)(DT)(DA)(DT)(DG)(DC)(DT)(DG)(DG)(DA)(DG)
(DA)(DG)(DC)(DT)(DA)(DG)(DG)(DT)(DG)(DT)(DC)(DA)(DG)(DT)(DT)(DC)(DT)(DA)(DA)(DA)
(DA)(DA)(DG)(DG)(DA)(DT)(DA)(DA)(DG)(DT)(DC)(DA)(DT)(DG)(DG)(DG)(DG)(DG)(DC)(DC)
(DT)(DT)(DT)(DC)(DA)(DC)(DA)(DG)(DC)(DA)(DA)(DG)(DT)(DT)(DA)(DC)(DA)(DA)(DA)(DC)
(DT)(DA)(DT)(DG)(DT)(DT)(DT)(DA)(DG)(DT)(DA)(DT)(DC)(DA)(DG)(DA)(DA)(DC)(DT)(DT)
(DA)(DT)(DT)(DA)(DA)(DA)(DC)(DA)(DT)(DA)(DA)(DC)(DA)(DG)(DT)(DA)(DA)(DC)(DC)(DA)
(DA)(DA)(DG)(DC)(DC)(DA)(DT)(DG)(DG)(DT)(DA)(DT)(DG)(DA)(DT)(DG)(DT)(DA)(DC)(DT)
(DA)(DT)(DC)(DT)(DT)(DT)(DT)(DT)(DG)(DT)(DA)(DG)(DC)(DA)(DC)(DT)(DA)(DG)(DG)(DA)
(DT)(DA)(DC)(DT)(DA)(DT)(DA)(DT)(DT)(DA)(DA)(DC)(DT)(DA)(DC)(DT)(DC)(DT)(DT)(DT)
(DA)(DG)(DT)(DT)(DT)(DT)(DG)(DT)(DC)(DA)(DT)(DG)(DA)(DG)(DA)(DA)(DG)(DT)(DA)(DC)
(DA)(DC)(DC)(DT)(DT)(DA)(DT)(DA)(DG)(DC)(DA)(DT)(DA)(DG)(DA)(DT)(DT)(DG)(DA)(DA)
(DT)(DG)(DG)(DG)(DT)(DG)(DG)(DA)(DT)(DG)(DT)(DC)(DT)(DC)(DT)(DG)(DT)(DG)(DG)(DA)
(DG)(DG)(DT)(DG)(DT)(DG)(DT)(DG)(DC)(DT)(DT)(DG)(DG)(DA)(DT)(DT)(DA)(DG)(DA)(DT)
(DG)(DG)(DT)(DG)(DT)(DG)(DA)(DA)(DT)(DA)(DG)(DA)(DA)(DA)(DA)(DC)(DT)(DA)(DA)(DA)
(DT)(DA)(DC)(DT)(DG)(DG)(DA)(DT)(DT)(DG)(DG)(DA)(DC)(DA)(DA)(DG)(DT)(DG)(DT)(DT)
;
AA
2 'polydeoxyribonucleotide'
;(DT)(DT)(DA)(DA)(DG)(DC)(DT)(DC)(DT)(DA)(DA)(DG)(DC)(DC)(DA)(DT)(DC)(DC)(DG)(DC)
(DA)(DA)(DA)(DA)(DA)(DT)(DG)(DA)(DC)(DC)(DT)(DC)(DT)(DT)(DA)(DT)(DC)(DA)(DA)(DA)
(DA)(DG)(DG)(DA)(DG)(DC)(DA)(DA)(DT)(DT)(DA)(DA)(DA)(DG)(DG)(DT)(DA)(DC)(DT)(DC)
(DT)(DC)(DT)(DA)(DA)(DT)(DC)(DC)(DT)(DG)(DA)(DC)(DC)(DT)(DG)(DT)(DT)(DG)(DG)(DA)
(DG)(DT)(DT)(DT)(DG)(DC)(DT)(DT)(DC)(DC)(DG)(DG)(DT)(DC)(DT)(DG)(DG)(DT)(DT)(DC)
(DG)(DC)(DT)(DT)(DT)(DG)(DA)(DA)(DG)(DC)(DT)(DC)(DG)(DA)(DA)(DT)(DT)(DA)(DA)(DA)
(DA)(DC)(DG)(DC)(DG)(DA)(DT)(DA)(DT)(DT)(DT)(DG)(DA)(DA)(DG)(DT)(DC)(DT)(DT)(DT)
(DC)(DG)(DG)(DG)(DC)(DT)(DT)(DC)(DC)(DT)(DC)(DT)(DT)(DA)(DA)(DT)(DC)(DT)(DT)(DT)
(DT)(DT)(DG)(DA)(DT)(DG)(DC)(DA)(DA)(DT)(DC)(DC)(DG)(DC)(DT)(DT)(DT)(DG)(DC)(DT)
(DT)(DC)(DT)(DG)(DA)(DC)(DT)(DA)(DT)(DA)(DA)(DT)(DA)(DG)(DT)(DC)(DA)(DG)(DG)(DG)
(DT)(DA)(DA)(DA)(DG)(DA)(DC)(DC)(DT)(DG)(DA)(DT)(DT)(DT)(DT)(DT)(DG)(DA)(DT)(DT)
(DT)(DA)(DT)(DG)(DG)(DT)(DC)(DA)(DT)(DT)(DC)(DT)(DC)(DG)(DT)(DT)(DT)(DT)(DC)(DT)
(DG)(DA)(DA)(DC)(DT)(DG)(DT)(DT)(DT)(DA)(DA)(DA)(DG)(DC)(DA)(DT)(DT)(DT)(DG)(DA)
(DG)(DG)(DG)(DG)(DG)(DA)(DT)(DT)(DC)(DA)(DA)(DT)(DG)(DA)(DA)(DT)(DA)(DT)(DT)(DT)
(DA)(DT)(DG)(DA)(DC)(DG)(DA)(DT)(DT)(DC)(DC)(DG)(DC)(DA)(DG)(DT)(DA)(DT)(DT)(DG)
(DG)(DA)(DC)(DG)(DC)(DT)(DA)(DT)(DC)(DC)(DA)(DG)(DT)(DC)(DT)(DA)(DA)(DA)(DC)(DA)
(DT)(DT)(DT)(DT)(DA)(DC)(DT)(DA)(DT)(DT)(DA)(DC)(DC)(DC)(DC)(DC)(DT)(DC)(DT)(DG)
(DG)(DC)(DA)(DA)(DA)(DA)(DC)(DT)(DT)(DC)(DT)(DT)(DT)(DT)(DG)(DC)(DA)(DA)(DA)(DA)
(DG)(DC)(DC)(DT)(DC)(DT)(DC)(DG)(DC)(DT)(DA)(DT)(DT)(DT)(DT)(DG)(DG)(DT)(DT)(DT)
(DT)(DT)(DA)(DT)(DC)(DG)(DT)(DC)(DG)(DT)(DC)(DT)(DG)(DG)(DT)(DA)(DA)(DA)(DC)(DG)
(DA)(DG)(DG)(DG)(DT)(DT)(DA)(DT)(DG)(DA)(DT)(DA)(DG)(DT)(DG)(DT)(DT)(DG)(DC)(DT)
(DC)(DT)(DT)(DA)(DC)(DT)(DA)(DT)(DG)(DC)(DC)(DT)(DC)(DG)(DT)(DA)(DA)(DT)(DT)(DC)
(DC)(DT)(DT)(DT)(DT)(DG)(DG)(DC)(DG)(DT)(DT)(DA)(DT)(DG)(DT)(DA)(DT)(DC)(DT)(DG)
(DC)(DA)(DT)(DT)(DA)(DG)(DT)(DT)(DG)(DA)(DA)(DT)(DG)(DT)(DG)(DG)(DT)(DA)(DT)(DT)
(DC)(DC)(DT)(DA)(DA)(DA)(DT)(DC)(DT)(DC)(DA)(DA)(DC)(DT)(DG)(DA)(DT)(DG)(DA)(DA)
(DT)(DC)(DT)(DT)(DT)(DC)(DT)(DA)(DC)(DC)(DT)(DG)(DT)(DA)(DA)(DT)(DA)(DA)(DT)(DG)
(DT)(DT)(DG)(DT)(DT)(DC)(DC)(DG)(DT)(DT)(DA)(DG)(DT)(DT)(DC)(DG)(DT)(DT)(DT)(DT)
(DA)(DT)(DT)(DA)(DA)(DC)(DG)(DT)(DA)(DG)(DA)(DT)(DT)(DT)(DT)(DT)(DC)(DT)(DT)(DC)
(DC)(DC)(DA)(DA)(DC)(DG)(DT)(DC)(DC)(DT)(DG)(DA)(DC)(DT)(DG)(DG)(DT)(DA)(DT)(DA)
(DA)(DT)(DG)(DA)(DG)(DC)(DC)(DA)(DG)(DT)(DT)(DC)(DT)(DT)(DA)(DA)(DA)(DA)(DT)(DC)
(DG)(DC)(DA)(DT)(DA)(DA)(DG)(DG)(DT)(DA)(DA)(DT)(DT)(DC)(DA)(DC)(DA)(DA)(DT)(DG)
(DA)(DT)(DT)(DA)(DA)(DA)(DG)(DT)(DT)(DG)(DA)(DA)(DA)(DT)(DT)(DA)(DA)(DA)(DC)(DC)
(DA)(DT)(DC)(DT)(DC)(DA)(DA)(DG)(DC)(DC)(DC)(DA)(DA)(DT)(DT)(DT)(DA)(DC)(DT)(DA)
(DC)(DT)(DC)(DG)(DT)(DT)(DC)(DT)(DG)(DG)(DT)(DG)(DT)(DT)(DT)(DC)(DT)(DC)(DG)(DT)
(DC)(DA)(DG)(DG)(DG)(DC)(DA)(DA)(DG)(DC)(DC)(DT)(DT)(DA)(DT)(DT)(DC)(DA)(DC)(DT)
(DG)(DA)(DA)(DT)(DG)(DA)(DG)(DC)(DA)(DG)(DC)(DT)(DT)(DT)(DG)(DT)(DT)(DA)(DC)(DG)
(DT)(DT)(DG)(DA)(DT)(DT)(DT)(DG)(DG)(DG)(DT)(DA)(DA)(DT)(DG)(DA)(DA)(DT)(DA)(DT)
(DC)(DC)(DG)(DG)(DT)(DT)(DC)(DT)(DT)(DG)(DT)(DC)(DA)(DA)(DG)(DA)(DT)(DT)(DA)(DC)
(DT)(DC)(DT)(DT)(DG)(DA)(DT)(DG)(DA)(DA)(DG)(DG)(DT)(DC)(DA)(DG)(DC)(DC)(DA)(DG)
(DC)(DC)(DT)(DA)(DT)(DG)(DC)(DG)(DC)(DC)(DT)(DG)(DG)(DT)(DC)(DT)(DG)(DT)(DA)(DC)
(DA)(DC)(DC)(DG)(DT)(DT)(DC)(DA)(DT)(DC)(DT)(DG)(DT)(DC)(DC)(DT)(DC)(DT)(DT)(DT)
(DC)(DA)(DA)(DA)(DG)(DT)(DT)(DG)(DG)(DT)(DC)(DA)(DG)(DT)(DT)(DC)(DG)(DG)(DT)(DT)
(DC)(DC)(DC)(DT)(DT)(DA)(DT)(DG)(DA)(DT)(DT)(DG)(DA)(DC)(DC)(DG)(DT)(DC)(DT)(DG)
(DC)(DG)(DC)(DC)(DT)(DC)(DG)(DT)(DT)(DC)(DC)(DG)(DG)(DC)(DT)(DA)(DA)(DG)(DT)(DA)
(DA)(DC)(DA)(DT)(DG)(DG)(DA)(DG)(DC)(DA)(DG)(DG)(DT)(DC)(DG)(DC)(DG)(DG)(DA)(DT)
(DT)(DT)(DC)(DG)(DA)(DC)(DA)(DC)(DA)(DA)(DT)(DT)(DT)(DA)(DT)(DC)(DA)(DG)(DG)(DC)
(DG)(DA)(DT)(DG)(DA)(DT)(DA)(DC)(DA)(DA)(DA)(DT)(DC)(DT)(DC)(DC)(DG)(DT)(DT)(DG)
(DT)(DA)(DC)(DT)(DT)(DT)(DG)(DT)(DT)(DT)(DC)(DG)(DC)(DG)(DC)(DT)(DT)(DG)(DG)(DT)
(DA)(DT)(DA)(DA)(DT)(DC)(DG)(DC)(DT)(DG)(DG)(DG)(DG)(DG)(DT)(DC)(DA)(DA)(DA)(DG)
(DA)(DT)(DG)(DA)(DG)(DT)(DG)(DT)(DT)(DT)(DT)(DA)(DG)(DT)(DG)(DT)(DA)(DT)(DT)(DC)
(DT)(DT)(DT)(DT)(DG)(DC)(DC)(DT)(DC)(DT)(DT)(DT)(DC)(DG)(DT)(DT)(DT)(DT)(DA)(DG)
(DG)(DT)(DT)(DG)(DG)(DT)(DG)(DC)(DC)(DT)(DT)(DC)(DG)(DT)(DA)(DG)(DT)(DG)(DG)(DC)
(DA)(DT)(DT)(DA)(DC)(DG)(DT)(DA)(DT)(DT)(DT)(DT)(DA)(DC)(DC)(DC)(DG)(DT)(DT)(DT)
(DA)(DA)(DT)(DG)(DG)(DA)(DA)(DA)(DC)(DT)(DT)(DC)(DC)(DT)(DC)(DA)(DT)(DG)(DA)(DA)
(DA)(DA)(DA)(DG)(DT)(DC)(DT)(DT)(DT)(DA)(DG)(DT)(DC)(DC)(DT)(DC)(DA)(DA)(DA)(DG)
(DC)(DC)(DT)(DC)(DT)(DG)(DT)(DA)(DG)(DC)(DC)(DG)(DT)(DT)(DG)(DC)(DT)(DA)(DC)(DC)
(DC)(DT)(DC)(DG)(DT)(DT)(DC)(DC)(DG)(DA)(DT)(DG)(DC)(DT)(DG)(DT)(DC)(DT)(DT)(DT)
(DC)(DG)(DC)(DT)(DG)(DC)(DT)(DG)(DA)(DG)(DG)(DG)(DT)(DG)(DA)(DC)(DG)(DA)(DT)(DC)
(DC)(DC)(DG)(DC)(DA)(DA)(DA)(DA)(DG)(DC)(DG)(DG)(DC)(DC)(DT)(DT)(DT)(DA)(DA)(DC)
(DT)(DC)(DC)(DC)(DT)(DG)(DC)(DA)(DA)(DG)(DC)(DC)(DT)(DC)(DA)(DG)(DC)(DG)(DA)(DC)
(DC)(DG)(DA)(DA)(DT)(DA)(DT)(DA)(DT)(DC)(DG)(DG)(DT)(DT)(DA)(DT)(DG)(DC)(DG)(DT)
(DG)(DG)(DG)(DC)(DG)(DA)(DT)(DG)(DG)(DT)(DT)(DG)(DT)(DT)(DG)(DT)(DC)(DA)(DT)(DT)
(DG)(DT)(DC)(DG)(DG)(DC)(DG)(DC)(DA)(DA)(DC)(DT)(DA)(DT)(DC)(DG)(DG)(DT)(DA)(DT)
(DC)(DA)(DA)(DG)(DC)(DT)(DG)(DT)(DT)(DT)(DA)(DA)(DG)(DA)(DA)(DA)(DT)(DT)(DC)(DA)
(DC)(DC)(DT)(DC)(DG)(DA)(DA)(DA)(DG)(DC)(DA)(DA)(DG)(DC)(DT)(DG)(DA)(DT)(DA)(DA)
(DA)(DC)(DC)(DG)(DA)(DT)(DA)(DC)(DA)(DA)(DT)(DT)(DA)(DA)(DA)(DG)(DG)(DC)(DT)(DC)
(DC)(DT)(DT)(DT)(DT)(DG)(DG)(DA)(DG)(DC)(DC)(DT)(DT)(DT)(DT)(DT)(DT)(DT)(DT)(DG)
(DG)(DA)(DG)(DA)(DT)(DT)(DT)(DT)(DC)(DA)(DA)(DC)(DG)(DT)(DG)(DA)(DA)(DA)(DA)(DA)
(DA)(DT)(DT)(DA)(DT)(DT)(DA)(DT)(DT)(DC)(DG)(DC)(DA)(DA)(DT)(DT)(DC)(DC)(DT)(DT)
(DT)(DA)(DG)(DT)(DT)(DG)(DT)(DT)(DC)(DC)(DT)(DT)(DT)(DC)(DT)(DA)(DT)(DT)(DC)(DT)
(DC)(DA)(DC)(DT)(DC)(DC)(DG)(DC)(DT)(DG)(DA)(DA)(DA)(DC)(DT)(DG)(DT)(DT)(DG)(DA)
(DA)(DA)(DG)(DT)(DT)(DG)(DT)(DT)(DT)(DA)(DG)(DC)(DA)(DA)(DA)(DA)(DT)(DC)(DC)(DC)
(DA)(DT)(DA)(DC)(DA)(DG)(DA)(DA)(DA)(DA)(DT)(DT)(DC)(DA)(DT)(DT)(DT)(DA)(DC)(DT)
(DA)(DA)(DC)(DG)(DT)(DC)(DT)(DG)(DG)(DA)(DA)(DA)(DG)(DA)(DC)(DG)(DA)(DC)(DA)(DA)
(DA)(DA)(DC)(DT)(DT)(DT)(DA)(DG)(DA)(DT)(DC)(DG)(DT)(DT)(DA)(DC)(DG)(DC)(DT)(DA)
(DA)(DC)(DT)(DA)(DT)(DG)(DA)(DG)(DG)(DG)(DC)(DT)(DG)(DT)(DC)(DT)(DG)(DT)(DG)(DG)
(DA)(DA)(DT)(DG)(DC)(DT)(DA)(DC)(DA)(DG)(DG)(DC)(DG)(DT)(DT)(DG)(DT)(DA)(DG)(DT)
(DT)(DT)(DG)(DT)(DA)(DC)(DT)(DG)(DG)(DT)(DG)(DA)(DC)(DG)(DA)(DA)(DA)(DC)(DT)(DC)
(DA)(DG)(DT)(DG)(DT)(DT)(DA)(DC)(DG)(DG)(DT)(DA)(DC)(DA)(DT)(DG)(DG)(DG)(DT)(DT)
(DC)(DC)(DT)(DA)(DT)(DT)(DG)(DG)(DG)(DC)(DT)(DT)(DG)(DC)(DT)(DA)(DT)(DC)(DC)(DC)
(DT)(DG)(DA)(DA)(DA)(DA)(DT)(DG)(DA)(DG)(DG)(DG)(DT)(DG)(DG)(DT)(DG)(DG)(DC)(DT)
(DC)(DT)(DG)(DA)(DG)(DG)(DG)(DT)(DG)(DG)(DC)(DG)(DG)(DT)(DT)(DC)(DT)(DG)(DA)(DG)
(DG)(DG)(DT)(DG)(DG)(DC)(DG)(DG)(DT)(DT)(DC)(DT)(DG)(DA)(DG)(DG)(DG)(DT)(DG)(DG)
(DC)(DG)(DG)(DT)(DA)(DC)(DT)(DA)(DA)(DA)(DC)(DC)(DT)(DC)(DC)(DT)(DG)(DA)(DG)(DT)
(DA)(DC)(DG)(DG)(DT)(DG)(DA)(DT)(DA)(DC)(DA)(DC)(DC)(DT)(DA)(DT)(DT)(DC)(DC)(DG)
(DG)(DG)(DC)(DT)(DA)(DT)(DA)(DC)(DT)(DT)(DA)(DT)(DA)(DT)(DC)(DA)(DA)(DC)(DC)(DC)
(DT)(DC)(DT)(DC)(DG)(DA)(DC)(DG)(DG)(DC)(DA)(DC)(DT)(DT)(DA)(DT)(DC)(DC)(DG)(DC)
(DC)(DT)(DG)(DG)(DT)(DA)(DC)(DT)(DG)(DA)(DG)(DC)(DA)(DA)(DA)(DA)(DC)(DC)(DC)(DC)
(DG)(DC)(DT)(DA)(DA)(DT)(DC)(DC)(DT)(DA)(DA)(DT)(DC)(DC)(DT)(DT)(DC)(DT)(DC)(DT)
(DT)(DG)(DA)(DG)(DG)(DA)(DG)(DT)(DC)(DT)(DC)(DA)(DG)(DC)(DC)(DT)(DC)(DT)(DT)(DA)
(DA)(DT)(DA)(DC)(DT)(DT)(DT)(DC)(DA)(DT)(DG)(DT)(DT)(DT)(DC)(DA)(DG)(DA)(DA)(DT)
(DA)(DA)(DT)(DA)(DG)(DG)(DT)(DT)(DC)(DC)(DG)(DA)(DA)(DA)(DT)(DA)(DG)(DG)(DC)(DA)
(DG)(DG)(DG)(DG)(DG)(DC)(DA)(DT)(DT)(DA)(DA)(DC)(DT)(DG)(DT)(DT)(DT)(DA)(DT)(DA)
(DC)(DG)(DG)(DG)(DC)(DA)(DC)(DT)(DG)(DT)(DT)(DA)(DC)(DT)(DC)(DA)(DA)(DG)(DG)(DC)
(DA)(DC)(DT)(DG)(DA)(DC)(DC)(DC)(DC)(DG)(DT)(DT)(DA)(DA)(DA)(DA)(DC)(DT)(DT)(DA)
(DT)(DT)(DA)(DC)(DC)(DA)(DG)(DT)(DA)(DC)(DA)(DC)(DT)(DC)(DC)(DT)(DG)(DT)(DA)(DT)
(DC)(DA)(DT)(DC)(DA)(DA)(DA)(DA)(DG)(DC)(DC)(DA)(DT)(DG)(DT)(DA)(DT)(DG)(DA)(DC)
(DG)(DC)(DT)(DT)(DA)(DC)(DT)(DG)(DG)(DA)(DA)(DC)(DG)(DG)(DT)(DA)(DA)(DA)(DT)(DT)
(DC)(DA)(DG)(DA)(DG)(DA)(DC)(DT)(DG)(DC)(DG)(DC)(DT)(DT)(DT)(DC)(DC)(DA)(DT)(DT)
(DC)(DT)(DG)(DG)(DC)(DT)(DT)(DT)(DA)(DA)(DT)(DG)(DA)(DG)(DG)(DA)(DT)(DT)(DT)(DA)
(DT)(DT)(DT)(DG)(DT)(DT)(DT)(DG)(DT)(DG)(DA)(DA)(DT)(DA)(DT)(DC)(DA)(DA)(DG)(DG)
(DC)(DC)(DA)(DA)(DT)(DC)(DG)(DT)(DC)(DT)(DG)(DA)(DC)(DC)(DT)(DG)(DC)(DC)(DT)(DC)
(DA)(DA)(DC)(DC)(DT)(DC)(DC)(DT)(DG)(DT)(DC)(DA)(DA)(DT)(DG)(DC)(DT)(DG)(DG)(DC)
(DG)(DG)(DC)(DG)(DG)(DC)(DT)(DC)(DT)(DG)(DG)(DT)(DG)(DG)(DT)(DG)(DG)(DT)(DT)(DC)
(DT)(DG)(DG)(DT)(DG)(DG)(DC)(DG)(DG)(DC)(DT)(DC)(DT)(DG)(DA)(DG)(DG)(DG)(DT)(DG)
(DG)(DT)(DG)(DG)(DC)(DT)(DC)(DT)(DG)(DA)(DG)(DG)(DG)(DT)(DG)(DG)(DC)(DG)(DG)(DT)
(DT)(DC)(DT)(DG)(DA)(DG)(DG)(DG)(DT)(DG)(DG)(DC)(DG)(DG)(DC)(DT)(DC)(DT)(DG)(DA)
(DG)(DG)(DG)(DA)(DG)(DG)(DC)(DG)(DG)(DT)(DT)(DC)(DC)(DG)(DG)(DT)(DG)(DG)(DT)(DG)
(DG)(DC)(DT)(DC)(DT)(DG)(DG)(DT)(DT)(DC)(DC)(DG)(DG)(DT)(DG)(DA)(DT)(DT)(DT)(DT)
(DG)(DA)(DT)(DT)(DA)(DT)(DG)(DA)(DA)(DA)(DA)(DG)(DA)(DT)(DG)(DG)(DC)(DA)(DA)(DA)
(DC)(DG)(DC)(DT)(DA)(DA)(DT)(DA)(DA)(DG)(DG)(DG)(DG)(DG)(DC)(DT)(DA)(DT)(DG)(DA)
(DC)(DC)(DG)(DA)(DA)(DA)(DA)(DT)(DG)(DC)(DC)(DG)(DA)(DT)(DG)(DA)(DA)(DA)(DA)(DC)
(DG)(DC)(DG)(DC)(DT)(DA)(DC)(DA)(DG)(DT)(DC)(DT)(DG)(DA)(DC)(DG)(DC)(DT)(DA)(DA)
(DA)(DG)(DG)(DC)(DA)(DA)(DA)(DC)(DT)(DT)(DG)(DA)(DT)(DT)(DC)(DT)(DG)(DT)(DC)(DG)
(DC)(DT)(DA)(DC)(DT)(DG)(DA)(DT)(DT)(DA)(DC)(DG)(DG)(DT)(DG)(DC)(DT)(DG)(DC)(DT)
(DA)(DT)(DC)(DG)(DA)(DT)(DG)(DG)(DT)(DT)(DT)(DC)(DA)(DT)(DT)(DG)(DG)(DT)(DG)(DA)
(DC)(DG)(DT)(DT)(DT)(DC)(DC)(DG)(DG)(DC)(DC)(DT)(DT)(DG)(DC)(DT)(DA)(DA)(DT)(DG)
(DG)(DT)(DA)(DA)(DT)(DG)(DG)(DT)(DG)(DC)(DT)(DA)(DC)(DT)(DG)(DG)(DT)(DG)(DA)(DT)
(DT)(DT)(DT)(DG)(DC)(DT)(DG)(DG)(DC)(DT)(DC)(DT)(DA)(DA)(DT)(DT)(DC)(DC)(DC)(DA)
(DA)(DA)(DT)(DG)(DG)(DC)(DT)(DC)(DA)(DA)(DG)(DT)(DC)(DG)(DG)(DT)(DG)(DA)(DC)(DG)
(DG)(DT)(DG)(DA)(DT)(DA)(DA)(DT)(DT)(DC)(DA)(DC)(DC)(DT)(DT)(DT)(DA)(DA)(DT)(DG)
(DA)(DA)(DT)(DA)(DA)(DT)(DT)(DT)(DC)(DC)(DG)(DT)(DC)(DA)(DA)(DT)(DA)(DT)(DT)(DT)
(DA)(DC)(DC)(DT)(DT)(DC)(DC)(DC)(DT)(DC)(DC)(DC)(DT)(DC)(DA)(DA)(DT)(DC)(DG)(DG)
(DT)(DT)(DG)(DA)(DA)(DT)(DG)(DT)(DC)(DG)(DC)(DC)(DC)(DT)(DT)(DT)(DT)(DG)(DT)(DC)
(DT)(DT)(DT)(DG)(DG)(DC)(DG)(DC)(DT)(DG)(DG)(DT)(DA)(DA)(DA)(DC)(DC)(DA)(DT)(DA)
(DT)(DG)(DA)(DA)(DT)(DT)(DT)(DT)(DC)(DT)(DA)(DT)(DT)(DG)(DA)(DT)(DT)(DG)(DT)(DG)
(DA)(DC)(DA)(DA)(DA)(DA)(DT)(DA)(DA)(DA)(DC)(DT)(DT)(DA)(DT)(DT)(DC)(DC)(DG)(DT)
(DG)(DG)(DT)(DG)(DT)(DC)(DT)(DT)(DT)(DG)(DC)(DG)(DT)(DT)(DT)(DC)(DT)(DT)(DT)(DT)
(DA)(DT)(DA)(DT)(DG)(DT)(DT)(DG)(DC)(DC)(DA)(DC)(DC)(DT)(DT)(DT)(DA)(DT)(DG)(DT)
(DA)(DT)(DG)(DT)(DA)(DT)(DT)(DT)(DT)(DC)(DT)(DA)(DC)(DG)(DT)(DT)(DT)(DG)(DC)(DT)
(DA)(DA)(DC)(DA)(DT)(DA)(DC)(DT)(DG)(DC)(DG)(DT)(DA)(DA)(DT)(DA)(DA)(DG)(DG)(DA)
(DG)(DT)(DC)(DT)(DT)(DA)(DA)(DT)(DC)(DA)(DT)(DG)(DC)(DC)(DA)(DG)(DT)(DT)(DC)(DT)
(DT)(DT)(DT)(DG)(DG)(DG)(DT)(DA)(DT)(DT)(DC)(DC)(DG)(DT)(DT)(DA)(DT)(DT)(DA)(DT)
(DT)(DG)(DC)(DG)(DT)(DT)(DT)(DC)(DC)(DT)(DC)(DG)(DG)(DT)(DT)(DT)(DC)(DC)(DT)(DT)
(DC)(DT)(DG)(DG)(DT)(DA)(DA)(DC)(DT)(DT)(DT)(DG)(DT)(DT)(DC)(DG)(DG)(DC)(DT)(DA)
(DT)(DC)(DT)(DG)(DC)(DT)(DT)(DA)(DC)(DT)(DT)(DT)(DT)(DC)(DT)(DT)(DA)(DA)(DA)(DA)
(DA)(DG)(DG)(DG)(DC)(DT)(DT)(DC)(DG)(DG)(DT)(DA)(DA)(DG)(DA)(DT)(DA)(DG)(DC)(DT)
(DA)(DT)(DT)(DG)(DC)(DT)(DA)(DT)(DT)(DT)(DC)(DA)(DT)(DT)(DG)(DT)(DT)(DT)(DC)(DT)
(DT)(DG)(DC)(DT)(DC)(DT)(DT)(DA)(DT)(DT)(DA)(DT)(DT)(DG)(DG)(DG)(DC)(DT)(DT)(DA)
(DA)(DC)(DT)(DC)(DA)(DA)(DT)(DT)(DC)(DT)(DT)(DG)(DT)(DG)(DG)(DG)(DT)(DT)(DA)(DT)
(DC)(DT)(DC)(DT)(DC)(DT)(DG)(DA)(DT)(DA)(DT)(DT)(DA)(DG)(DC)(DG)(DC)(DT)(DC)(DA)
(DA)(DT)(DT)(DA)(DC)(DC)(DC)(DT)(DC)(DT)(DG)(DA)(DC)(DT)(DT)(DT)(DG)(DT)(DT)(DC)
(DA)(DG)(DG)(DG)(DT)(DG)(DT)(DT)(DC)(DA)(DG)(DT)(DT)(DA)(DA)(DT)(DT)(DC)(DT)(DC)
(DC)(DC)(DG)(DT)(DC)(DT)(DA)(DA)(DT)(DG)(DC)(DG)(DC)(DT)(DT)(DC)(DC)(DC)(DT)(DG)
(DT)(DT)(DT)(DT)(DT)(DA)(DT)(DG)(DT)(DT)(DA)(DT)(DT)(DC)(DT)(DC)(DT)(DC)(DT)(DG)
(DT)(DA)(DA)(DA)(DG)(DG)(DC)(DT)(DG)(DC)(DT)(DA)(DT)(DT)(DT)(DT)(DC)(DA)(DT)(DT)
(DT)(DT)(DT)(DG)(DA)(DC)(DG)(DT)(DT)(DA)(DA)(DA)(DC)(DA)(DA)(DA)(DA)(DA)(DA)(DT)
(DC)(DG)(DT)(DT)(DT)(DC)(DT)(DT)(DA)(DT)(DT)(DT)(DG)(DG)(DA)(DT)(DT)(DG)(DG)(DG)
(DA)(DT)(DA)(DA)(DA)(DT)(DA)(DA)(DT)(DA)(DT)(DG)(DG)(DC)(DT)(DG)(DT)(DT)(DT)(DA)
(DT)(DT)(DT)(DT)(DG)(DT)(DA)(DA)(DC)(DT)(DG)(DG)(DC)(DA)(DA)(DA)(DT)(DT)(DA)(DG)
(DG)(DC)(DT)(DC)(DT)(DG)(DG)(DA)(DA)(DA)(DG)(DA)(DC)(DG)(DC)(DT)(DC)(DG)(DT)(DT)
(DA)(DG)(DC)(DG)(DT)(DT)(DG)(DG)(DT)(DA)(DA)(DG)(DA)(DT)(DT)(DC)(DA)(DG)(DG)(DA)
(DT)(DA)(DA)(DA)(DA)(DT)(DT)(DG)(DT)(DA)(DG)(DC)(DT)(DG)(DG)(DG)(DT)(DG)(DC)(DA)
(DA)(DA)(DA)(DT)(DA)(DG)(DC)(DA)(DA)(DC)(DT)(DA)(DA)(DT)(DC)(DT)(DT)(DG)(DA)(DT)
(DT)(DT)(DA)(DA)(DG)(DG)(DC)(DT)(DT)(DC)(DA)(DA)(DA)(DA)(DC)(DC)(DT)(DC)(DC)(DC)
(DG)(DC)(DA)(DA)(DG)(DT)(DC)(DG)(DG)(DG)(DA)(DG)(DG)(DT)(DT)(DC)(DG)(DC)(DT)(DA)
(DA)(DA)(DA)(DC)(DG)(DC)(DC)(DT)(DC)(DG)(DC)(DG)(DT)(DT)(DC)(DT)(DT)(DA)(DG)(DA)
(DA)(DT)(DA)(DC)(DC)(DG)(DG)(DA)(DT)(DA)(DA)(DG)(DC)(DC)(DT)(DT)(DC)(DT)(DA)(DT)
(DA)(DT)(DC)(DT)(DG)(DA)(DT)(DT)(DT)(DG)(DC)(DT)(DT)(DG)(DC)(DT)(DA)(DT)(DT)(DG)
(DG)(DG)(DC)(DG)(DC)(DG)(DG)(DT)(DA)(DA)(DT)(DG)(DA)(DT)(DT)(DC)(DC)(DT)(DA)(DC)
(DG)(DA)(DT)(DG)(DA)(DA)(DA)(DA)(DT)(DA)(DA)(DA)(DA)(DA)(DC)(DG)(DG)(DC)(DT)(DT)
(DG)(DC)(DT)(DT)(DG)(DT)(DT)(DC)(DT)(DC)(DG)(DA)(DT)(DG)(DA)(DG)(DT)(DG)(DC)(DG)
(DG)(DT)(DA)(DC)(DT)(DT)(DG)(DG)(DT)(DT)(DT)(DA)(DA)(DT)(DA)(DC)(DC)(DC)(DG)(DT)
(DT)(DC)(DT)(DT)(DG)(DG)(DA)(DA)(DT)(DG)(DA)(DT)(DA)(DA)(DG)(DG)(DA)(DA)(DA)(DG)
(DA)(DC)(DA)(DG)(DC)(DC)(DG)(DA)(DT)(DT)(DA)(DT)(DT)(DG)(DA)(DT)(DT)(DG)(DG)(DT)
(DT)(DT)(DC)(DT)(DA)(DC)(DA)(DT)(DG)(DC)(DT)(DC)(DG)(DT)(DA)(DA)(DA)(DT)(DT)(DA)
(DG)(DG)(DA)(DT)(DG)(DG)(DG)(DA)(DT)(DA)(DT)(DT)(DA)(DT)(DT)(DT)(DT)(DT)(DC)(DT)
(DT)(DG)(DT)(DT)(DC)(DA)(DG)(DG)(DA)(DC)(DT)(DT)(DA)(DT)(DC)(DT)(DA)(DT)(DT)(DG)
(DT)(DT)(DG)(DA)(DT)(DA)(DA)(DA)(DC)(DA)(DG)(DG)(DC)(DG)(DC)(DG)(DT)(DT)(DC)(DT)
(DG)(DC)(DA)(DT)(DT)(DA)(DG)(DC)(DT)(DG)(DA)(DA)(DC)(DA)(DT)(DG)(DT)(DT)(DG)(DT)
(DT)(DT)(DA)(DT)(DT)(DG)(DT)(DC)(DG)(DT)(DC)(DG)(DT)(DC)(DT)(DG)(DG)(DA)(DC)(DA)
(DG)(DA)(DA)(DT)(DT)(DA)(DC)(DT)(DT)(DT)(DA)(DC)(DC)(DT)(DT)(DT)(DT)(DG)(DT)(DC)
(DG)(DG)(DT)(DA)(DC)(DT)(DT)(DT)(DA)(DT)(DA)(DT)(DT)(DC)(DT)(DC)(DT)(DT)(DA)(DT)
(DT)(DA)(DC)(DT)(DG)(DG)(DC)(DT)(DC)(DG)(DA)(DA)(DA)(DA)(DT)(DG)(DC)(DC)(DT)(DC)
(DT)(DG)(DC)(DC)(DT)(DA)(DA)(DA)(DT)(DT)(DA)(DC)(DA)(DT)(DG)(DT)(DT)(DG)(DG)(DC)
(DG)(DT)(DT)(DG)(DT)(DT)(DA)(DA)(DA)(DT)(DA)(DT)(DG)(DG)(DC)(DG)(DA)(DT)(DT)(DC)
(DT)(DC)(DA)(DA)(DT)(DT)(DA)(DA)(DG)(DC)(DC)(DC)(DT)(DA)(DC)(DT)(DG)(DT)(DT)(DG)
(DA)(DG)(DC)(DG)(DT)(DT)(DG)(DG)(DC)(DT)(DT)(DT)(DA)(DT)(DA)(DC)(DT)(DG)(DG)(DT)
(DA)(DA)(DG)(DA)(DA)(DT)(DT)(DT)(DG)(DT)(DA)(DT)(DA)(DA)(DC)(DG)(DC)(DA)(DT)(DA)
(DT)(DG)(DA)(DT)(DA)(DC)(DT)(DA)(DA)(DA)(DC)(DA)(DG)(DG)(DC)(DT)(DT)(DT)(DT)(DT)
(DC)(DT)(DA)(DG)(DT)(DA)(DA)(DT)(DT)(DA)(DT)(DG)(DA)(DT)(DT)(DC)(DC)(DG)(DG)(DT)
(DG)(DT)(DT)(DT)(DA)(DT)(DT)(DC)(DT)(DT)(DA)(DT)(DT)(DT)(DA)(DA)(DC)(DG)(DC)(DC)
(DT)(DT)(DA)(DT)(DT)(DT)(DA)(DT)(DC)(DA)(DC)(DA)(DC)(DG)(DG)(DT)(DC)(DG)(DG)(DT)
(DA)(DT)(DT)(DT)(DC)(DA)(DA)(DA)(DC)(DC)(DA)(DT)(DT)(DA)(DA)(DA)(DT)(DT)(DT)(DA)
(DG)(DG)(DT)(DC)(DA)(DG)(DA)(DA)(DG)(DA)(DT)(DG)(DA)(DA)(DA)(DT)(DT)(DA)(DA)(DC)
(DT)(DA)(DA)(DA)(DA)(DT)(DA)(DT)(DA)(DT)(DT)(DT)(DG)(DA)(DA)(DA)(DA)(DA)(DG)(DT)
(DT)(DT)(DT)(DC)(DT)(DC)(DG)(DC)(DG)(DT)(DT)(DC)(DT)(DT)(DT)(DG)(DT)(DC)(DT)(DT)
(DG)(DC)(DG)(DA)(DT)(DT)(DG)(DG)(DA)(DT)(DT)(DT)(DG)(DC)(DA)(DT)(DC)(DA)(DG)(DC)
(DA)(DT)(DT)(DT)(DA)(DC)(DA)(DT)(DA)(DT)(DA)(DG)(DT)(DT)(DA)(DT)(DA)(DT)(DA)(DA)
(DC)(DC)(DC)(DA)(DA)(DC)(DC)(DT)(DA)(DA)(DG)(DC)(DC)(DG)(DG)(DA)(DG)(DG)(DT)(DT)
(DA)(DA)(DA)(DA)(DA)(DG)(DG)(DT)(DA)(DG)(DT)(DC)(DT)(DC)(DT)(DC)(DA)(DG)(DA)(DC)
(DC)(DT)(DA)(DT)(DG)(DA)(DT)(DT)(DT)(DT)(DG)(DA)(DT)(DA)(DA)(DA)(DT)(DT)(DC)(DA)
(DC)(DT)(DA)(DT)(DT)(DG)(DA)(DC)(DT)(DC)(DT)(DT)(DC)(DT)(DC)(DA)(DG)(DC)(DG)(DT)
(DC)(DT)(DT)(DA)(DA)(DT)(DC)(DT)(DA)(DA)(DG)(DC)(DT)(DA)(DT)(DC)(DG)(DC)(DT)(DA)
(DT)(DG)(DT)(DT)(DT)(DT)(DC)(DA)(DA)(DG)(DG)(DA)(DT)(DT)(DC)(DT)(DA)(DA)(DG)(DG)
(DG)(DA)(DA)(DA)(DA)(DT)(DT)(DA)(DA)(DT)(DT)(DA)(DA)(DT)(DA)(DG)(DC)(DG)(DA)(DC)
(DG)(DA)(DT)(DT)(DT)(DA)(DC)(DA)(DG)(DA)(DA)(DG)(DC)(DA)(DA)(DG)(DG)(DT)(DT)(DA)
(DT)(DT)(DC)(DA)(DC)(DT)(DC)(DA)(DC)(DA)(DT)(DA)(DT)(DA)(DT)(DT)(DG)(DA)(DT)(DT)
(DT)(DA)(DT)(DG)(DT)(DA)(DC)(DT)(DG)(DT)(DT)(DT)(DC)(DC)(DA)(DT)(DT)(DA)(DA)(DA)
(DA)(DA)(DA)(DG)(DG)(DT)(DA)(DA)(DT)(DT)(DC)(DA)(DA)(DA)(DT)(DG)(DA)(DA)(DA)(DT)
(DT)(DG)(DT)(DT)(DA)(DA)(DA)(DT)(DG)(DT)(DA)(DA)(DT)(DT)(DA)(DA)(DT)(DT)(DT)(DT)
(DG)(DT)(DT)(DT)(DT)(DC)(DT)(DT)(DG)(DA)(DT)(DG)(DT)(DT)(DT)(DG)(DT)(DT)(DT)(DC)
(DA)(DT)(DC)(DA)(DT)(DC)(DT)(DT)(DC)(DT)(DT)(DT)(DT)(DG)(DC)(DT)(DC)(DA)(DG)(DG)
(DT)(DA)(DA)(DT)(DT)(DG)(DA)(DA)(DA)(DT)(DG)(DA)(DA)(DT)(DA)(DA)(DT)(DT)(DC)(DG)
(DC)(DC)(DT)(DC)(DT)(DG)(DC)(DG)(DC)(DG)(DA)(DT)(DT)(DT)(DT)(DG)(DT)(DA)(DA)(DC)
(DT)(DT)(DG)(DG)(DT)(DA)(DT)(DT)(DC)(DA)(DA)(DA)(DG)(DC)(DA)(DA)(DT)(DC)(DA)(DG)
(DG)(DC)(DG)(DA)(DA)(DT)(DC)(DC)(DG)(DT)(DT)(DA)(DT)(DT)(DG)(DT)(DT)(DT)(DC)(DT)
(DC)(DC)(DC)(DG)(DA)(DT)(DG)(DT)(DA)(DA)(DA)(DA)(DG)(DG)(DT)(DA)(DC)(DT)(DG)(DT)
(DT)(DA)(DC)(DT)(DG)(DT)(DA)(DT)(DA)(DT)(DT)(DC)(DA)(DT)(DC)(DT)(DG)(DA)(DC)(DG)
(DT)(DT)(DA)(DA)(DA)(DC)(DC)(DT)(DG)(DA)(DA)(DA)(DA)(DT)(DC)(DT)(DA)(DC)(DG)(DC)
(DA)(DA)(DT)(DT)(DT)(DC)(DT)(DT)(DT)(DA)(DT)(DT)(DT)(DC)(DT)(DG)(DT)(DT)(DT)(DT)
(DA)(DC)(DG)(DT)(DG)(DC)(DA)(DA)(DA)(DT)(DA)(DA)(DT)(DT)(DT)(DT)(DG)(DA)(DT)(DA)
(DT)(DG)(DG)(DT)(DA)(DG)(DG)(DT)(DT)(DC)(DT)(DA)(DA)(DC)(DC)(DC)(DT)(DT)(DC)(DC)
(DA)(DT)(DT)(DA)(DT)(DT)(DC)(DA)(DG)(DA)(DA)(DG)(DT)(DA)(DT)(DA)(DA)(DT)(DC)(DC)
(DA)(DA)(DA)(DC)(DA)(DA)(DT)(DC)(DA)(DG)(DG)(DA)(DT)(DT)(DA)(DT)(DA)(DT)(DT)(DG)
(DA)(DT)(DG)(DA)(DA)(DT)(DT)(DG)(DC)(DC)(DA)(DT)(DC)(DA)(DT)(DC)(DT)(DG)(DA)(DT)
(DA)(DA)(DT)(DC)(DA)(DG)(DG)(DA)(DA)(DT)(DA)(DT)(DG)(DA)(DT)(DG)(DA)(DT)(DA)(DA)
(DT)(DT)(DC)(DC)(DG)(DC)(DT)(DC)(DC)(DT)(DT)(DC)(DT)(DG)(DG)(DT)(DG)(DG)(DT)(DT)
(DT)(DC)(DT)(DT)(DT)(DG)(DT)(DT)(DC)(DC)(DG)(DC)(DA)(DA)(DA)(DA)(DT)(DG)(DA)(DT)
(DA)(DA)(DT)(DG)(DT)(DT)(DA)(DC)(DT)(DC)(DA)(DA)(DA)(DC)(DT)(DT)(DT)(DT)(DA)(DA)
(DA)(DA)(DT)(DT)(DA)(DA)(DT)(DA)(DA)(DC)(DG)(DT)(DT)(DC)(DG)(DG)(DG)(DC)(DA)(DA)
(DA)(DG)(DG)(DA)(DT)(DT)(DT)(DA)(DA)(DT)(DA)(DC)(DG)(DA)(DG)(DT)(DT)(DG)(DT)(DC)
(DG)(DA)(DA)(DT)(DT)(DG)(DT)(DT)(DT)(DG)(DT)(DA)(DA)(DA)(DG)(DT)(DC)(DT)(DA)(DA)
(DT)(DA)(DC)(DT)(DT)(DC)(DT)(DA)(DA)(DA)(DT)(DC)(DC)(DT)(DC)(DA)(DA)(DA)(DT)(DG)
(DT)(DA)(DT)(DT)(DA)(DT)(DC)(DT)(DA)(DT)(DT)(DG)(DA)(DC)(DG)(DG)(DC)(DT)(DC)(DT)
(DA)(DA)(DT)(DC)(DT)(DA)(DT)(DT)(DA)(DG)(DT)(DT)(DG)(DT)(DT)(DA)(DG)(DT)(DG)(DC)
(DT)(DC)(DC)(DT)(DA)(DA)(DA)(DG)(DA)(DT)(DA)(DT)(DT)(DT)(DT)(DA)(DG)(DA)(DT)(DA)
(DA)(DC)(DC)(DT)(DT)(DC)(DC)(DT)(DC)(DA)(DA)(DT)(DT)(DC)(DC)(DT)(DT)(DT)(DC)(DA)
(DA)(DC)(DT)(DG)(DT)(DT)(DG)(DA)(DT)(DT)(DT)(DG)(DC)(DC)(DA)(DA)(DC)(DT)(DG)(DA)
(DC)(DC)(DA)(DG)(DA)(DT)(DA)(DT)(DT)(DG)(DA)(DT)(DT)(DG)(DA)(DG)(DG)(DG)(DT)(DT)
(DT)(DG)(DA)(DT)(DA)(DT)(DT)(DT)(DG)(DA)(DG)(DG)(DT)(DT)(DC)(DA)(DG)(DC)(DA)(DA)
(DG)(DG)(DT)(DG)(DA)(DT)(DG)(DC)(DT)(DT)(DT)(DA)(DG)(DA)(DT)(DT)(DT)(DT)(DT)(DC)
(DA)(DT)(DT)(DT)(DG)(DC)(DT)(DG)(DC)(DT)(DG)(DG)(DC)(DT)(DC)(DT)(DC)(DA)(DG)(DC)
(DG)(DT)(DG)(DG)(DC)(DA)(DC)(DT)(DG)(DT)(DT)(DG)(DC)(DA)(DG)(DG)(DC)(DG)(DG)(DT)
(DG)(DT)(DT)(DA)(DA)(DT)(DA)(DC)(DT)(DG)(DA)(DC)(DC)(DG)(DC)(DC)(DT)(DC)(DA)(DC)
(DC)(DT)(DC)(DT)(DG)(DT)(DT)(DT)(DT)(DA)(DT)(DC)(DT)(DT)(DC)(DT)(DG)(DC)(DT)(DG)
(DG)(DT)(DG)(DG)(DT)(DT)(DC)(DG)(DT)(DT)(DC)(DG)(DG)(DT)(DA)(DT)(DT)(DT)(DT)(DT)
(DA)(DA)(DT)(DG)(DG)(DC)(DG)(DA)(DT)(DG)(DT)(DT)(DT)(DT)(DA)(DG)(DG)(DG)(DC)(DT)
(DA)(DT)(DC)(DA)(DG)(DT)(DT)(DC)(DG)(DC)(DG)(DC)(DA)(DT)(DT)(DA)(DA)(DA)(DG)(DA)
(DC)(DT)(DA)(DA)(DT)(DA)(DG)(DC)(DC)(DA)(DT)(DT)(DC)(DA)(DA)(DA)(DA)(DA)(DT)(DA)
(DT)(DT)(DG)(DT)(DC)(DT)(DG)(DT)(DG)(DC)(DC)(DA)(DC)(DG)(DT)(DA)(DT)(DT)(DC)(DT)
(DT)(DA)(DC)(DG)(DC)(DT)(DT)(DT)(DC)(DA)(DG)(DG)(DT)(DC)(DA)(DG)(DA)(DA)(DG)(DG)
(DG)(DT)(DT)(DC)(DT)(DA)(DT)(DC)(DT)(DC)(DT)(DG)(DT)(DT)(DG)(DG)(DC)(DC)(DA)(DG)
(DA)(DA)(DT)(DG)(DT)(DC)(DC)(DC)(DT)(DT)(DT)(DT)(DA)(DT)(DT)(DA)(DC)(DT)(DG)(DG)
(DT)(DC)(DG)(DT)(DG)(DT)(DG)(DA)(DC)(DT)(DG)(DG)(DT)(DG)(DA)(DA)(DT)(DC)(DT)(DG)
(DC)(DC)(DA)(DA)(DT)(DG)(DT)(DA)(DA)(DA)(DT)(DA)(DA)(DT)(DC)(DC)(DA)(DT)(DT)(DT)
(DC)(DA)(DG)(DA)(DC)(DG)(DA)(DT)(DT)(DG)(DA)(DG)(DC)(DG)(DT)(DC)(DA)(DA)(DA)(DA)
(DT)(DG)(DT)(DA)(DG)(DG)(DT)(DA)(DT)(DT)(DT)(DC)(DC)(DA)(DT)(DG)(DA)(DG)(DC)(DG)
(DT)(DT)(DT)(DT)(DT)(DC)(DC)(DT)(DG)(DT)(DT)(DG)(DC)(DA)(DA)(DT)(DG)(DG)(DC)(DT)
(DG)(DG)(DC)(DG)(DG)(DT)(DA)(DA)(DT)(DA)(DT)(DT)(DG)(DT)(DT)(DC)(DT)(DG)(DG)(DA)
(DT)(DA)(DT)(DT)(DA)(DC)(DC)(DA)(DG)(DC)(DA)(DA)(DG)(DG)(DC)(DC)(DG)(DA)(DT)(DA)
(DG)(DT)(DT)(DT)(DG)(DA)(DG)(DT)(DT)(DC)(DT)(DT)(DC)(DT)(DA)(DC)(DT)(DC)(DA)(DG)
(DG)(DC)(DA)(DA)(DG)(DT)(DG)(DA)(DT)(DG)(DT)(DT)(DA)(DT)(DT)(DA)(DC)(DT)(DA)(DA)
(DT)(DC)(DA)(DA)(DA)(DG)(DA)(DA)(DG)(DT)(DA)(DT)(DT)(DG)(DC)(DT)(DA)(DC)(DA)(DA)
(DC)(DG)(DG)(DT)(DT)(DA)(DA)(DT)(DT)(DT)(DG)(DC)(DG)(DT)(DG)(DA)(DT)(DG)(DG)(DA)
(DC)(DA)(DG)(DA)(DC)(DT)(DC)(DT)(DT)(DT)(DT)(DA)(DC)(DT)(DC)(DG)(DG)(DT)(DG)(DG)
(DC)(DC)(DT)(DC)(DA)(DC)(DT)(DG)(DA)(DT)(DT)(DA)(DT)(DA)(DA)(DA)(DA)(DA)(DC)(DA)
(DC)(DT)(DT)(DC)(DT)(DC)(DA)(DG)(DG)(DA)(DT)(DT)(DC)(DT)(DG)(DG)(DC)(DG)(DT)(DA)
(DC)(DC)(DG)(DT)(DT)(DC)(DC)(DT)(DG)(DT)(DC)(DT)(DA)(DA)(DA)(DA)(DT)(DC)(DC)(DC)
(DT)(DT)(DT)(DA)(DA)(DT)(DC)(DG)(DG)(DC)(DC)(DT)(DC)(DC)(DT)(DG)(DT)(DT)(DT)(DA)
(DG)(DC)(DT)(DC)(DC)(DC)(DG)(DC)(DT)(DC)(DT)(DG)(DA)(DT)(DT)(DC)(DT)(DA)(DA)(DC)
(DG)(DA)(DG)(DG)(DA)(DA)(DA)(DG)(DC)(DA)(DC)(DG)(DT)(DT)(DA)(DT)(DA)(DC)(DG)(DT)
(DG)(DC)(DT)(DC)(DG)(DT)(DC)(DA)(DA)(DA)(DG)(DC)(DA)(DA)(DC)(DC)(DA)(DT)(DA)(DG)
(DT)(DA)(DC)(DG)(DC)(DG)(DC)(DC)(DC)(DT)(DG)(DT)(DA)(DG)(DC)(DG)(DG)(DC)(DG)(DC)
(DA)(DT)(DT)(DA)(DA)(DG)(DC)(DG)(DC)(DG)(DG)(DC)(DG)(DG)(DG)(DT)(DG)(DT)(DG)(DG)
(DT)(DG)(DG)(DT)(DT)(DA)(DC)(DG)(DC)(DG)(DC)(DA)(DG)(DC)(DG)(DT)(DG)(DA)(DC)(DC)
(DG)(DC)(DT)(DA)(DC)(DA)(DC)(DT)(DT)(DG)(DC)(DC)(DA)(DG)(DC)(DG)(DC)(DC)(DC)(DT)
(DA)(DG)(DC)(DG)(DC)(DC)(DC)(DG)(DC)(DT)(DC)(DC)(DT)(DT)(DT)(DC)(DG)(DC)(DT)(DT)
(DT)(DC)(DT)(DT)(DC)(DC)(DC)(DT)(DT)(DC)(DC)(DT)(DT)(DT)(DC)(DT)(DC)(DG)(DC)(DC)
(DA)(DC)(DG)(DT)(DT)(DC)(DG)(DC)(DC)(DG)(DG)(DC)(DT)(DT)(DT)(DC)(DC)(DC)(DC)(DG)
(DT)(DC)(DA)(DA)(DG)(DC)(DT)(DC)(DT)(DA)(DA)(DA)(DT)(DC)(DG)(DG)(DG)(DG)(DG)(DC)
(DT)(DC)(DC)(DC)(DT)(DT)(DT)(DA)(DG)(DG)(DG)(DT)(DT)(DC)(DC)(DG)(DA)(DT)(DT)(DT)
(DA)(DG)(DT)(DG)(DC)(DT)(DT)(DT)(DA)(DC)(DG)(DG)(DC)(DA)(DC)(DC)(DT)(DC)(DG)(DA)
(DC)(DC)(DC)(DC)(DA)(DA)(DA)(DA)(DA)(DA)(DC)(DT)(DT)(DG)(DA)(DT)(DT)(DT)(DG)(DG)
(DG)(DT)(DG)(DA)(DT)(DG)(DG)(DT)(DT)(DC)(DA)(DC)(DG)(DT)(DA)(DG)(DT)(DG)(DG)(DG)
(DC)(DC)(DA)(DT)(DC)(DG)(DC)(DC)(DC)(DT)(DG)(DA)(DT)(DA)(DG)(DA)(DC)(DG)(DG)(DT)
(DT)(DT)(DT)(DT)(DC)(DG)(DC)(DC)(DC)(DT)(DT)(DT)(DG)(DA)(DC)(DG)(DT)(DT)(DG)(DG)
(DA)(DG)(DT)(DC)(DC)(DA)(DC)(DG)(DT)(DT)(DC)(DT)(DT)(DT)(DA)(DA)(DT)(DA)(DG)(DT)
(DG)(DG)(DA)(DC)(DT)(DC)(DT)(DT)(DG)(DT)(DT)(DC)(DC)(DA)(DA)(DA)(DC)(DT)(DG)(DG)
(DA)(DA)(DC)(DA)(DA)(DC)(DA)(DC)(DT)(DC)(DA)(DA)(DC)(DC)(DC)(DT)(DA)(DT)(DC)(DT)
(DC)(DG)(DG)(DG)(DC)(DT)(DA)(DT)(DT)(DC)(DT)(DT)(DT)(DT)(DG)(DA)(DT)(DT)(DT)(DA)
(DT)(DA)(DA)(DG)(DG)(DG)(DA)(DT)(DT)(DT)(DT)(DG)(DC)(DC)(DG)(DA)(DT)(DT)(DT)(DC)
(DG)(DG)(DA)(DA)(DC)(DC)(DA)(DC)(DC)(DA)(DT)(DC)(DA)(DA)(DA)(DC)(DA)(DG)(DG)(DA)
(DT)(DT)(DT)(DT)(DC)(DG)(DC)(DC)(DT)(DG)(DC)(DT)(DG)(DG)(DG)(DG)(DC)(DA)(DA)(DA)
(DC)(DC)(DA)(DG)(DC)(DG)(DT)(DG)(DG)(DA)(DC)(DC)(DG)(DC)(DT)(DT)(DG)(DC)(DT)(DG)
(DC)(DA)(DA)(DC)(DT)(DC)(DT)(DC)(DT)(DC)(DA)(DG)(DG)(DG)(DC)(DC)(DA)(DG)(DG)(DC)
(DG)(DG)(DT)(DG)(DA)(DA)(DG)(DG)(DG)(DC)(DA)(DA)(DT)(DC)(DA)(DG)(DC)(DT)(DG)(DT)
(DT)(DG)(DC)(DC)(DC)(DG)(DT)(DC)(DT)(DC)(DA)(DC)(DT)(DG)(DG)(DT)(DG)(DA)(DA)(DA)
(DA)(DG)(DA)(DA)(DA)(DA)(DA)(DC)(DC)(DA)(DC)(DC)(DC)(DT)(DG)(DG)(DC)(DG)(DC)(DC)
(DC)(DA)(DA)(DT)(DA)(DC)(DG)(DC)(DA)(DA)(DA)(DC)(DC)(DG)(DC)(DC)(DT)(DC)(DT)(DC)
(DC)(DC)(DC)(DG)(DC)(DG)(DC)(DG)(DT)(DT)(DG)(DG)(DC)(DC)(DG)(DA)(DT)(DT)(DC)(DA)
(DT)(DT)(DA)(DA)(DT)(DG)(DC)(DA)(DG)(DC)(DT)(DG)(DG)(DC)(DA)(DC)(DG)(DA)(DC)(DA)
(DG)(DG)(DT)(DT)(DT)(DC)(DC)(DC)(DG)(DA)(DC)(DT)(DG)(DG)(DA)(DA)(DA)(DG)(DC)(DG)
(DG)(DG)(DC)(DA)(DG)(DT)(DG)(DA)(DG)(DC)(DG)(DC)(DA)(DA)(DC)(DG)(DC)(DA)(DA)(DT)
(DT)(DA)(DA)(DT)(DG)(DT)(DG)(DA)(DG)(DT)(DT)(DA)(DG)(DC)(DT)(DC)(DA)(DC)(DT)(DC)
(DA)(DT)(DT)(DA)(DG)(DG)(DC)(DA)(DC)(DC)(DC)(DC)(DA)(DG)(DG)(DC)(DT)(DT)(DT)(DA)
(DC)(DA)(DC)(DT)(DT)(DT)(DA)(DT)(DG)(DC)(DT)(DT)(DC)(DC)(DG)(DG)(DC)(DT)(DC)(DG)
(DT)(DA)(DT)(DG)(DT)(DT)(DG)(DT)(DG)(DT)(DG)(DG)(DA)(DA)(DT)(DT)(DG)(DT)(DG)(DA)
(DG)(DC)(DG)(DG)(DA)(DT)(DA)(DA)(DC)(DA)(DA)(DT)(DT)(DT)(DC)(DA)(DC)(DA)(DC)(DA)
(DG)(DG)(DA)(DA)(DA)(DC)(DA)(DG)(DC)(DT)(DA)(DT)(DG)(DA)(DC)(DC)(DA)(DT)(DG)(DA)
(DT)(DT)(DA)(DC)(DG)(DA)(DA)(DT)(DT)(DC)(DG)(DA)(DG)(DC)(DT)(DC)(DG)(DG)(DT)(DA)
(DC)(DC)(DC)(DG)(DG)(DG)(DG)(DA)(DT)(DC)(DC)(DT)(DC)(DC)(DG)(DT)(DC)(DT)(DT)(DT)
(DA)(DT)(DC)(DG)(DA)(DG)(DG)(DT)(DA)(DA)(DC)(DA)(DA)(DG)(DC)(DA)(DC)(DC)(DA)(DC)
(DG)(DT)(DA)(DG)(DC)(DT)(DT)(DA)(DA)(DG)(DC)(DC)(DC)(DT)(DG)(DT)(DT)(DT)(DA)(DC)
(DT)(DC)(DA)(DT)(DT)(DA)(DC)(DA)(DC)(DC)(DA)(DA)(DC)(DC)(DA)(DG)(DG)(DA)(DG)(DG)
(DT)(DC)(DA)(DG)(DA)(DG)(DT)(DT)(DC)(DG)(DG)(DA)(DG)(DA)(DA)(DA)(DT)(DG)(DA)(DT)
(DT)(DT)(DA)(DT)(DG)(DT)(DG)(DA)(DA)(DA)(DT)(DG)(DC)(DG)(DT)(DC)(DA)(DG)(DC)(DC)
(DG)(DA)(DT)(DT)(DC)(DA)(DA)(DG)(DG)(DC)(DC)(DC)(DC)(DT)(DA)(DT)(DA)(DT)(DT)(DC)
(DG)(DT)(DG)(DC)(DC)(DC)(DA)(DC)(DC)(DG)(DA)(DC)(DG)(DA)(DG)(DT)(DT)(DG)(DC)(DT)
(DT)(DA)(DC)(DA)(DG)(DA)(DT)(DG)(DG)(DC)(DA)(DG)(DG)(DG)(DC)(DC)(DG)(DC)(DA)(DC)
(DT)(DG)(DT)(DC)(DG)(DG)(DT)(DA)(DT)(DC)(DA)(DT)(DA)(DG)(DA)(DG)(DT)(DC)(DA)(DC)
(DT)(DC)(DC)(DA)(DG)(DG)(DG)(DC)(DG)(DA)(DG)(DC)(DG)(DT)(DA)(DA)(DA)(DT)(DA)(DG)
(DA)(DT)(DT)(DA)(DG)(DA)(DA)(DG)(DC)(DG)(DG)(DG)(DG)(DT)(DT)(DA)(DT)(DT)(DT)(DT)
(DG)(DG)(DC)(DG)(DG)(DG)(DA)(DC)(DA)(DT)(DT)(DG)(DT)(DC)(DA)(DT)(DA)(DA)(DG)(DG)
(DT)(DT)(DG)(DA)(DC)(DA)(DA)(DT)(DT)(DC)(DA)(DG)(DC)(DA)(DC)(DT)(DA)(DA)(DG)(DG)
(DA)(DC)(DA)(DC)(DT)(DT)(DA)(DA)(DG)(DT)(DC)(DG)(DT)(DG)(DC)(DG)(DC)(DA)(DT)(DG)
(DA)(DA)(DT)(DT)(DC)(DA)(DC)(DA)(DA)(DC)(DC)(DA)(DC)(DT)(DT)(DA)(DG)(DA)(DA)(DG)
(DA)(DA)(DC)(DA)(DT)(DC)(DC)(DA)(DC)(DC)(DC)(DT)(DG)(DG)(DC)(DT)(DT)(DC)(DT)(DC)
(DC)(DT)(DG)(DA)(DG)(DA)(DA)(DA)(DG)(DC)(DT)(DT)(DG)(DG)(DC)(DA)(DC)(DT)(DG)(DG)
(DC)(DC)(DG)(DT)(DC)(DG)(DT)(DT)(DT)(DT)(DA)(DC)(DA)(DA)(DC)(DG)(DT)(DC)(DG)(DT)
(DG)(DA)(DC)(DT)(DG)(DG)(DG)(DA)(DA)(DA)(DA)(DC)(DC)(DC)(DT)(DG)(DG)(DC)(DG)(DT)
(DT)(DA)(DC)(DC)(DC)(DA)(DA)(DC)(DT)(DT)(DA)(DA)(DT)(DC)(DG)(DC)(DC)(DT)(DT)(DG)
(DC)(DA)(DG)(DC)(DA)(DC)(DA)(DT)(DC)(DC)(DC)(DC)(DC)(DT)(DT)(DT)(DC)(DG)(DC)(DC)
(DA)(DG)(DC)(DT)(DG)(DG)(DC)(DG)(DT)(DA)(DA)(DT)(DA)(DG)(DC)(DG)(DA)(DA)(DG)(DA)
(DG)(DG)(DC)(DC)(DC)(DG)(DC)(DA)(DC)(DC)(DG)(DA)(DT)(DC)(DG)(DC)(DC)(DC)(DT)(DT)
(DC)(DC)(DC)(DA)(DA)(DC)(DA)(DG)(DT)(DT)(DG)(DC)(DG)(DC)(DA)(DG)(DC)(DC)(DT)(DG)
(DA)(DA)(DT)(DG)(DG)(DC)(DG)(DA)(DA)(DT)(DG)(DG)(DC)(DG)(DC)(DT)(DT)(DT)(DG)(DC)
(DC)(DT)(DG)(DG)(DT)(DT)(DT)(DC)(DC)(DG)(DG)(DC)(DA)(DC)(DC)(DA)(DG)(DA)(DA)(DG)
(DC)(DG)(DG)(DT)(DG)(DC)(DC)(DG)(DG)(DA)(DA)(DA)(DG)(DC)(DT)(DG)(DG)(DC)(DT)(DG)
(DG)(DA)(DG)(DT)(DG)(DC)(DG)(DA)(DT)(DC)(DT)(DT)(DC)(DC)(DT)(DG)(DA)(DG)(DG)(DC)
(DC)(DG)(DA)(DT)(DA)(DC)(DT)(DG)(DT)(DC)(DG)(DT)(DC)(DG)(DT)(DC)(DC)(DC)(DC)(DT)
(DC)(DA)(DA)(DA)(DC)(DT)(DG)(DG)(DC)(DA)(DG)(DA)(DT)(DG)(DC)(DA)(DC)(DG)(DG)(DT)
(DT)(DA)(DC)(DG)(DA)(DT)(DG)(DC)(DG)(DC)(DC)(DC)(DA)(DT)(DC)(DT)(DA)(DC)(DA)(DC)
(DC)(DA)(DA)(DC)(DG)(DT)(DG)(DA)(DC)(DC)(DT)(DA)(DT)(DC)(DC)(DC)(DA)(DT)(DT)(DA)
(DC)(DG)(DG)(DT)(DC)(DA)(DA)(DT)(DC)(DC)(DG)(DC)(DC)(DG)(DT)(DT)(DT)(DG)(DT)(DT)
(DC)(DC)(DC)(DA)(DC)(DG)(DG)(DA)(DG)(DA)(DA)(DT)(DC)(DC)(DG)(DA)(DC)(DG)(DG)(DG)
(DT)(DT)(DG)(DT)(DT)(DA)(DC)(DT)(DC)(DG)(DC)(DT)(DC)(DA)(DC)(DA)(DT)(DT)(DT)(DA)
(DA)(DT)(DG)(DT)(DT)(DG)(DA)(DT)(DG)(DA)(DA)(DA)(DG)(DC)(DT)(DG)(DG)(DC)(DT)(DA)
(DC)(DA)(DG)(DG)(DA)(DA)(DG)(DG)(DC)(DC)(DA)(DG)(DA)(DC)(DG)(DC)(DG)(DA)(DA)(DT)
(DT)(DA)(DT)(DT)(DT)(DT)(DT)(DG)(DA)(DT)(DG)(DG)(DC)(DG)(DT)(DT)(DC)(DC)(DT)(DA)
(DT)(DT)(DG)(DG)(DT)(DT)(DA)(DA)(DA)(DA)(DA)(DA)(DT)(DG)(DA)(DG)(DC)(DT)(DG)(DA)
(DT)(DT)(DT)(DA)(DA)(DC)(DA)(DA)(DA)(DA)(DA)(DT)(DT)(DT)(DA)(DA)(DT)(DG)(DC)(DG)
(DA)(DA)(DT)(DT)(DT)(DT)(DA)(DA)(DC)(DA)(DA)(DA)(DA)(DT)(DA)(DT)(DT)(DA)(DA)(DC)
(DG)(DT)(DT)(DT)(DA)(DC)(DA)(DA)(DT)(DT)(DT)(DA)(DA)(DA)(DT)(DA)(DT)(DT)(DT)(DG)
(DC)(DT)(DT)(DA)(DT)(DA)(DC)(DA)(DA)(DT)(DC)(DT)(DT)(DC)(DC)(DT)(DG)(DT)(DT)(DT)
(DT)(DT)(DG)(DG)(DG)(DG)(DC)(DT)(DT)(DT)(DT)(DC)(DT)(DG)(DA)(DT)(DT)(DA)(DT)(DC)
(DA)(DA)(DC)(DC)(DG)(DG)(DG)(DG)(DT)(DA)(DC)(DA)(DT)(DA)(DT)(DG)(DA)(DT)(DT)(DG)
(DA)(DC)(DA)(DT)(DG)(DC)(DT)(DA)(DG)(DT)(DT)(DT)(DT)(DA)(DC)(DG)(DA)(DT)(DT)(DA)
(DC)(DC)(DG)(DT)(DT)(DC)(DA)(DT)(DC)(DG)(DA)(DT)(DT)(DC)(DT)(DC)(DT)(DT)(DG)(DT)
(DT)(DT)(DG)(DC)(DT)(DC)(DC)(DA)(DG)(DA)(DC)(DT)(DC)(DT)(DC)(DA)(DG)(DG)(DC)(DA)
(DA)(DT)(DG)(DA)(DC)(DC)(DT)(DG)(DA)(DT)(DA)(DG)(DC)(DC)(DT)(DT)(DT)(DG)(DT)(DA)
(DG)(DA)(DT)(DC)(DT)(DC)(DT)(DC)(DA)(DA)(DA)(DA)(DA)(DT)(DA)(DG)(DC)(DT)(DA)(DC)
(DC)(DC)(DT)(DC)(DT)(DC)(DC)(DG)(DG)(DC)(DA)(DT)(DT)(DA)(DA)(DT)(DT)(DT)(DA)(DT)
(DC)(DA)(DG)(DC)(DT)(DA)(DG)(DA)(DA)(DC)(DG)(DG)(DT)(DT)(DG)(DA)(DA)(DT)(DA)(DT)
(DC)(DA)(DT)(DA)(DT)(DT)(DG)(DA)(DT)(DG)(DG)(DT)(DG)(DA)(DT)(DT)(DT)(DG)(DA)(DC)
(DT)(DG)(DT)(DC)(DT)(DC)(DC)(DG)(DG)(DC)(DC)(DT)(DT)(DT)(DC)(DT)(DC)(DA)(DC)(DC)
(DC)(DT)(DT)(DT)(DT)(DG)(DA)(DA)(DT)(DC)(DT)(DT)(DT)(DA)(DC)(DC)(DT)(DA)(DC)(DA)
(DC)(DA)(DT)(DT)(DA)(DC)(DT)(DC)(DA)(DG)(DG)(DC)(DA)(DT)(DT)(DG)(DC)(DA)(DT)(DT)
(DT)(DA)(DA)(DA)(DA)(DT)(DA)(DT)(DA)(DT)(DG)(DA)(DG)(DG)(DG)(DT)(DT)(DC)(DT)(DA)
(DA)(DA)(DA)(DA)(DT)(DT)(DT)(DT)(DT)(DA)(DT)(DC)(DC)(DT)(DT)(DG)(DC)(DG)(DT)(DT)
(DG)(DA)(DA)(DA)(DT)(DA)(DA)(DA)(DG)(DG)(DC)(DT)(DT)(DC)(DT)(DC)(DC)(DC)(DG)(DC)
(DA)(DA)(DA)(DA)(DG)(DT)(DA)(DT)(DT)(DA)(DC)(DA)(DG)(DG)(DG)(DT)(DC)(DA)(DT)(DA)
(DA)(DT)(DG)(DT)(DT)(DT)(DT)(DT)(DG)(DG)(DT)(DA)(DC)(DA)(DA)(DC)(DC)(DG)(DA)(DT)
(DT)(DT)(DA)(DG)(DC)(DT)(DT)(DT)(DA)(DT)(DG)(DC)(DT)(DC)(DT)(DG)(DA)(DG)(DG)(DC)
(DT)(DT)(DT)(DA)(DT)(DT)(DG)(DC)(DT)(DT)(DA)(DA)(DT)(DT)(DT)(DT)(DG)(DC)(DT)(DA)
(DA)(DT)(DT)(DC)(DT)(DT)(DT)(DG)(DC)(DC)(DT)(DT)(DG)(DC)(DC)(DT)(DG)(DT)(DA)(DT)
(DG)(DA)(DT)(DT)(DT)(DA)(DT)(DT)(DG)(DG)(DA)(DT)(DG)(DT)(DT)(DA)(DA)(DT)(DG)(DC)
(DT)(DA)(DC)(DT)(DA)(DC)(DT)(DA)(DT)(DT)(DA)(DG)(DT)(DA)(DG)(DA)(DA)(DT)(DT)(DG)
(DA)(DT)(DG)(DC)(DC)(DA)(DC)(DC)(DT)(DT)(DT)(DT)(DC)(DA)(DG)(DC)(DT)(DC)(DG)(DC)
(DG)(DC)(DC)(DC)(DC)(DA)(DA)(DA)(DT)(DG)(DA)(DA)(DA)(DA)(DT)(DA)(DT)(DA)(DG)(DC)
(DT)(DA)(DA)(DA)(DC)(DA)(DG)(DG)(DT)(DT)(DA)(DT)(DT)(DG)(DA)(DC)(DC)(DA)(DT)(DT)
(DT)(DG)(DC)(DG)(DA)(DA)(DA)(DT)(DG)(DT)(DA)(DT)(DC)(DT)(DA)(DA)(DT)(DG)(DG)(DT)
(DC)(DA)(DA)(DA)(DC)(DT)(DA)(DA)(DA)(DT)(DC)(DT)(DA)(DC)(DT)(DC)(DG)(DT)(DT)(DC)
(DG)(DC)(DA)(DG)(DA)(DA)(DT)(DT)(DG)(DG)(DG)(DA)(DA)(DT)(DC)(DA)(DA)(DC)(DT)(DG)
(DT)(DT)(DA)(DT)(DA)(DT)(DG)(DG)(DA)(DA)(DT)(DG)(DA)(DA)(DA)(DC)(DT)(DT)(DC)(DC)
(DA)(DG)(DA)(DC)(DA)(DC)(DC)(DG)(DT)(DA)(DC)(DT)(DT)(DT)(DA)(DG)(DT)(DT)(DG)(DC)
(DA)(DT)(DA)(DT)(DT)(DT)(DA)(DA)(DA)(DA)(DC)(DA)(DT)(DG)(DT)(DT)(DG)(DA)(DG)(DC)
(DT)(DA)(DC)(DA)(DG)(DC)(DA)(DT)(DT)(DA)(DT)(DA)(DT)(DT)(DC)(DA)(DG)(DC)(DA)(DA)
(DT)
;
AB
3 'polydeoxyribonucleotide'
;(DT)(DT)(DT)(DT)(DT)(DT)(DT)(DT)(DT)(DT)(DG)(DA)(DG)(DT)(DG)(DT)(DT)(DG)(DT)(DT)
(DC)(DC)(DA)(DG)(DT)(DT)(DA)(DG)(DC)(DC)(DC)(DG)(DA)(DG)(DA)(DT)(DA)(DG)(DG)(DG)
(DT)(DT)(DT)(DT)(DT)(DT)(DT)(DT)(DT)(DT)
;
AC
4 'polydeoxyribonucleotide'
;(DT)(DT)(DT)(DT)(DT)(DT)(DT)(DT)(DT)(DG)(DG)(DG)(DA)(DA)(DG)(DA)(DA)(DA)(DG)(DC)
(DG)(DA)(DA)(DA)(DG)(DC)(DG)(DT)(DG)(DG)(DC)(DG)(DA)(DG)(DA)(DA)(DA)(DG)(DG)(DA)
(DA)(DT)(DT)(DT)(DT)(DT)(DT)(DT)(DT)(DT)
;
AD
5 'polydeoxyribonucleotide'
;(DT)(DT)(DT)(DT)(DT)(DT)(DT)(DT)(DT)(DA)(DA)(DG)(DT)(DG)(DT)(DT)(DT)(DT)(DT)(DA)
(DT)(DA)(DA)(DT)(DC)(DA)(DC)(DG)(DC)(DC)(DA)(DG)(DA)(DA)(DT)(DC)(DC)(DT)(DG)(DA)
(DG)(DT)(DT)(DT)(DT)(DT)(DT)(DT)(DT)(DT)
;
AE
6 'polydeoxyribonucleotide'
;(DT)(DT)(DT)(DT)(DT)(DT)(DT)(DT)(DT)(DA)(DA)(DT)(DG)(DG)(DA)(DT)(DT)(DA)(DT)(DT)
(DT)(DA)(DC)(DA)(DT)(DA)(DC)(DG)(DC)(DT)(DC)(DA)(DA)(DT)(DC)(DG)(DT)(DC)(DT)(DG)
(DA)(DT)(DT)(DT)(DT)(DT)(DT)(DT)(DT)(DT)
;
AF
7 'polydeoxyribonucleotide'
;(DT)(DT)(DT)(DT)(DT)(DT)(DT)(DT)(DT)(DA)(DA)(DT)(DT)(DT)(DA)(DC)(DT)(DG)(DA)(DC)
(DT)(DC)(DA)(DA)(DT)(DA)(DA)(DC)(DT)(DT)(DC)(DT)(DA)(DG)(DT)(DG)(DG)(DT)(DG)(DT)
(DT)(DT)(DT)(DT)(DT)(DT)(DT)(DT)(DT)(DT)
;
AG
8 'polydeoxyribonucleotide'
;(DT)(DT)(DT)(DT)(DT)(DT)(DT)(DT)(DT)(DC)(DA)(DC)(DA)(DG)(DA)(DA)(DT)(DC)(DA)(DG)
(DC)(DC)(DT)(DG)(DA)(DG)(DC)(DT)(DT)(DC)(DA)(DC)(DT)(DT)(DT)(DT)(DT)(DG)(DA)(DA)
(DA)(DT)(DT)(DT)(DT)(DT)(DT)(DT)(DT)(DT)
;
AH
9 'polydeoxyribonucleotide'
;(DT)(DT)(DT)(DT)(DT)(DT)(DT)(DT)(DT)(DG)(DT)(DG)(DA)(DT)(DT)(DG)(DA)(DT)(DC)(DC)
(DA)(DT)(DA)(DT)(DA)(DG)(DT)(DA)(DT)(DA)(DG)(DG)(DG)(DG)(DC)(DT)(DC)(DC)(DT)(DT)
(DT)(DT)(DT)(DT)(DT)(DT)(DT)(DT)(DT)(DT)
;
AI
10 'polydeoxyribonucleotide'
;(DT)(DT)(DT)(DT)(DT)(DT)(DT)(DT)(DT)(DT)(DA)(DG)(DT)(DT)(DG)(DG)(DA)(DG)(DT)(DG)
(DG)(DG)(DG)(DC)(DA)(DA)(DT)(DA)(DA)(DA)(DT)(DG)(DA)(DT)(DG)(DT)(DG)(DG)(DT)(DA)
(DC)(DT)(DT)(DT)(DT)(DT)(DT)(DT)(DT)(DT)
;
AJ
11 'polydeoxyribonucleotide'
;(DT)(DT)(DT)(DT)(DT)(DT)(DT)(DT)(DT)(DA)(DT)(DC)(DT)(DG)(DA)(DG)(DC)(DA)(DA)(DG)
(DA)(DA)(DA)(DT)(DT)(DC)(DT)(DC)(DT)(DA)(DT)(DA)(DG)(DT)(DG)(DG)(DG)(DA)(DA)(DG)
(DC)(DT)(DT)(DT)(DT)(DT)(DT)(DT)(DT)(DT)
;
AK
12 'polydeoxyribonucleotide'
;(DT)(DT)(DT)(DT)(DT)(DT)(DT)(DT)(DT)(DA)(DT)(DA)(DT)(DT)(DT)(DC)(DT)(DA)(DG)(DG)
(DG)(DG)(DT)(DG)(DC)(DG)(DG)(DT)(DA)(DG)(DT)(DG)(DC)(DA)(DA)(DC)(DC)(DC)(DA)(DC)
(DA)(DT)(DT)(DT)(DT)(DT)(DT)(DT)(DT)(DT)
;
AL
13 'polydeoxyribonucleotide'
;(DT)(DT)(DT)(DT)(DT)(DT)(DT)(DT)(DT)(DG)(DA)(DT)(DT)(DG)(DT)(DT)(DT)(DG)(DC)(DT)
(DT)(DG)(DA)(DG)(DC)(DC)(DA)(DG)(DC)(DA)(DG)(DG)(DT)(DC)(DA)(DT)(DC)(DT)(DG)(DG)
(DG)(DT)(DT)(DT)(DT)(DT)(DT)(DT)(DT)(DT)
;
AM
14 'polydeoxyribonucleotide'
;(DT)(DT)(DT)(DT)(DT)(DT)(DT)(DT)(DT)(DC)(DC)(DC)(DC)(DC)(DA)(DA)(DT)(DG)(DG)(DT)
(DC)(DA)(DA)(DT)(DC)(DC)(DC)(DA)(DA)(DA)(DG)(DC)(DT)(DG)(DG)(DT)(DT)(DG)(DA)(DC)
(DT)(DT)(DT)(DT)(DT)(DT)(DT)(DT)(DT)(DT)
;
AN
15 'polydeoxyribonucleotide'
;(DT)(DT)(DT)(DT)(DT)(DT)(DT)(DT)(DT)(DT)(DC)(DA)(DA)(DG)(DA)(DG)(DC)(DT)(DG)(DG)
(DG)(DT)(DG)(DG)(DG)(DA)(DG)(DG)(DT)(DT)(DA)(DA)(DG)(DA)(DT)(DT)(DA)(DG)(DC)(DT)
(DG)(DT)(DT)(DT)(DT)(DT)(DT)(DT)(DT)(DT)
;
AO
16 'polydeoxyribonucleotide'
;(DT)(DT)(DT)(DT)(DT)(DT)(DT)(DT)(DT)(DT)(DC)(DA)(DA)(DA)(DT)(DA)(DC)(DT)(DC)(DC)
(DT)(DT)(DG)(DT)(DT)(DG)(DG)(DC)(DC)(DC)(DC)(DA)(DA)(DC)(DA)(DG)(DT)(DG)(DG)(DC)
(DC)(DT)(DT)(DT)(DT)(DT)(DT)(DT)(DT)(DT)
;
AP
17 'polydeoxyribonucleotide'
;(DT)(DT)(DT)(DT)(DT)(DT)(DT)(DT)(DT)(DG)(DC)(DC)(DT)(DT)(DG)(DA)(DA)(DT)(DC)(DG)
(DG)(DC)(DT)(DG)(DA)(DG)(DG)(DG)(DC)(DA)(DC)(DG)(DA)(DA)(DT)(DA)(DT)(DA)(DG)(DG)
(DG)(DT)(DT)(DT)(DT)(DT)(DT)(DT)(DT)(DT)
;
AQ
18 'polydeoxyribonucleotide'
;(DT)(DT)(DT)(DT)(DT)(DT)(DT)(DT)(DT)(DT)(DC)(DT)(DG)(DT)(DA)(DA)(DG)(DC)(DA)(DA)
(DC)(DT)(DC)(DG)(DT)(DC)(DA)(DG)(DT)(DG)(DC)(DG)(DG)(DC)(DC)(DC)(DT)(DG)(DC)(DC)
(DA)(DT)(DT)(DT)(DT)(DT)(DT)(DT)(DT)(DT)
;
AR
19 'polydeoxyribonucleotide'
;(DT)(DT)(DT)(DT)(DT)(DT)(DT)(DT)(DT)(DG)(DA)(DG)(DT)(DG)(DA)(DC)(DT)(DC)(DT)(DA)
(DT)(DG)(DA)(DT)(DA)(DA)(DT)(DT)(DT)(DA)(DC)(DG)(DC)(DT)(DC)(DG)(DC)(DC)(DC)(DT)
(DG)(DT)(DT)(DT)(DT)(DT)(DT)(DT)(DT)(DT)
;
AS
20 'polydeoxyribonucleotide'
;(DT)(DT)(DT)(DT)(DT)(DT)(DT)(DT)(DT)(DA)(DA)(DT)(DA)(DA)(DC)(DC)(DC)(DC)(DG)(DC)
(DT)(DT)(DC)(DT)(DA)(DG)(DA)(DC)(DA)(DA)(DT)(DG)(DT)(DC)(DC)(DC)(DG)(DC)(DC)(DA)
(DA)(DT)(DT)(DT)(DT)(DT)(DT)(DT)(DT)(DT)
;
AT
21 'polydeoxyribonucleotide'
;(DT)(DT)(DT)(DT)(DT)(DT)(DT)(DT)(DT)(DT)(DG)(DC)(DT)(DG)(DA)(DA)(DT)(DT)(DG)(DT)
(DC)(DA)(DA)(DC)(DC)(DA)(DT)(DT)(DT)(DA)(DA)(DG)(DT)(DG)(DT)(DC)(DC)(DT)(DT)(DA)
(DG)(DT)(DT)(DT)(DT)(DT)(DT)(DT)(DT)(DT)
;
AU
22 'polydeoxyribonucleotide'
;(DT)(DT)(DT)(DT)(DT)(DT)(DT)(DT)(DT)(DT)(DT)(DC)(DA)(DT)(DG)(DC)(DG)(DC)(DA)(DC)
(DG)(DA)(DC)(DA)(DA)(DA)(DT)(DT)(DA)(DA)(DG)(DT)(DG)(DG)(DT)(DT)(DG)(DT)(DG)(DA)
(DA)(DT)(DT)(DT)(DT)(DT)(DT)(DT)(DT)(DT)
;
AV
23 'polydeoxyribonucleotide'
;(DT)(DT)(DT)(DT)(DT)(DT)(DT)(DT)(DT)(DG)(DG)(DT)(DG)(DG)(DA)(DT)(DG)(DT)(DT)(DC)
(DT)(DT)(DC)(DT)(DT)(DA)(DA)(DT)(DC)(DA)(DG)(DG)(DA)(DG)(DA)(DA)(DG)(DC)(DC)(DA)
(DG)(DT)(DT)(DT)(DT)(DT)(DT)(DT)(DT)(DT)
;
AW
24 'polydeoxyribonucleotide'
;(DT)(DT)(DT)(DT)(DT)(DT)(DT)(DT)(DT)(DA)(DG)(DT)(DG)(DC)(DC)(DA)(DA)(DG)(DC)(DT)
(DT)(DT)(DC)(DG)(DG)(DT)(DA)(DG)(DT)(DA)(DA)(DA)(DA)(DC)(DG)(DA)(DC)(DG)(DG)(DC)
(DC)(DT)(DT)(DT)(DT)(DT)(DT)(DT)(DT)(DT)
;
AX
25 'polydeoxyribonucleotide'
;(DT)(DT)(DT)(DT)(DT)(DT)(DT)(DT)(DT)(DC)(DC)(DA)(DG)(DT)(DC)(DA)(DC)(DG)(DA)(DC)
(DG)(DT)(DT)(DG)(DC)(DC)(DA)(DA)(DC)(DG)(DC)(DC)(DA)(DG)(DG)(DG)(DT)(DT)(DT)(DT)
(DC)(DT)(DT)(DT)(DT)(DT)(DT)(DT)(DT)(DT)
;
AY
26 'polydeoxyribonucleotide'
;(DT)(DT)(DT)(DT)(DT)(DT)(DT)(DT)(DT)(DC)(DA)(DA)(DC)(DC)(DA)(DC)(DT)(DA)(DA)(DC)
(DC)(DA)(DA)(DA)(DC)(DC)(DT)(DG)(DG)(DT)(DG)(DT)(DT)(DG)(DG)(DT)(DC)(DC)(DA)(DG)
(DC)(DT)(DT)(DT)(DT)(DT)(DT)(DT)(DT)(DT)
;
AZ
27 'polydeoxyribonucleotide'
;(DT)(DT)(DT)(DT)(DT)(DT)(DT)(DT)(DT)(DC)(DC)(DT)(DG)(DG)(DG)(DA)(DG)(DT)(DA)(DT)
(DA)(DT)(DT)(DC)(DA)(DT)(DA)(DT)(DC)(DT)(DC)(DT)(DA)(DA)(DT)(DG)(DG)(DC)(DC)(DA)
(DG)(DT)(DT)(DT)(DT)(DT)(DT)(DT)(DT)(DT)
;
Aa
28 'polydeoxyribonucleotide'
;(DT)(DT)(DT)(DT)(DT)(DT)(DT)(DT)(DT)(DA)(DG)(DT)(DC)(DC)(DT)(DG)(DA)(DT)(DA)(DA)
(DG)(DA)(DT)(DT)(DC)(DC)(DA)(DG)(DT)(DT)(DC)(DA)(DC)(DA)(DT)(DA)(DC)(DA)(DA)(DT)
(DC)(DT)(DT)(DT)(DT)(DT)(DT)(DT)(DT)(DT)
;
Ab
29 'polydeoxyribonucleotide'
;(DT)(DT)(DT)(DT)(DT)(DT)(DT)(DT)(DT)(DG)(DG)(DG)(DA)(DT)(DG)(DG)(DA)(DT)(DG)(DT)
(DG)(DA)(DG)(DG)(DC)(DT)(DC)(DC)(DT)(DC)(DA)(DA)(DA)(DG)(DA)(DG)(DA)(DG)(DA)(DA)
(DT)(DT)(DT)(DT)(DT)(DT)(DT)(DT)(DT)(DT)
;
Ac
30 'polydeoxyribonucleotide'
;(DT)(DT)(DT)(DT)(DT)(DT)(DT)(DT)(DT)(DC)(DT)(DT)(DC)(DC)(DA)(DG)(DG)(DG)(DG)(DG)
(DC)(DT)(DT)(DA)(DG)(DA)(DG)(DA)(DT)(DA)(DG)(DA)(DC)(DT)(DT)(DA)(DA)(DC)(DT)(DG)
(DT)(DT)(DT)(DT)(DT)(DT)(DT)(DT)(DT)(DT)
;
Ad
31 'polydeoxyribonucleotide'
;(DT)(DT)(DT)(DT)(DT)(DT)(DT)(DT)(DT)(DC)(DC)(DT)(DC)(DA)(DG)(DG)(DC)(DA)(DT)(DA)
(DG)(DG)(DT)(DC)(DA)(DG)(DA)(DG)(DT)(DG)(DG)(DT)(DT)(DA)(DT)(DC)(DT)(DG)(DG)(DA)
(DC)(DT)(DT)(DT)(DT)(DT)(DT)(DT)(DT)(DT)
;
Ae
32 'polydeoxyribonucleotide'
;(DT)(DT)(DT)(DT)(DT)(DT)(DT)(DT)(DT)(DA)(DG)(DT)(DT)(DT)(DA)(DA)(DG)(DT)(DG)(DG)
(DT)(DA)(DA)(DC)(DA)(DA)(DC)(DT)(DG)(DC)(DA)(DG)(DA)(DC)(DT)(DA)(DG)(DA)(DT)(DG)
(DG)(DT)(DT)(DT)(DT)(DT)(DT)(DT)(DT)(DT)
;
Af
33 'polydeoxyribonucleotide'
;(DT)(DT)(DT)(DT)(DT)(DT)(DT)(DT)(DT)(DC)(DA)(DT)(DA)(DA)(DT)(DT)(DG)(DG)(DG)(DT)
(DT)(DT)(DT)(DG)(DC)(DC)(DC)(DA)(DG)(DT)(DC)(DT)(DG)(DT)(DC)(DT)(DA)(DT)(DA)(DA)
(DC)(DT)(DT)(DT)(DT)(DT)(DT)(DT)(DT)(DT)
;
Ag
34 'polydeoxyribonucleotide'
;(DT)(DT)(DT)(DT)(DT)(DT)(DT)(DT)(DT)(DA)(DG)(DG)(DT)(DG)(DA)(DA)(DT)(DG)(DC)(DA)
(DG)(DG)(DG)(DG)(DC)(DG)(DG)(DT)(DG)(DA)(DT)(DT)(DA)(DA)(DT)(DC)(DA)(DT)(DG)(DG)
(DA)(DT)(DT)(DT)(DT)(DT)(DT)(DT)(DT)(DT)
;
Ah
35 'polydeoxyribonucleotide'
;(DT)(DT)(DT)(DT)(DT)(DT)(DT)(DT)(DT)(DT)(DT)(DC)(DA)(DT)(DG)(DC)(DA)(DG)(DA)(DG)
(DG)(DA)(DT)(DA)(DT)(DA)(DA)(DG)(DT)(DC)(DT)(DA)(DG)(DA)(DG)(DT)(DA)(DA)(DG)(DT)
(DA)(DT)(DT)(DT)(DT)(DT)(DT)(DT)(DT)(DT)
;
Ai
36 'polydeoxyribonucleotide'
;(DT)(DT)(DT)(DT)(DT)(DT)(DT)(DT)(DT)(DT)(DT)(DG)(DT)(DA)(DG)(DC)(DA)(DG)(DA)(DC)
(DA)(DG)(DT)(DC)(DA)(DA)(DT)(DG)(DA)(DG)(DC)(DT)(DG)(DT)(DT)(DT)(DG)(DG)(DT)(DG)
(DG)(DT)(DT)(DT)(DT)(DT)(DT)(DT)(DT)(DT)
;
Aj
37 'polydeoxyribonucleotide'
;(DT)(DT)(DT)(DT)(DT)(DT)(DT)(DT)(DT)(DT)(DA)(DG)(DA)(DA)(DT)(DA)(DT)(DC)(DC)(DC)
(DC)(DC)(DT)(DG)(DT)(DC)(DC)(DC)(DT)(DC)(DC)(DA)(DT)(DG)(DT)(DT)(DG)(DC)(DT)(DC)
(DC)(DT)(DT)(DT)(DT)(DT)(DT)(DT)(DT)(DT)
;
Ak
38 'polydeoxyribonucleotide'
;(DT)(DT)(DT)(DT)(DT)(DT)(DT)(DT)(DT)(DT)(DG)(DT)(DG)(DA)(DC)(DA)(DT)(DG)(DT)(DT)
(DA)(DA)(DA)(DG)(DC)(DG)(DC)(DT)(DA)(DT)(DT)(DT)(DT)(DC)(DA)(DT)(DT)(DG)(DG)(DC)
(DA)(DT)(DT)(DT)(DT)(DT)(DT)(DT)(DT)(DT)
;
Al
39 'polydeoxyribonucleotide'
;(DT)(DT)(DT)(DT)(DT)(DT)(DT)(DT)(DT)(DA)(DC)(DC)(DT)(DA)(DA)(DA)(DA)(DT)(DC)(DT)
(DG)(DT)(DA)(DT)(DC)(DT)(DG)(DC)(DA)(DT)(DC)(DA)(DA)(DG)(DG)(DA)(DC)(DA)(DG)(DG)
(DT)(DT)(DT)(DT)(DT)(DT)(DT)(DT)(DT)(DT)
;
Am
40 'polydeoxyribonucleotide'
;(DT)(DT)(DT)(DT)(DT)(DT)(DT)(DT)(DT)(DC)(DT)(DA)(DG)(DT)(DA)(DA)(DC)(DA)(DA)(DG)
(DT)(DG)(DA)(DG)(DG)(DC)(DC)(DA)(DG)(DT)(DA)(DG)(DA)(DA)(DT)(DG)(DA)(DT)(DA)(DG)
(DC)(DT)(DT)(DT)(DT)(DT)(DT)(DT)(DT)(DT)
;
An
41 'polydeoxyribonucleotide'
;(DT)(DT)(DT)(DT)(DT)(DT)(DT)(DT)(DT)(DA)(DA)(DA)(DG)(DC)(DC)(DC)(DC)(DA)(DA)(DA)
(DA)(DA)(DC)(DA)(DG)(DC)(DC)(DG)(DG)(DT)(DT)(DG)(DA)(DT)(DA)(DA)(DT)(DC)(DA)(DG)
(DA)(DT)(DT)(DT)(DT)(DT)(DT)(DT)(DT)(DT)
;
Ao
42 'polydeoxyribonucleotide'
;(DT)(DT)(DT)(DT)(DT)(DT)(DT)(DT)(DT)(DG)(DC)(DA)(DT)(DG)(DT)(DC)(DA)(DA)(DT)(DC)
(DA)(DT)(DA)(DT)(DG)(DG)(DG)(DT)(DA)(DA)(DT)(DC)(DG)(DT)(DA)(DA)(DA)(DA)(DC)(DT)
(DA)(DT)(DT)(DT)(DT)(DT)(DT)(DT)(DT)(DT)
;
Ap
43 'polydeoxyribonucleotide'
;(DT)(DT)(DT)(DT)(DT)(DT)(DT)(DT)(DT)(DA)(DA)(DA)(DC)(DA)(DA)(DG)(DA)(DG)(DA)(DA)
(DT)(DC)(DG)(DA)(DT)(DC)(DC)(DT)(DG)(DA)(DG)(DA)(DG)(DT)(DC)(DT)(DG)(DG)(DA)(DG)
(DC)(DT)(DT)(DT)(DT)(DT)(DT)(DT)(DT)(DT)
;
Aq
44 'polydeoxyribonucleotide'
;(DT)(DT)(DT)(DT)(DT)(DT)(DT)(DT)(DT)(DC)(DA)(DA)(DA)(DG)(DG)(DC)(DT)(DA)(DT)(DC)
(DA)(DG)(DG)(DT)(DC)(DT)(DT)(DT)(DT)(DT)(DT)(DG)(DA)(DG)(DA)(DG)(DA)(DT)(DC)(DT)
(DA)(DT)(DT)(DT)(DT)(DT)(DT)(DT)(DT)(DT)
;
Ar
45 'polydeoxyribonucleotide'
;(DT)(DT)(DT)(DT)(DT)(DT)(DT)(DT)(DT)(DG)(DA)(DG)(DA)(DG)(DG)(DG)(DT)(DA)(DG)(DC)
(DT)(DA)(DT)(DG)(DC)(DA)(DA)(DA)(DT)(DA)(DA)(DA)(DT)(DT)(DA)(DA)(DT)(DG)(DC)(DC)
(DG)(DT)(DT)(DT)(DT)(DT)(DT)(DT)(DT)(DT)
;
As
46 'polydeoxyribonucleotide'
;(DT)(DT)(DT)(DT)(DT)(DT)(DT)(DT)(DT)(DA)(DA)(DC)(DC)(DG)(DT)(DT)(DC)(DT)(DA)(DG)
(DC)(DT)(DG)(DG)(DA)(DA)(DA)(DT)(DC)(DA)(DA)(DT)(DA)(DT)(DG)(DA)(DT)(DA)(DT)(DT)
(DC)(DT)(DT)(DT)(DT)(DT)(DT)(DT)(DT)(DT)
;
At
47 'polydeoxyribonucleotide'
;(DT)(DT)(DT)(DT)(DT)(DT)(DT)(DT)(DT)(DC)(DA)(DG)(DT)(DC)(DA)(DA)(DA)(DT)(DC)(DA)
(DC)(DC)(DA)(DA)(DA)(DT)(DG)(DA)(DG)(DA)(DA)(DA)(DG)(DG)(DC)(DC)(DG)(DG)(DA)(DG)
(DA)(DT)(DT)(DT)(DT)(DT)(DT)(DT)(DT)(DT)
;
Au
48 'polydeoxyribonucleotide'
;(DT)(DT)(DT)(DT)(DT)(DT)(DT)(DT)(DT)(DG)(DC)(DC)(DT)(DA)(DT)(DC)(DC)(DC)(DA)(DA)
(DA)(DA)(DG)(DA)(DA)(DC)(DC)(DA)(DA)(DG)(DG)(DA)(DC)(DT)(DT)(DG)(DT)(DT)(DT)(DT)
(DT)(DT)(DT)(DT)(DT)(DT)(DT)(DT)(DT)(DT)
;
Av
49 'polydeoxyribonucleotide'
;(DT)(DT)(DT)(DT)(DT)(DT)(DT)(DT)(DT)(DC)(DA)(DA)(DG)(DA)(DT)(DC)(DA)(DA)(DG)(DA)
(DA)(DG)(DA)(DC)(DC)(DT)(DT)(DT)(DT)(DT)(DG)(DC)(DC)(DC)(DT)(DA)(DA)(DG)(DC)(DA)
(DC)(DT)(DT)(DT)(DT)(DT)(DT)(DT)(DT)(DT)
;
Aw
50 'polydeoxyribonucleotide'
;(DT)(DT)(DT)(DT)(DT)(DT)(DT)(DT)(DT)(DC)(DT)(DA)(DA)(DC)(DT)(DG)(DG)(DT)(DT)(DC)
(DT)(DC)(DT)(DG)(DC)(DG)(DC)(DA)(DC)(DC)(DT)(DG)(DG)(DC)(DC)(DT)(DT)(DT)(DC)(DA)
(DG)(DT)(DT)(DT)(DT)(DT)(DT)(DT)(DT)(DT)
;
Ax
51 'polydeoxyribonucleotide'
;(DT)(DT)(DT)(DT)(DT)(DT)(DT)(DT)(DT)(DT)(DG)(DT)(DA)(DA)(DT)(DA)(DC)(DC)(DC)(DT)
(DG)(DA)(DC)(DT)(DA)(DG)(DG)(DA)(DA)(DA)(DC)(DA)(DT)(DT)(DA)(DT)(DG)(DA)(DC)(DC)
(DC)(DT)(DT)(DT)(DT)(DT)(DT)(DT)(DT)(DT)
;
Ay
52 'polydeoxyribonucleotide'
;(DT)(DT)(DT)(DT)(DT)(DT)(DT)(DT)(DT)(DA)(DT)(DC)(DG)(DG)(DT)(DT)(DG)(DT)(DA)(DC)
(DC)(DA)(DA)(DT)(DA)(DA)(DC)(DG)(DA)(DG)(DC)(DA)(DT)(DA)(DA)(DA)(DG)(DC)(DT)(DA)
(DA)(DT)(DT)(DT)(DT)(DT)(DT)(DT)(DT)(DT)
;
Az
53 'polydeoxyribonucleotide'
;(DT)(DT)(DT)(DT)(DT)(DT)(DT)(DT)(DT)(DG)(DC)(DA)(DA)(DT)(DA)(DA)(DA)(DG)(DC)(DC)
(DT)(DC)(DA)(DG)(DA)(DG)(DA)(DA)(DT)(DT)(DA)(DG)(DC)(DA)(DA)(DA)(DA)(DT)(DT)(DA)
(DA)(DT)(DT)(DT)(DT)(DT)(DT)(DT)(DT)(DT)
;
A0
54 'polydeoxyribonucleotide'
;(DT)(DT)(DT)(DT)(DT)(DT)(DT)(DT)(DT)(DA)(DA)(DT)(DC)(DA)(DT)(DA)(DC)(DA)(DG)(DG)
(DC)(DA)(DA)(DG)(DG)(DG)(DC)(DA)(DT)(DT)(DA)(DA)(DC)(DA)(DT)(DC)(DC)(DA)(DA)(DT)
(DA)(DT)(DT)(DT)(DT)(DT)(DT)(DT)(DT)(DT)
;
A1
55 'polydeoxyribonucleotide'
;(DT)(DT)(DT)(DT)(DT)(DT)(DT)(DT)(DT)(DC)(DA)(DA)(DT)(DT)(DC)(DT)(DA)(DC)(DT)(DA)
(DA)(DT)(DA)(DG)(DT)(DG)(DC)(DT)(DG)(DA)(DA)(DA)(DA)(DG)(DG)(DT)(DG)(DG)(DC)(DA)
(DT)(DT)(DT)(DT)(DT)(DT)(DT)(DT)(DT)(DT)
;
A2
56 'polydeoxyribonucleotide'
;(DT)(DT)(DT)(DT)(DT)(DT)(DT)(DT)(DT)(DC)(DA)(DG)(DC)(DT)(DG)(DT)(DG)(DG)(DA)(DG)
(DT)(DA)(DG)(DA)(DT)(DT)(DA)(DA)(DG)(DA)(DT)(DG)(DG)(DC)(DA)(DG)(DG)(DT)(DA)(DT)
(DG)(DT)(DT)(DT)(DT)(DT)(DT)(DT)(DT)(DT)
;
A3
57 'polydeoxyribonucleotide'
;(DT)(DT)(DT)(DT)(DT)(DT)(DT)(DT)(DT)(DT)(DG)(DG)(DG)(DG)(DG)(DC)(DA)(DC)(DA)(DT)
(DG)(DA)(DG)(DT)(DG)(DA)(DG)(DT)(DT)(DT)(DT)(DG)(DG)(DT)(DA)(DC)(DC)(DA)(DG)(DG)
(DC)(DT)(DT)(DT)(DT)(DT)(DT)(DT)(DT)(DT)
;
A4
58 'polydeoxyribonucleotide'
;(DT)(DT)(DT)(DT)(DT)(DT)(DT)(DT)(DT)(DA)(DC)(DG)(DA)(DG)(DT)(DA)(DG)(DA)(DT)(DT)
(DT)(DA)(DG)(DA)(DG)(DT)(DC)(DA)(DA)(DC)(DA)(DT)(DG)(DT)(DT)(DC)(DT)(DG)(DC)(DG)
(DA)(DT)(DT)(DT)(DT)(DT)(DT)(DT)(DT)(DT)
;
A5
59 'polydeoxyribonucleotide'
;(DT)(DT)(DT)(DT)(DT)(DT)(DT)(DT)(DT)(DT)(DC)(DC)(DC)(DA)(DA)(DT)(DT)(DT)(DT)(DA)
(DA)(DA)(DT)(DA)(DT)(DC)(DC)(DA)(DT)(DA)(DT)(DA)(DA)(DC)(DA)(DG)(DT)(DT)(DG)(DA)
(DT)(DT)(DT)(DT)(DT)(DT)(DT)(DT)(DT)(DT)
;
A6
60 'polydeoxyribonucleotide'
;(DT)(DT)(DT)(DT)(DT)(DT)(DT)(DT)(DT)(DC)(DT)(DA)(DA)(DT)(DT)(DT)(DT)(DA)(DA)(DG)
(DA)(DC)(DA)(DA)(DG)(DA)(DT)(DG)(DA)(DT)(DA)(DC)(DA)(DG)(DT)(DG)(DT)(DC)(DT)(DA)
(DG)(DT)(DT)(DT)(DT)(DT)(DT)(DT)(DT)(DT)
;
A7
61 'polydeoxyribonucleotide'
;(DT)(DT)(DT)(DT)(DT)(DT)(DT)(DT)(DT)(DG)(DC)(DG)(DG)(DG)(DC)(DG)(DC)(DT)(DA)(DG)
(DG)(DG)(DC)(DG)(DC)(DG)(DA)(DA)(DG)(DA)(DA)(DA)(DG)(DC)(DG)(DA)(DA)(DA)(DG)(DG)
(DA)(DT)(DT)(DT)(DT)(DT)(DT)(DT)(DT)(DT)
;
A8
62 'polydeoxyribonucleotide'
;(DT)(DT)(DT)(DT)(DT)(DT)(DT)(DT)(DT)(DC)(DA)(DC)(DC)(DA)(DG)(DA)(DA)(DC)(DC)(DC)
(DC)(DA)(DG)(DC)(DT)(DG)(DG)(DC)(DT)(DT)(DG)(DT)(DT)(DG)(DT)(DG)(DG)(DA)(DA)(DG)
(DT)(DT)(DT)(DT)(DT)(DT)(DT)(DT)(DT)(DT)
;
A9
63 'polydeoxyribonucleotide'
;(DT)(DT)(DT)(DT)(DT)(DT)(DT)(DT)(DT)(DC)(DT)(DT)(DG)(DT)(DG)(DG)(DG)(DT)(DC)(DC)
(DC)(DC)(DA)(DA)(DA)(DA)(DA)(DT)(DG)(DG)(DG)(DT)(DT)(DG)(DG)(DA)(DT)(DA)(DG)(DG)
(DC)(DT)(DT)(DT)(DT)(DT)(DT)(DT)(DT)(DT)
;
BA
64 'polydeoxyribonucleotide'
;(DT)(DT)(DT)(DT)(DT)(DT)(DT)(DT)(DT)(DA)(DC)(DT)(DG)(DG)(DA)(DC)(DT)(DA)(DT)(DC)
(DA)(DC)(DC)(DT)(DG)(DG)(DA)(DT)(DC)(DA)(DC)(DA)(DT)(DG)(DT)(DC)(DT)(DG)(DA)(DC)
(DA)(DT)(DT)(DT)(DT)(DT)(DT)(DT)(DT)(DT)
;
BB
65 'polydeoxyribonucleotide'
;(DT)(DT)(DT)(DT)(DT)(DT)(DT)(DT)(DT)(DC)(DA)(DG)(DA)(DT)(DT)(DG)(DG)(DA)(DG)(DA)
(DG)(DG)(DA)(DG)(DG)(DA)(DG)(DG)(DG)(DA)(DC)(DA)(DG)(DT)(DG)(DA)(DA)(DT)(DA)(DG)
(DG)(DT)(DT)(DT)(DT)(DT)(DT)(DT)(DT)(DT)
;
BC
66 'polydeoxyribonucleotide'
;(DT)(DT)(DT)(DT)(DT)(DT)(DT)(DT)(DT)(DA)(DT)(DG)(DG)(DT)(DG)(DG)(DG)(DA)(DG)(DG)
(DG)(DA)(DG)(DA)(DT)(DA)(DG)(DC)(DC)(DT)(DT)(DT)(DA)(DT)(DG)(DC)(DC)(DT)(DG)(DG)
(DT)(DT)(DT)(DT)(DT)(DT)(DT)(DT)(DT)(DT)
;
BD
67 'polydeoxyribonucleotide'
;(DT)(DT)(DT)(DT)(DT)(DT)(DT)(DT)(DT)(DA)(DA)(DT)(DT)(DC)(DT)(DT)(DT)(DG)(DA)(DC)
(DT)(DG)(DA)(DA)(DT)(DT)(DG)(DC)(DT)(DG)(DT)(DT)(DG)(DC)(DC)(DA)(DA)(DT)(DG)(DA)
(DA)(DT)(DT)(DT)(DT)(DT)(DT)(DT)(DT)(DT)
;
BE
68 'polydeoxyribonucleotide'
;(DC)(DA)(DC)(DC)(DA)(DC)(DA)(DC)(DC)(DC)(DG)(DC)(DC)(DG)(DA)(DG)(DC)(DA)(DC)(DT)
(DA)(DA)(DC)(DT)(DC)(DC)(DA)(DG)(DG)(DA)(DA)(DA)(DC)(DC)(DT)(DG)(DC)(DA)(DA)(DA)
(DT)(DA)(DA)(DG)(DC)(DA)(DT)(DA)(DT)
;
BF
69 'polydeoxyribonucleotide'
;(DC)(DG)(DC)(DC)(DA)(DG)(DC)(DT)(DC)(DT)(DG)(DG)(DC)(DC)(DA)(DG)(DC)(DC)(DC)(DT)
(DA)(DG)(DG)(DT)(DG)(DA)(DG)(DG)(DT)(DC)(DC)(DC)(DA)(DC)(DT)(DC)(DA)(DT)(DA)(DG)
(DT)(DA)(DA)(DT)(DG)(DT)(DT)(DA)(DG)
;
BG
70 'polydeoxyribonucleotide'
;(DC)(DT)(DG)(DA)(DT)(DA)(DT)(DA)(DA)(DC)(DT)(DA)(DA)(DT)(DA)(DC)(DC)(DC)(DT)(DC)
(DA)(DT)(DA)(DT)(DA)(DT)(DG)(DC)(DT)(DT)(DA)(DA)(DT)(DA)(DG)(DC)(DG)(DG)(DT)(DC)
(DA)(DG)(DT)(DA)(DT)(DT)(DA)(DA)(DC)
;
BH
71 'polydeoxyribonucleotide'
;(DT)(DA)(DC)(DA)(DT)(DC)(DG)(DG)(DG)(DA)(DG)(DA)(DA)(DA)(DT)(DT)(DT)(DG)(DC)(DA)
(DC)(DC)(DA)(DG)(DT)(DG)(DC)(DC)(DC)(DG)(DC)(DA)(DG)(DT)(DC)(DA)(DT)(DC)(DC)(DT)
(DG)(DG)(DA)(DC)(DT)(DC)(DA)(DC)(DC)
;
BI
72 'polydeoxyribonucleotide'
;(DA)(DA)(DT)(DT)(DC)(DA)(DA)(DT)(DT)(DA)(DC)(DC)(DT)(DG)(DG)(DT)(DC)(DG)(DC)(DT)
(DA)(DT)(DT)(DA)(DA)(DT)(DC)(DT)(DG)(DA)(DC)(DC)(DT)(DC)(DC)(DT)(DG)(DG)(DT)(DT)
(DT)(DT)(DT)(DT)(DT)(DT)(DT)(DT)(DT)
;
BJ
73 'polydeoxyribonucleotide'
;(DA)(DA)(DA)(DC)(DA)(DC)(DC)(DG)(DG)(DA)(DA)(DG)(DA)(DG)(DT)(DT)(DC)(DT)(DA)(DA)
(DG)(DA)(DA)(DT)(DG)(DC)(DA)(DT)(DC)(DT)(DT)(DC)(DC)(DC)(DA)(DA)(DT)(DT)(DT)(DG)
(DT)(DT)(DT)(DT)(DT)(DT)(DT)(DT)(DT)
;
BK
74 'polydeoxyribonucleotide'
;(DT)(DG)(DT)(DA)(DA)(DG)(DG)(DT)(DT)(DG)(DA)(DC)(DC)(DT)(DA)(DC)(DT)(DT)(DT)(DT)
(DA)(DA)(DC)(DA)(DG)(DG)(DG)(DG)(DA)(DA)(DT)(DT)(DG)(DA)(DC)(DA)(DA)(DG)(DC)(DT)
(DT)(DA)(DG)(DG)(DC)(DT)(DG)(DT)(DT)
;
BL
75 'polydeoxyribonucleotide'
;(DG)(DG)(DG)(DT)(DC)(DA)(DT)(DC)(DA)(DT)(DG)(DC)(DT)(DG)(DT)(DC)(DC)(DT)(DA)(DG)
(DG)(DA)(DC)(DC)(DT)(DG)(DC)(DT)(DG)(DG)(DA)(DA)(DT)(DA)(DA)(DT)(DT)(DT)(DG)(DT)
(DC)(DT)(DG)(DG)(DG)(DC)(DT)(DG)(DT)
;
BM
76 'polydeoxyribonucleotide'
;(DC)(DT)(DG)(DC)(DA)(DA)(DA)(DG)(DG)(DC)(DT)(DC)(DT)(DG)(DC)(DA)(DA)(DA)(DG)(DG)
(DT)(DC)(DT)(DT)(DA)(DT)(DG)(DA)(DG)(DT)(DA)(DG)(DC)(DA)(DA)(DC)(DC)(DA)(DA)(DA)
(DA)(DG)(DG)(DA)(DA)(DA)(DG)(DG)(DA)
;
BN
77 'polydeoxyribonucleotide'
;(DG)(DC)(DC)(DA)(DG)(DT)(DT)(DA)(DC)(DA)(DA)(DA)(DA)(DT)(DG)(DT)(DT)(DT)(DT)(DG)
(DA)(DC)(DT)(DG)(DA)(DT)(DA)(DA)(DC)(DA)(DC)(DC)(DA)(DA)(DC)(DC)(DG)(DA)(DG)(DA)
(DG)(DG)(DC)(DT)(DT)(DT)(DT)(DA)(DA)
;
BO
78 'polydeoxyribonucleotide'
;(DT)(DA)(DA)(DC)(DA)(DT)(DA)(DA)(DA)(DA)(DA)(DC)(DA)(DG)(DG)(DT)(DA)(DA)(DT)(DT)
(DG)(DA)(DG)(DG)(DA)(DC)(DA)(DG)(DA)(DT)(DC)(DT)(DT)(DG)(DA)(DT)(DA)(DC)(DC)(DA)
(DC)(DA)(DA)(DC)(DA)(DT)(DA)(DG)(DC)
;
BP
79 'polydeoxyribonucleotide'
;(DT)(DT)(DT)(DT)(DT)(DT)(DT)(DT)(DT)(DC)(DA)(DA)(DA)(DG)(DC)(DG)(DC)(DC)(DA)(DT)
(DT)(DC)(DG)(DC)(DC)(DA)(DA)(DG)(DC)(DA)(DA)(DT)(DA)(DG)(DC)(DT)(DA)(DG)(DC)(DA)
(DA)(DA)(DC)(DG)(DT)(DA)(DG)(DT)(DG)
;
BQ
80 'polydeoxyribonucleotide'
;(DT)(DT)(DA)(DT)(DT)(DT)(DT)(DA)(DA)(DA)(DT)(DT)(DA)(DT)(DA)(DG)(DA)(DG)(DT)(DG)
(DA)(DG)(DG)(DG)(DG)(DT)(DA)(DG)(DG)(DC)(DA)(DA)(DG)(DG)(DC)(DA)(DT)(DC)(DG)(DG)
(DC)(DA)(DA)(DA)(DC)(DA)(DG)(DC)(DT)
;
BR
81 'polydeoxyribonucleotide'
;(DT)(DT)(DT)(DT)(DT)(DT)(DT)(DT)(DT)(DG)(DG)(DC)(DG)(DC)(DA)(DT)(DC)(DG)(DT)(DA)
(DA)(DC)(DC)(DA)(DA)(DT)(DC)(DA)(DC)(DC)(DA)(DG)(DT)(DA)(DG)(DC)(DC)(DG)(DG)(DA)
(DT)(DA)(DG)(DG)(DT)(DC)(DA)(DC)(DG)
;
BS
82 'polydeoxyribonucleotide'
;(DT)(DT)(DT)(DT)(DT)(DT)(DT)(DT)(DT)(DT)(DG)(DT)(DT)(DA)(DA)(DA)(DA)(DT)(DT)(DC)
(DG)(DC)(DA)(DA)(DT)(DG)(DA)(DA)(DA)(DG)(DT)(DA)(DT)(DT)(DA)(DC)(DG)(DC)(DC)(DA)
(DC)(DC)(DC)(DT)(DC)(DA)(DG)(DA)(DA)
;
BT
83 'polydeoxyribonucleotide'
;(DC)(DG)(DT)(DA)(DA)(DC)(DA)(DA)(DA)(DC)(DT)(DA)(DT)(DA)(DC)(DC)(DA)(DA)(DG)(DG)
(DA)(DG)(DG)(DA)(DT)(DT)(DC)(DC)(DA)(DA)(DC)(DA)(DG)(DC)(DA)(DA)(DC)(DA)(DA)(DT)
(DA)(DG)(DA)(DG)(DT)(DT)(DG)(DT)(DT)
;
BU
84 'polydeoxyribonucleotide'
;(DT)(DC)(DT)(DT)(DT)(DC)(DC)(DA)(DG)(DA)(DC)(DG)(DC)(DC)(DG)(DA)(DA)(DC)(DC)(DA)
(DC)(DC)(DC)(DT)(DC)(DA)(DT)(DT)(DG)(DA)(DA)(DC)(DG)(DC)(DG)(DA)(DG)(DA)(DA)(DA)
(DG)(DT)(DC)(DG)(DT)(DA)(DG)(DC)(DT)
;
BV
85 'polydeoxyribonucleotide'
;(DA)(DG)(DC)(DA)(DT)(DG)(DA)(DA)(DT)(DG)(DA)(DG)(DC)(DC)(DC)(DA)(DT)(DA)(DC)(DT)
(DA)(DG)(DG)(DG)(DA)(DA)(DG)(DT)(DG)(DC)(DT)(DT)(DA)(DG)(DC)(DT)(DA)(DT)(DC)(DA)
(DT)(DG)(DT)(DA)(DA)(DG)(DG)(DT)(DT)
;
BW
86 'polydeoxyribonucleotide'
;(DC)(DA)(DA)(DC)(DC)(DA)(DT)(DC)(DT)(DA)(DC)(DA)(DG)(DA)(DA)(DG)(DT)(DT)(DT)(DG)
(DG)(DA)(DT)(DC)(DT)(DA)(DT)(DA)(DA)(DT)(DG)(DC)(DT)(DT)(DT)(DA)(DA)(DA)(DC)(DA)
(DT)(DA)(DC)(DA)(DG)(DC)(DA)(DA)(DA)
;
BX
87 'polydeoxyribonucleotide'
;(DT)(DT)(DT)(DG)(DT)(DT)(DA)(DT)(DA)(DA)(DA)(DA)(DC)(DA)(DG)(DC)(DG)(DA)(DA)(DA)
(DC)(DC)(DC)(DT)(DC)(DT)(DT)(DT)(DC)(DT)(DT)(DG)(DG)(DA)(DT)(DC)(DA)(DT)(DT)(DA)
(DG)(DA)(DC)(DG)(DG)(DG)(DA)(DG)(DA)
;
BY
88 'polydeoxyribonucleotide'
;(DA)(DT)(DT)(DT)(DC)(DA)(DA)(DA)(DA)(DT)(DC)(DT)(DA)(DC)(DA)(DA)(DT)(DA)(DA)(DG)
(DT)(DG)(DT)(DG)(DT)(DC)(DT)(DG)(DT)(DC)(DG)(DA)(DG)(DG)(DT)(DG)(DA)(DT)(DG)(DG)
(DC)(DC)(DC)(DA)(DC)(DT)(DA)(DC)(DG)
;
BZ
89 'polydeoxyribonucleotide'
;(DA)(DG)(DA)(DC)(DT)(DG)(DC)(DG)(DT)(DA)(DA)(DG)(DA)(DG)(DC)(DA)(DA)(DC)(DA)(DC)
(DT)(DT)(DT)(DA)(DG)(DG)(DA)(DA)(DC)(DA)(DA)(DG)(DA)(DA)(DC)(DC)(DT)(DA)(DG)(DA)
(DC)(DA)(DA)(DG)(DG)(DG)(DG)(DC)(DC)
;
Ba
90 'polydeoxyribonucleotide'
;(DT)(DT)(DT)(DT)(DT)(DT)(DT)(DT)(DT)(DC)(DA)(DA)(DG)(DC)(DA)(DT)(DG)(DT)(DA)(DA)
(DT)(DC)(DT)(DC)(DC)(DA)(DC)(DT)(DT)(DT)(DG)(DA)(DT)(DG)(DG)(DA)(DA)(DC)(DT)(DG)
(DT)(DT)(DT)(DT)(DT)(DT)(DT)(DT)(DT)
;
Bb
91 'polydeoxyribonucleotide'
;(DA)(DG)(DA)(DA)(DG)(DT)(DT)(DT)(DT)(DG)(DC)(DC)(DA)(DG)(DC)(DC)(DC)(DT)(DC)(DA)
(DA)(DT)(DG)(DA)(DA)(DA)(DT)(DC)(DG)(DA)(DG)(DG)(DG)(DT)(DA)(DG)(DG)(DC)(DT)(DG)
(DT)(DC)(DT)(DG)(DT)(DG)(DT)(DA)(DG)
;
Bc
92 'polydeoxyribonucleotide'
;(DT)(DT)(DT)(DT)(DT)(DT)(DT)(DT)(DT)(DC)(DA)(DG)(DA)(DG)(DA)(DT)(DG)(DA)(DT)(DA)
(DT)(DC)(DA)(DT)(DA)(DC)(DA)(DG)(DT)(DA)(DT)(DA)(DG)(DA)(DT)(DG)(DC)(DA)(DG)(DT)
(DT)(DT)(DT)(DT)(DT)(DT)(DT)(DT)(DT)
;
Bd
93 'polydeoxyribonucleotide'
;(DA)(DA)(DG)(DA)(DG)(DT)(DC)(DC)(DA)(DC)(DT)(DA)(DT)(DT)(DA)(DT)(DC)(DG)(DG)(DA)
(DA)(DA)(DT)(DT)(DA)(DG)(DA)(DG)(DA)(DG)(DC)(DG)(DT)(DC)(DA)(DC)(DC)(DA)(DC)(DC)
(DA)(DG)(DG)(DG)(DT)(DG)(DG)(DC)(DT)
;
Be
94 'polydeoxyribonucleotide'
;(DT)(DA)(DT)(DT)(DG)(DG)(DG)(DC)(DA)(DT)(DT)(DG)(DT)(DG)(DA)(DA)(DT)(DT)(DA)(DC)
(DC)(DA)(DG)(DT)(DC)(DA)(DG)(DG)(DT)(DC)(DA)(DA)(DT)(DA)(DG)(DT)(DA)(DA)(DC)(DT)
(DC)(DC)(DA)(DA)(DT)(DC)(DG)(DG)(DA)
;
Bf
95 'polydeoxyribonucleotide'
;(DG)(DT)(DT)(DT)(DG)(DA)(DT)(DC)(DA)(DA)(DA)(DG)(DG)(DG)(DA)(DC)(DC)(DC)(DT)(DA)
(DA)(DG)(DC)(DG)(DT)(DA)(DA)(DC)(DG)(DC)(DG)(DG)(DG)(DA)(DG)(DA)(DA)(DC)(DC)(DG)
(DT)(DT)
;
Bg
96 'polydeoxyribonucleotide'
;(DG)(DT)(DC)(DC)(DA)(DC)(DG)(DA)(DG)(DT)(DA)(DT)(DG)(DT)(DT)(DA)(DT)(DC)(DT)(DT)
(DA)(DG)(DG)(DA)(DG)(DA)(DA)(DA)(DC)(DA)(DA)(DT)(DG)(DA)(DA)(DA)(DT)(DT)(DC)(DA)
(DG)(DT)
;
Bh
97 'polydeoxyribonucleotide'
;(DT)(DT)(DT)(DT)(DT)(DT)(DT)(DT)(DT)(DT)(DG)(DG)(DC)(DC)(DC)(DT)(DG)(DA)(DG)(DA)
(DG)(DA)(DG)(DT)(DT)(DG)(DC)(DA)(DG)(DC)(DA)(DA)(DG)(DC)(DG)(DT)(DG)(DA)(DA)(DC)
(DC)(DA)
;
Bi
98 'polydeoxyribonucleotide'
;(DC)(DG)(DA)(DA)(DA)(DA)(DA)(DC)(DC)(DG)(DT)(DC)(DT)(DA)(DC)(DA)(DG)(DG)(DC)(DG)
(DA)(DG)(DA)(DT)(DT)(DA)(DA)(DG)(DA)(DA)(DG)(DA)(DA)(DA)(DA)(DT)(DG)(DA)(DA)(DA)
(DA)(DA)
;
Bj
99 'polydeoxyribonucleotide'
;(DC)(DG)(DG)(DC)(DG)(DA)(DA)(DG)(DA)(DG)(DC)(DG)(DG)(DG)(DG)(DA)(DA)(DC)(DG)(DG)
(DT)(DA)(DG)(DT)(DG)(DA)(DG)(DG)(DC)(DA)(DT)(DT)(DT)(DT)(DG)(DT)(DG)(DG)(DC)(DA)
(DG)(DA)
;
Bk
100 'polydeoxyribonucleotide'
;(DT)(DT)(DT)(DT)(DT)(DT)(DT)(DT)(DT)(DG)(DG)(DG)(DC)(DA)(DA)(DC)(DA)(DG)(DC)(DT)
(DG)(DA)(DT)(DC)(DA)(DA)(DA)(DT)(DC)(DA)(DA)(DG)(DT)(DT)(DT)(DG)(DC)(DG)(DC)(DG)
(DT)(DA)
;
Bl
101 'polydeoxyribonucleotide'
;(DG)(DA)(DT)(DT)(DA)(DA)(DA)(DA)(DG)(DT)(DC)(DT)(DG)(DT)(DA)(DA)(DA)(DC)(DG)(DC)
(DT)(DG)(DA)(DC)(DC)(DA)(DG)(DT)(DA)(DA)(DA)(DA)(DT)(DA)(DC)(DC)(DG)(DA)(DA)(DC)
(DC)(DC)
;
Bm
102 'polydeoxyribonucleotide'
;(DG)(DG)(DA)(DG)(DG)(DC)(DC)(DA)(DG)(DC)(DG)(DG)(DT)(DC)(DA)(DC)(DG)(DC)(DT)(DG)
(DC)(DA)(DG)(DG)(DG)(DA)(DG)(DC)(DA)(DG)(DG)(DG)(DT)(DT)(DC)(DT)(DT)(DG)(DT)(DA)
(DG)(DA)
;
Bn
103 'polydeoxyribonucleotide'
;(DG)(DC)(DT)(DT)(DT)(DC)(DC)(DT)(DT)(DG)(DA)(DT)(DT)(DA)(DT)(DA)(DA)(DT)(DA)(DT)
(DC)(DC)(DC)(DT)(DT)(DC)(DT)(DG)(DG)(DT)(DC)(DT)(DT)(DT)(DA)(DA)(DC)(DC)(DG)(DC)
(DC)(DT)
;
Bo
104 'polydeoxyribonucleotide'
;(DT)(DT)(DT)(DG)(DA)(DC)(DG)(DT)(DG)(DC)(DC)(DT)(DG)(DA)(DG)(DT)(DA)(DG)(DA)(DC)
(DG)(DT)(DA)(DT)(DT)(DG)(DG)(DG)(DC)(DG)(DC)(DC)(DA)(DT)(DT)(DT)(DT)(DT)(DT)(DT)
(DT)(DT)
;
Bp
105 'polydeoxyribonucleotide'
;(DG)(DT)(DA)(DG)(DC)(DA)(DA)(DT)(DA)(DC)(DT)(DT)(DC)(DT)(DT)(DC)(DG)(DT)(DT)(DA)
(DG)(DT)(DT)(DG)(DA)(DC)(DG)(DG)(DG)(DT)(DC)(DA)(DC)(DA)(DA)(DA)(DC)(DG)(DT)(DT)
(DG)(DG)
;
Bq
106 'polydeoxyribonucleotide'
;(DT)(DT)(DT)(DT)(DT)(DT)(DT)(DT)(DT)(DG)(DG)(DA)(DG)(DA)(DG)(DG)(DC)(DG)(DG)(DT)
(DT)(DT)(DG)(DA)(DG)(DA)(DA)(DC)(DT)(DC)(DA)(DA)(DA)(DC)(DT)(DG)(DA)(DA)(DT)(DA)
(DC)(DG)
;
Br
107 'polydeoxyribonucleotide'
;(DT)(DT)(DT)(DT)(DT)(DT)(DT)(DT)(DT)(DC)(DT)(DG)(DC)(DA)(DT)(DT)(DA)(DA)(DT)(DG)
(DA)(DA)(DT)(DC)(DA)(DG)(DA)(DC)(DA)(DA)(DT)(DA)(DT)(DT)(DT)(DC)(DT)(DC)(DA)(DG)
(DT)(DC)
;
Bs
108 'polydeoxyribonucleotide'
;(DC)(DA)(DG)(DC)(DA)(DA)(DT)(DG)(DC)(DA)(DA)(DC)(DA)(DG)(DT)(DG)(DC)(DC)(DA)(DC)
(DG)(DT)(DT)(DG)(DA)(DA)(DT)(DG)(DT)(DC)(DA)(DT)(DA)(DG)(DC)(DC)(DA)(DC)(DC)(DA)
(DT)(DT)
;
Bt
109 'polydeoxyribonucleotide'
;(DG)(DG)(DG)(DG)(DC)(DA)(DG)(DA)(DC)(DC)(DT)(DC)(DA)(DA)(DA)(DT)(DA)(DT)(DC)(DA)
(DA)(DA)(DG)(DA)(DT)(DT)(DA)(DG)(DC)(DA)(DC)(DC)(DA)(DC)(DC)(DC)(DC)(DA)(DG)(DC)
(DA)(DT)
;
Bu
110 'polydeoxyribonucleotide'
;(DA)(DG)(DT)(DT)(DG)(DG)(DC)(DC)(DA)(DA)(DC)(DA)(DC)(DA)(DG)(DA)(DC)(DC)(DA)(DT)
(DA)(DG)(DA)(DA)(DG)(DA)(DT)(DA)(DA)(DA)(DA)(DC)(DA)(DG)(DA)(DA)(DA)(DA)(DC)(DA)
(DT)(DC)
;
Bv
111 'polydeoxyribonucleotide'
;(DT)(DT)(DT)(DT)(DT)(DT)(DT)(DT)(DT)(DT)(DA)(DA)(DT)(DG)(DA)(DG)(DT)(DG)(DA)(DG)
(DC)(DT)(DA)(DA)(DC)(DT)(DA)(DG)(DC)(DA)(DT)(DC)(DA)(DC)(DC)(DA)(DA)(DT)(DA)(DC)
(DA)(DT)
;
Bw
112 'polydeoxyribonucleotide'
;(DA)(DG)(DC)(DC)(DG)(DT)(DC)(DG)(DC)(DA)(DT)(DA)(DC)(DC)(DT)(DC)(DT)(DG)(DG)(DG)
(DA)(DA)(DA)(DA)(DT)(DG)(DT)(DG)(DC)(DA)(DG)(DG)(DT)(DC)(DT)(DT)(DG)(DT)(DA)(DG)
(DG)(DA)
;
Bx
113 'polydeoxyribonucleotide'
;(DG)(DA)(DA)(DG)(DT)(DT)(DT)(DA)(DA)(DT)(DA)(DG)(DA)(DT)(DT)(DT)(DG)(DC)(DT)(DG)
(DA)(DC)(DT)(DA)(DA)(DT)(DG)(DA)(DA)(DA)(DA)(DA)(DT)(DC)(DT)(DT)(DT)(DA)(DT)(DT)
(DA)(DG)
;
By
114 'polydeoxyribonucleotide'
;(DT)(DT)(DT)(DG)(DC)(DT)(DA)(DC)(DC)(DA)(DA)(DG)(DG)(DG)(DG)(DT)(DC)(DC)(DT)(DA)
(DT)(DA)(DA)(DA)(DT)(DT)(DG)(DA)(DG)(DG)(DA)(DA)(DG)(DG)(DT)(DC)(DG)(DC)(DC)(DA)
(DC)(DC)
;
Bz
115 'polydeoxyribonucleotide'
;(DT)(DT)(DT)(DT)(DT)(DT)(DT)(DT)(DT)(DA)(DT)(DT)(DG)(DT)(DT)(DA)(DT)(DC)(DC)(DG)
(DC)(DT)(DC)(DA)(DC)(DA)(DA)(DC)(DA)(DA)(DT)(DT)(DC)(DG)(DA)(DA)(DT)(DC)(DA)(DA)
(DT)(DA)
;
B0
116 'polydeoxyribonucleotide'
;(DA)(DA)(DA)(DG)(DA)(DA)(DA)(DT)(DA)(DC)(DA)(DT)(DG)(DG)(DC)(DT)(DT)(DT)(DT)(DT)
(DT)(DG)(DT)(DA)(DT)(DT)(DT)(DG)(DG)(DA)(DG)(DT)(DT)(DG)(DG)(DG)(DT)(DA)(DG)(DC)
(DC)(DA)
;
B1
117 'polydeoxyribonucleotide'
;(DG)(DG)(DG)(DT)(DC)(DA)(DG)(DA)(DA)(DG)(DG)(DA)(DG)(DC)(DA)(DA)(DG)(DT)(DT)(DT)
(DG)(DC)(DA)(DA)(DG)(DG)(DA)(DA)(DG)(DA)(DG)(DC)(DA)(DT)(DA)(DA)(DA)(DT)(DA)(DT)
(DC)(DT)
;
B2
118 'polydeoxyribonucleotide'
;(DG)(DT)(DT)(DT)(DG)(DA)(DG)(DG)(DC)(DA)(DA)(DT)(DT)(DC)(DC)(DA)(DA)(DC)(DT)(DC)
(DG)(DT)(DC)(DA)(DT)(DT)(DA)(DG)(DA)(DC)(DT)(DT)(DT)(DA)(DC)(DC)(DG)(DA)(DT)(DT)
(DG)(DG)
;
B3
119 'polydeoxyribonucleotide'
;(DG)(DA)(DG)(DA)(DG)(DT)(DC)(DA)(DA)(DG)(DG)(DG)(DA)(DT)(DG)(DG)(DG)(DA)(DG)(DC)
(DA)(DA)(DT)(DT)(DC)(DC)(DT)(DG)(DC)(DC)(DC)(DG)(DA)(DA)(DC)(DC)(DA)(DT)(DT)(DC)
(DT)(DG)
;
B4
120 'polydeoxyribonucleotide'
;(DA)(DA)(DG)(DA)(DA)(DA)(DT)(DG)(DG)(DT)(DA)(DA)(DT)(DA)(DT)(DC)(DC)(DA)(DG)(DT)
(DA)(DA)(DC)(DT)(DG)(DA)(DG)(DA)(DA)(DC)(DT)(DT)(DT)(DA)(DA)(DG)(DC)(DC)(DA)(DC)
(DC)(DA)
;
B5
121 'polydeoxyribonucleotide'
;(DT)(DT)(DT)(DT)(DT)(DT)(DT)(DT)(DT)(DG)(DG)(DA)(DG)(DG)(DA)(DT)(DC)(DC)(DC)(DC)
(DG)(DA)(DA)(DC)(DC)(DA)(DA)(DT)(DA)(DG)(DG)(DA)(DA)(DT)(DT)(DT)(DT)(DT)(DT)(DT)
(DT)(DT)
;
B6
122 'polydeoxyribonucleotide'
;(DC)(DG)(DC)(DG)(DC)(DA)(DG)(DA)(DC)(DA)(DC)(DC)(DT)(DA)(DT)(DT)(DA)(DT)(DT)(DC)
(DT)(DG)(DA)(DA)(DA)(DC)(DT)(DT)(DT)(DT)(DA)(DA)(DG)(DT)(DT)(DA)(DC)(DA)(DA)(DA)
(DA)(DT)
;
B7
123 'polydeoxyribonucleotide'
;(DT)(DT)(DT)(DT)(DT)(DT)(DT)(DT)(DT)(DA)(DC)(DG)(DT)(DG)(DG)(DT)(DG)(DC)(DT)(DT)
(DG)(DA)(DA)(DA)(DT)(DT)(DT)(DT)(DT)(DG)(DT)(DT)(DA)(DT)(DT)(DT)(DT)(DT)(DT)(DT)
(DT)(DT)
;
B8
124 'polydeoxyribonucleotide'
;(DG)(DA)(DG)(DG)(DA)(DT)(DA)(DT)(DA)(DT)(DC)(DC)(DT)(DG)(DT)(DA)(DT)(DT)(DA)(DA)
(DC)(DA)(DA)(DT)(DA)(DT)(DC)(DA)(DC)(DG)(DG)(DG)(DG)(DA)(DA)(DG)(DC)(DA)(DC)(DT)
(DA)(DA)
;
B9
125 'polydeoxyribonucleotide'
;(DT)(DT)(DT)(DT)(DT)(DT)(DT)(DT)(DT)(DG)(DG)(DT)(DG)(DT)(DA)(DA)(DT)(DG)(DA)(DG)
(DT)(DA)(DC)(DG)(DT)(DT)(DA)(DA)(DT)(DA)(DT)(DT)(DT)(DT)(DT)(DT)(DT)(DT)(DT)(DT)
(DT)(DT)
;
CA
126 'polydeoxyribonucleotide'
;(DT)(DT)(DT)(DT)(DT)(DT)(DA)(DA)(DG)(DT)(DT)(DG)(DA)(DG)(DC)(DT)(DA)(DG)(DT)(DA)
(DG)(DC)(DT)(DT)(DT)(DT)(DT)(DA)(DA)(DC)(DA)(DA)(DC)(DT)(DA)(DT)(DC)(DT)(DG)(DT)
(DT)(DA)
;
CB
127 'polydeoxyribonucleotide'
;(DA)(DT)(DA)(DT)(DA)(DT)(DG)(DT)(DG)(DA)(DG)(DT)(DG)(DA)(DA)(DA)(DA)(DC)(DA)(DT)
(DC)(DG)(DT)(DA)(DT)(DC)(DA)(DC)(DG)(DA)(DA)(DG)(DG)(DA)(DT)(DC)(DT)(DG)(DG)(DA)
(DA)(DG)
;
CC
128 'polydeoxyribonucleotide'
;(DA)(DT)(DA)(DA)(DC)(DC)(DT)(DC)(DA)(DC)(DC)(DC)(DA)(DC)(DA)(DC)(DC)(DA)(DG)(DC)
(DT)(DG)(DT)(DC)(DA)(DA)(DT)(DA)(DG)(DT)(DG)(DA)(DA)(DT)(DT)(DG)(DC)(DT)(DG)(DA)
(DT)(DG)
;
CD
129 'polydeoxyribonucleotide'
;(DC)(DT)(DA)(DT)(DG)(DG)(DT)(DA)(DA)(DA)(DA)(DC)(DC)(DT)(DG)(DG)(DA)(DT)(DA)(DT)
(DG)(DG)(DT)(DA)(DT)(DT)(DC)(DA)(DC)(DA)(DT)(DT)(DT)(DT)(DT)(DG)(DC)(DG)(DG)(DA)
(DT)(DG)
;
CE
130 'polydeoxyribonucleotide'
;(DT)(DT)(DT)(DT)(DT)(DT)(DT)(DT)(DT)(DA)(DC)(DA)(DA)(DA)(DT)(DA)(DA)(DA)(DT)(DG)
(DT)(DT)(DC)(DC)(DA)(DA)(DG)(DA)(DC)(DC)(DC)(DT)(DT)(DT)(DT)(DT)(DT)(DT)(DT)(DT)
(DT)(DT)
;
CF
131 'polydeoxyribonucleotide'
;(DC)(DA)(DA)(DA)(DT)(DC)(DC)(DT)(DG)(DA)(DA)(DG)(DC)(DT)(DT)(DC)(DT)(DT)(DG)(DG)
(DA)(DG)(DT)(DG)(DC)(DT)(DG)(DA)(DT)(DC)(DC)(DC)(DC)(DT)(DA)(DC)(DC)(DA)(DG)(DT)
(DT)(DC)
;
CG
132 'polydeoxyribonucleotide'
;(DT)(DG)(DG)(DG)(DC)(DT)(DG)(DA)(DG)(DG)(DT)(DT)(DG)(DG)(DA)(DG)(DA)(DC)(DT)(DA)
(DC)(DG)(DT)(DT)(DC)(DA)(DT)(DG)(DA)(DT)(DT)(DG)(DG)(DC)(DC)(DC)(DC)(DT)(DG)(DG)
(DT)(DT)
;
CH
133 'polydeoxyribonucleotide'
;(DG)(DG)(DC)(DT)(DA)(DG)(DC)(DT)(DG)(DT)(DA)(DA)(DA)(DT)(DT)(DA)(DT)(DC)(DA)(DA)
(DA)(DA)(DA)(DT)(DC)(DT)(DG)(DG)(DC)(DA)(DG)(DT)(DC)(DT)(DT)(DT)(DG)(DA)(DT)(DT)
(DG)(DC)
;
CI
134 'polydeoxyribonucleotide'
;(DT)(DT)(DT)(DT)(DT)(DT)(DT)(DT)(DT)(DT)(DG)(DG)(DA)(DA)(DT)(DG)(DT)(DC)(DA)(DT)
(DT)(DG)(DT)(DG)(DA)(DA)(DG)(DT)(DA)(DG)(DG)(DG)(DC)(DT)(DT)(DT)(DT)(DT)(DT)(DT)
(DT)(DT)
;
CJ
135 'polydeoxyribonucleotide'
;(DT)(DT)(DT)(DT)(DT)(DT)(DT)(DT)(DT)(DG)(DC)(DC)(DC)(DT)(DG)(DG)(DG)(DG)(DT)(DT)
(DT)(DT)(DC)(DT)(DT)(DT)(DA)(DG)(DC)(DC)(DA)(DT)(DC)(DT)(DT)(DT)(DT)(DT)(DT)(DT)
(DT)(DT)
;
CK
136 'polydeoxyribonucleotide'
;(DA)(DT)(DC)(DC)(DT)(DG)(DA)(DT)(DA)(DG)(DA)(DG)(DG)(DC)(DC)(DT)(DA)(DT)(DA)(DA)
(DT)(DG)(DA)(DG)(DC)(DC)(DT)(DT)(DC)(DT)(DT)(DT)(DC)(DA)(DT)(DC)(DA)(DA)(DT)(DG)
(DC)(DC)
;
CL
137 'polydeoxyribonucleotide'
;(DT)(DA)(DG)(DG)(DT)(DC)(DC)(DA)(DC)(DT)(DA)(DA)(DC)(DT)(DA)(DG)(DG)(DT)(DC)(DA)
(DA)(DC)(DT)(DA)(DT)(DG)(DG)(DC)(DC)(DG)(DA)(DT)(DA)(DT)(DA)(DT)(DC)(DG)(DG)(DA)
(DA)(DC)
;
CM
138 'polydeoxyribonucleotide'
;(DT)(DT)(DT)(DT)(DT)(DT)(DT)(DT)(DT)(DT)(DC)(DT)(DC)(DA)(DG)(DA)(DG)(DG)(DC)(DC)
(DA)(DA)(DT)(DT)(DG)(DG)(DT)(DT)(DG)(DG)(DT)(DA)(DG)(DT)(DT)(DT)(DT)(DT)(DT)(DT)
(DT)(DT)
;
CN
139 'polydeoxyribonucleotide'
;(DA)(DG)(DC)(DC)(DT)(DC)(DA)(DC)(DC)(DA)(DG)(DG)(DA)(DG)(DA)(DG)(DC)(DA)(DT)(DG)
(DC)(DC)(DT)(DT)(DG)(DC)(DA)(DG)(DC)(DC)(DT)(DC)(DA)(DG)(DC)(DA)(DC)(DA)(DG)(DT)
(DC)(DA)
;
CO
140 'polydeoxyribonucleotide'
;(DC)(DT)(DT)(DG)(DT)(DA)(DT)(DG)(DG)(DC)(DA)(DG)(DA)(DG)(DG)(DC)(DA)(DT)(DT)(DT)
(DT)(DC)(DA)(DT)(DG)(DT)(DT)(DC)(DA)(DC)(DT)(DG)(DG)(DT)(DA)(DA)(DA)(DC)(DT)(DC)
(DA)(DT)
;
CP
141 'polydeoxyribonucleotide'
;(DG)(DA)(DG)(DA)(DA)(DT)(DC)(DG)(DC)(DC)(DA)(DT)(DA)(DT)(DA)(DT)(DA)(DC)(DA)(DG)
(DT)(DA)(DG)(DG)(DG)(DC)(DT)(DT)(DA)(DA)(DC)(DT)(DG)(DA)(DC)(DT)(DT)(DT)(DC)(DC)
(DC)(DT)
;
CQ
142 'polydeoxyribonucleotide'
;(DA)(DA)(DA)(DC)(DT)(DT)(DG)(DA)(DT)(DT)(DA)(DG)(DA)(DT)(DT)(DC)(DC)(DA)(DG)(DT)
(DG)(DC)(DA)(DC)(DT)(DG)(DT)(DA)(DT)(DA)(DG)(DT)(DT)(DT)(DT)(DT)(DT)(DT)(DT)(DT)
(DT)(DT)
;
CR
143 'polydeoxyribonucleotide'
;(DT)(DA)(DA)(DA)(DG)(DT)(DA)(DA)(DC)(DA)(DA)(DA)(DG)(DA)(DA)(DA)(DG)(DG)(DT)(DC)
(DC)(DT)(DA)(DC)(DT)(DA)(DG)(DA)(DT)(DA)(DA)(DG)(DA)(DA)(DT)(DT)(DG)(DA)(DT)(DG)
(DC)(DT)
;
CS
144 'polydeoxyribonucleotide'
;(DC)(DG)(DA)(DG)(DC)(DC)(DA)(DA)(DC)(DT)(DG)(DA)(DA)(DG)(DT)(DG)(DT)(DG)(DC)(DT)
(DA)(DT)(DA)(DT)(DC)(DA)(DT)(DA)(DT)(DG)(DT)(DG)(DA)(DT)(DA)(DC)(DC)(DT)(DC)(DT)
(DT)(DG)
;
CT
145 'polydeoxyribonucleotide'
;(DC)(DC)(DT)(DT)(DA)(DA)(DG)(DG)(DG)(DG)(DT)(DA)(DT)(DT)(DA)(DG)(DC)(DC)(DG)(DT)
(DT)(DG)(DT)(DT)(DG)(DA)(DT)(DG)(DG)(DG)(DC)(DT)(DC)(DC)(DA)(DT)(DG)(DC)(DA)(DC)
(DC)(DC)
;
CU
146 'polydeoxyribonucleotide'
;(DT)(DT)(DT)(DC)(DC)(DT)(DT)(DA)(DG)(DG)(DA)(DA)(DT)(DC)(DC)(DA)(DA)(DC)(DC)(DA)
(DT)(DA)(DC)(DA)(DG)(DT)(DT)(DA)(DA)(DA)(DT)(DC)(DA)(DA)(DG)(DC)(DT)(DA)(DA)(DT)
(DT)(DT)
;
CV
147 'polydeoxyribonucleotide'
;(DT)(DT)(DT)(DT)(DT)(DT)(DT)(DT)(DT)(DA)(DT)(DG)(DG)(DG)(DA)(DA)(DT)(DG)(DG)(DT)
(DG)(DA)(DG)(DC)(DC)(DA)(DT)(DC)(DA)(DC)(DA)(DG)(DG)(DA)(DA)(DG)(DT)(DA)(DC)(DA)
(DT)(DC)
;
CW
148 'polydeoxyribonucleotide'
;(DA)(DT)(DC)(DG)(DA)(DG)(DA)(DA)(DC)(DA)(DA)(DG)(DC)(DA)(DA)(DA)(DA)(DC)(DC)(DA)
(DA)(DT)(DC)(DG)(DT)(DC)(DA)(DC)(DG)(DG)(DA)(DG)(DT)(DT)(DA)(DC)(DT)(DA)(DA)(DA)
(DC)(DA)
;
CX
149 'polydeoxyribonucleotide'
;(DT)(DT)(DT)(DA)(DT)(DT)(DT)(DT)(DC)(DA)(DT)(DC)(DG)(DT)(DA)(DT)(DC)(DA)(DT)(DT)
(DC)(DG)(DA)(DC)(DA)(DG)(DC)(DA)(DT)(DT)(DC)(DG)(DG)(DT)(DC)(DC)(DT)(DG)(DT)(DG)
(DA)(DA)
;
CY
150 'polydeoxyribonucleotide'
;(DT)(DC)(DC)(DA)(DA)(DC)(DT)(DG)(DT)(DG)(DG)(DG)(DA)(DT)(DC)(DC)(DA)(DG)(DC)(DT)
(DC)(DC)(DT)(DC)(DA)(DG)(DA)(DA)(DT)(DT)(DC)(DT)(DG)(DT)(DA)(DC)(DC)(DT)(DG)(DT)
(DA)(DG)
;
CZ
151 'polydeoxyribonucleotide'
;(DT)(DG)(DC)(DT)(DT)(DT)(DT)(DG)(DA)(DA)(DC)(DA)(DT)(DG)(DC)(DA)(DG)(DG)(DT)(DA)
(DA)(DT)(DA)(DT)(DT)(DC)(DA)(DT)(DA)(DG)(DA)(DA)(DC)(DT)(DG)(DA)(DC)(DA)(DC)(DC)
(DT)(DA)
;
Ca
152 'polydeoxyribonucleotide'
;(DT)(DT)(DG)(DG)(DT)(DC)(DA)(DA)(DT)(DT)(DA)(DC)(DC)(DG)(DC)(DG)(DC)(DC)(DC)(DA)
(DA)(DA)(DA)(DT)(DA)(DA)(DT)(DC)(DG)(DC)(DA)(DA)(DC)(DG)(DG)(DC)(DG)(DC)(DC)(DC)
(DA)(DC)
;
Cb
153 'polydeoxyribonucleotide'
;(DT)(DC)(DA)(DT)(DT)(DC)(DC)(DC)(DC)(DT)(DT)(DA)(DG)(DT)(DT)(DC)(DC)(DT)(DA)(DT)
(DT)(DA)(DC)(DG)(DA)(DA)(DG)(DG)(DA)(DT)(DT)(DG)(DT)(DG)(DT)(DA)(DC)(DC)(DC)(DA)
(DT)(DC)
;
Cc
154 'polydeoxyribonucleotide'
;(DA)(DG)(DG)(DC)(DC)(DC)(DA)(DG)(DT)(DA)(DC)(DT)(DC)(DT)(DG)(DT)(DG)(DT)(DT)(DG)
(DC)(DT)(DG)(DC)(DA)(DT)(DT)(DT)(DA)(DT)(DG)(DC)(DT)(DT)(DG)(DG)(DA)(DG)(DG)(DC)
(DA)(DG)
;
Cd
155 'polydeoxyribonucleotide'
;(DA)(DG)(DC)(DT)(DA)(DC)(DA)(DA)(DC)(DC)(DA)(DA)(DG)(DC)(DC)(DT)(DC)(DA)(DT)(DC)
(DT)(DC)(DT)(DA)(DG)(DT)(DT)(DT)(DG)(DA)(DT)(DA)(DG)(DC)(DG)(DT)(DC)(DT)(DA)(DA)
(DT)(DA)
;
Ce
156 'polydeoxyribonucleotide'
;(DA)(DA)(DC)(DT)(DC)(DT)(DG)(DA)(DT)(DC)(DT)(DT)(DT)(DG)(DG)(DG)(DA)(DT)(DT)(DT)
(DT)(DA)(DA)(DA)(DA)(DG)(DC)(DT)(DC)(DT)(DG)(DC)(DA)(DT)(DC)(DA)(DG)(DG)(DT)(DC)
(DA)(DC)
;
Cf
157 'polydeoxyribonucleotide'
;(DT)(DA)(DA)(DC)(DG)(DA)(DG)(DT)(DG)(DG)(DA)(DC)(DT)(DG)(DG)(DC)(DC)(DA)(DT)(DT)
(DG)(DC)(DC)(DC)(DT)(DT)(DT)(DA)(DC)(DT)(DA)(DC)(DA)(DA)(DG)(DT)(DT)(DG)(DC)(DC)
(DT)(DT)
;
Cg
158 'polydeoxyribonucleotide'
;(DC)(DG)(DT)(DC)(DT)(DT)(DT)(DC)(DC)(DA)(DG)(DA)(DG)(DC)(DA)(DT)(DT)(DA)(DG)(DT)
(DT)(DA)(DA)(DC)(DG)(DG)(DA)(DG)(DG)(DC)(DA)(DA)(DA)(DA)(DG)(DT)(DA)(DG)(DA)(DT)
(DC)(DT)
;
Ch
159 'polydeoxyribonucleotide'
;(DA)(DG)(DA)(DA)(DA)(DT)(DG)(DC)(DA)(DT)(DA)(DT)(DT)(DA)(DT)(DT)(DT)(DA)(DT)(DC)
(DC)(DG)(DA)(DA)(DC)(DC)(DT)(DC)(DC)(DG)(DC)(DG)(DA)(DC)(DC)(DT)(DA)(DC)(DG)(DT)
(DA)(DA)
;
Ci
160 'polydeoxyribonucleotide'
;(DC)(DA)(DT)(DC)(DA)(DT)(DT)(DT)(DA)(DG)(DC)(DA)(DG)(DC)(DC)(DT)(DT)(DT)(DA)(DC)
(DA)(DA)(DG)(DA)(DG)(DA)(DT)(DA)(DC)(DG)(DA)(DA)(DC)(DT)(DG)(DT)(DC)(DA)(DT)(DT)
(DA)(DC)
;
Cj
161 'polydeoxyribonucleotide'
;(DT)(DA)(DA)(DT)(DT)(DC)(DT)(DG)(DG)(DG)(DT)(DT)(DC)(DA)(DC)(DA)(DG)(DG)(DC)(DA)
(DC)(DG)(DC)(DA)(DT)(DT)(DG)(DG)(DC)(DT)(DA)(DA)(DT)(DA)(DT)(DA)(DC)(DT)(DT)(DT)
(DG)(DC)
;
Ck
162 'polydeoxyribonucleotide'
;(DC)(DA)(DT)(DG)(DC)(DA)(DA)(DG)(DG)(DC)(DT)(DT)(DT)(DT)(DT)(DC)(DA)(DG)(DA)(DG)
(DG)(DG)(DG)(DA)(DA)(DG)(DC)(DG)(DG)(DC)(DC)(DA)(DT)(DT)(DA)(DT)(DC)(DA)(DA)(DG)
(DC)(DT)
;
Cl
163 'polydeoxyribonucleotide'
;(DG)(DC)(DC)(DA)(DT)(DG)(DG)(DT)(DC)(DC)(DT)(DT)(DT)(DA)(DG)(DA)(DA)(DA)(DG)(DT)
(DT)(DG)(DA)(DA)(DC)(DT)(DA)(DA)(DG)(DA)(DA)(DG)(DA)(DA)(DA)(DC)(DT)(DT)(DT)(DA)
(DA)(DT)
;
Cm
164 'polydeoxyribonucleotide'
;(DT)(DG)(DT)(DC)(DA)(DC)(DT)(DC)(DC)(DG)(DA)(DA)(DG)(DC)(DC)(DC)(DT)(DT)(DT)(DT)
(DT)(DA)(DC)(DT)(DC)(DC)(DT)(DT)(DT)(DA)(DT)(DC)(DC)(DA)(DG)(DG)(DC)(DC)(DA)(DT)
(DG)(DT)
;
Cn
165 'polydeoxyribonucleotide'
;(DA)(DT)(DA)(DA)(DC)(DG)(DG)(DC)(DC)(DG)(DA)(DA)(DA)(DT)(DC)(DG)(DG)(DC)(DA)(DA)
(DA)(DA)(DA)(DA)(DG)(DA)(DA)(DC)(DT)(DT)(DA)(DG)(DA)(DG)(DC)(DC)(DA)(DA)(DG)(DT)
(DG)(DT)
;
Co
166 'polydeoxyribonucleotide'
;(DA)(DT)(DT)(DA)(DC)(DG)(DC)(DC)(DT)(DG)(DG)(DT)(DT)(DT)(DG)(DC)(DC)(DC)(DC)(DA)
(DG)(DT)(DC)(DA)(DG)(DG)(DG)(DC)(DG)(DC)(DC)(DG)(DT)(DA)(DA)(DC)(DG)(DC)(DT)(DT)
(DA)(DA)
;
Cp
167 'polydeoxyribonucleotide'
;(DA)(DC)(DA)(DT)(DA)(DC)(DA)(DT)(DA)(DA)(DA)(DG)(DT)(DA)(DT)(DA)(DA)(DG)(DG)(DC)
(DT)(DT)(DG)(DC)(DT)(DT)(DT)(DT)(DG)(DC)(DG)(DG)(DG)(DA)(DG)(DG)(DG)(DA)(DA)(DA)
(DA)(DT)
;
Cq
168 'polydeoxyribonucleotide'
;(DT)(DT)(DT)(DT)(DT)(DT)(DT)(DT)(DT)(DG)(DG)(DC)(DA)(DC)(DC)(DG)(DC)(DT)(DT)(DC)
(DT)(DA)(DA)(DG)(DC)(DC)(DT)(DT)(DT)(DA)(DT)(DT)(DT)(DT)(DT)(DT)(DT)(DT)(DT)(DT)
(DT)(DT)
;
Cr
169 'polydeoxyribonucleotide'
;(DT)(DA)(DG)(DT)(DG)(DG)(DA)(DT)(DA)(DT)(DG)(DG)(DT)(DA)(DA)(DA)(DC)(DT)(DT)(DA)
(DG)(DG)(DC)(DA)(DA)(DT)(DT)(DT)(DT)(DA)(DA)(DG)(DG)(DC)(DT)(DG)(DG)(DC)(DT)(DG)
(DA)(DC)
;
Cs
170 'polydeoxyribonucleotide'
;(DT)(DG)(DT)(DT)(DG)(DG)(DG)(DA)(DA)(DA)(DA)(DT)(DT)(DC)(DA)(DG)(DG)(DG)(DA)(DA)
(DG)(DT)(DA)(DG)(DG)(DT)(DA)(DC)(DA)(DA)(DA)(DT)(DG)(DT)(DA)(DA)(DT)(DG)(DA)(DA)
(DA)(DC)
;
Ct
171 'polydeoxyribonucleotide'
;(DT)(DT)(DG)(DA)(DG)(DG)(DG)(DA)(DT)(DA)(DT)(DG)(DG)(DT)(DT)(DG)(DG)(DC)(DT)(DC)
(DA)(DA)(DG)(DA)(DA)(DA)(DT)(DG)(DT)(DT)(DC)(DA)(DC)(DA)(DG)(DT)(DT)(DC)(DA)(DA)
(DC)(DT)
;
Cu
172 'polydeoxyribonucleotide'
;(DC)(DC)(DA)(DG)(DT)(DT)(DG)(DC)(DT)(DG)(DA)(DC)(DC)(DA)(DC)(DC)(DG)(DT)(DA)(DA)
(DT)(DC)(DA)(DG)(DT)(DA)(DC)(DC)(DT)(DT)(DA)(DC)(DT)(DT)(DC)(DG)(DG)(DG)(DG)(DG)
(DT)(DG)
;
Cv
173 'polydeoxyribonucleotide'
;(DG)(DC)(DA)(DT)(DG)(DT)(DC)(DT)(DC)(DA)(DT)(DT)(DA)(DA)(DA)(DT)(DA)(DA)(DC)(DG)
(DT)(DT)(DG)(DC)(DG)(DC)(DC)(DG)(DC)(DT)(DA)(DC)(DA)(DG)(DG)(DT)(DT)(DT)(DG)(DG)
(DG)(DG)
;
Cw
174 'polydeoxyribonucleotide'
;(DT)(DT)(DT)(DT)(DT)(DT)(DT)(DT)(DT)(DT)(DT)(DG)(DA)(DG)(DG)(DG)(DG)(DA)(DC)(DG)
(DA)(DC)(DG)(DC)(DC)(DG)(DA)(DC)(DT)(DT)(DG)(DA)(DG)(DC)(DC)(DA)(DT)(DT)(DT)(DG)
(DC)(DT)
;
Cx
175 'polydeoxyribonucleotide'
;(DA)(DG)(DC)(DA)(DG)(DC)(DA)(DG)(DT)(DT)(DA)(DG)(DA)(DA)(DA)(DC)(DA)(DG)(DG)(DA)
(DA)(DC)(DC)(DA)(DT)(DC)(DA)(DC)(DG)(DC)(DA)(DA)(DA)(DT)(DT)(DC)(DT)(DA)(DA)(DA)
(DC)(DA)
;
Cy
176 'polydeoxyribonucleotide'
;(DA)(DC)(DC)(DA)(DT)(DT)(DA)(DC)(DC)(DT)(DG)(DT)(DT)(DG)(DT)(DT)(DG)(DC)(DT)(DG)
(DG)(DG)(DT)(DA)(DA)(DT)(DA)(DA)(DC)(DA)(DT)(DC)(DA)(DC)(DT)(DA)(DG)(DC)(DA)(DC)
(DG)(DT)
;
Cz
177 'polydeoxyribonucleotide'
;(DG)(DT)(DC)(DA)(DG)(DA)(DC)(DC)(DC)(DA)(DG)(DA)(DG)(DC)(DC)(DA)(DC)(DT)(DT)(DC)
(DA)(DA)(DT)(DC)(DA)(DA)(DT)(DA)(DT)(DC)(DT)(DG)(DG)(DT)(DC)(DT)(DT)(DA)(DG)(DG)
(DA)(DG)
;
C0
178 'polydeoxyribonucleotide'
;(DT)(DA)(DC)(DA)(DT)(DT)(DG)(DA)(DG)(DT)(DA)(DT)(DG)(DT)(DT)(DT)(DA)(DA)(DG)(DT)
(DT)(DA)(DA)(DT)(DC)(DA)(DG)(DA)(DC)(DA)(DA)(DC)(DA)(DA)(DG)(DA)(DA)(DA)(DG)(DA)
(DA)(DT)
;
C1
179 'polydeoxyribonucleotide'
;(DC)(DG)(DT)(DT)(DT)(DT)(DG)(DT)(DT)(DT)(DT)(DC)(DG)(DG)(DG)(DC)(DT)(DA)(DT)(DT)
(DA)(DA)(DC)(DC)(DT)(DG)(DA)(DA)(DA)(DG)(DC)(DG)(DT)(DA)(DA)(DA)(DT)(DC)(DG)(DG)
(DC)(DC)
;
C2
180 'polydeoxyribonucleotide'
;(DC)(DT)(DC)(DA)(DG)(DG)(DA)(DC)(DT)(DA)(DG)(DT)(DG)(DA)(DT)(DC)(DT)(DG)(DC)(DT)
(DA)(DG)(DT)(DG)(DT)(DG)(DG)(DA)(DG)(DT)(DA)(DA)(DG)(DG)(DG)(DC)(DT)(DC)(DA)(DT)
(DC)(DC)
;
C3
181 'polydeoxyribonucleotide'
;(DG)(DC)(DC)(DA)(DC)(DC)(DC)(DA)(DT)(DA)(DA)(DT)(DC)(DT)(DA)(DT)(DA)(DA)(DT)(DA)
(DT)(DA)(DG)(DT)(DT)(DT)(DG)(DC)(DG)(DC)(DC)(DA)(DT)(DT)(DA)(DA)(DA)(DT)(DA)(DA)
(DA)(DA)
;
C4
182 'polydeoxyribonucleotide'
;(DC)(DA)(DG)(DA)(DG)(DC)(DC)(DG)(DA)(DA)(DC)(DC)(DA)(DC)(DA)(DG)(DC)(DC)(DC)(DG)
(DA)(DG)(DT)(DG)(DG)(DA)(DC)(DT)(DC)(DC)(DA)(DA)(DC)(DG)(DT)(DC)(DG)(DA)(DG)(DG)
(DT)(DG)
;
C5
183 'polydeoxyribonucleotide'
;(DC)(DA)(DA)(DA)(DA)(DT)(DC)(DG)(DG)(DC)(DA)(DG)(DG)(DT)(DC)(DA)(DC)(DA)(DT)(DT)
(DA)(DA)(DA)(DT)(DG)(DT)(DG)(DA)(DG)(DC)(DG)(DA)(DG)(DT)(DT)(DT)(DT)(DT)(DT)(DT)
(DT)(DT)
;
C6
184 'polydeoxyribonucleotide'
;(DC)(DC)(DA)(DC)(DC)(DC)(DT)(DT)(DT)(DG)(DT)(DT)(DC)(DC)(DA)(DG)(DT)(DT)(DT)(DG)
(DG)(DA)(DT)(DA)(DT)(DC)(DA)(DA)(DA)(DT)(DA)(DT)(DG)(DG)(DT)(DG)(DG)(DA)(DC)(DA)
(DA)(DA)
;
C7
185 'polydeoxyribonucleotide'
;(DG)(DC)(DC)(DG)(DC)(DC)(DG)(DG)(DG)(DA)(DA)(DC)(DC)(DG)(DC)(DA)(DA)(DG)(DT)(DT)
(DA)(DG)(DT)(DT)(DA)(DC)(DC)(DC)(DT)(DG)(DT)(DA)(DG)(DC)(DG)(DA)(DA)(DC)(DT)(DG)
(DA)(DT)
;
C8
186 'polydeoxyribonucleotide'
;(DA)(DA)(DA)(DT)(DC)(DC)(DT)(DA)(DA)(DC)(DA)(DG)(DT)(DT)(DA)(DA)(DT)(DG)(DC)(DT)
(DT)(DG)(DG)(DA)(DT)(DG)(DG)(DA)(DA)(DG)(DG)(DG)(DT)(DT)(DA)(DG)(DC)(DT)(DT)(DT)
(DG)(DA)
;
C9
187 'polydeoxyribonucleotide'
;(DT)(DA)(DC)(DA)(DG)(DG)(DA)(DC)(DC)(DA)(DT)(DT)(DA)(DT)(DC)(DA)(DT)(DC)(DA)(DG)
(DA)(DA)(DG)(DG)(DC)(DG)(DG)(DA)(DT)(DA)(DA)(DG)(DT)(DA)(DA)(DA)(DA)(DC)(DG)(DC)
(DC)(DG)
;
DA
188 'polydeoxyribonucleotide'
;(DG)(DG)(DA)(DA)(DC)(DA)(DT)(DA)(DC)(DA)(DG)(DT)(DG)(DC)(DC)(DC)(DA)(DT)(DA)(DT)
(DC)(DG)(DA)(DA)(DG)(DC)(DA)(DG)(DT)(DG)(DG)(DA)(DT)(DT)(DA)(DT)(DA)(DC)(DT)(DT)
(DC)(DT)
;
DB
189 'polydeoxyribonucleotide'
;(DT)(DT)(DT)(DT)(DT)(DT)(DT)(DT)(DT)(DA)(DA)(DT)(DC)(DA)(DG)(DC)(DT)(DC)(DA)(DT)
(DT)(DT)(DT)(DC)(DC)(DC)(DC)(DT)(DG)(DC)(DC)(DT)(DA)(DT)(DT)(DT)(DC)(DG)(DG)(DA)
(DT)(DG)
;
DC
190 'polydeoxyribonucleotide'
;(DC)(DT)(DA)(DT)(DC)(DT)(DA)(DC)(DT)(DC)(DA)(DA)(DG)(DA)(DC)(DG)(DT)(DA)(DC)(DT)
(DC)(DG)(DC)(DC)(DC)(DT)(DC)(DA)(DA)(DA)(DT)(DC)(DC)(DA)(DT)(DG)(DC)(DC)(DC)(DA)
(DA)(DT)
;
DD
191 'polydeoxyribonucleotide'
;(DT)(DA)(DA)(DG)(DT)(DA)(DT)(DT)(DT)(DT)(DT)(DG)(DC)(DT)(DT)(DT)(DT)(DA)(DT)(DC)
(DC)(DA)(DA)(DC)(DC)(DA)(DC)(DC)(DA)(DC)(DA)(DC)(DC)(DC)(DG)(DA)(DG)(DC)(DT)(DT)
(DG)(DA)
;
DE
192 'polydeoxyribonucleotide'
;(DG)(DA)(DT)(DA)(DG)(DC)(DA)(DA)(DG)(DG)(DA)(DG)(DG)(DT)(DG)(DA)(DA)(DG)(DA)(DT)
(DG)(DA)(DC)(DT)(DG)(DA)(DT)(DG)(DA)(DG)(DA)(DG)(DA)(DG)(DG)(DC)(DG)(DA)(DA)(DT)
(DT)(DA)
;
DF
193 'polydeoxyribonucleotide'
;(DT)(DT)(DT)(DT)(DT)(DT)(DT)(DT)(DT)(DA)(DA)(DT)(DA)(DT)(DT)(DT)(DA)(DA)(DA)(DT)
(DT)(DG)(DT)(DA)(DA)(DC)(DC)(DG)(DC)(DC)(DA)(DC)(DC)(DC)(DT)(DC)(DA)(DG)(DA)(DA)
(DC)(DA)
;
DG
194 'polydeoxyribonucleotide'
;(DT)(DG)(DA)(DT)(DA)(DG)(DG)(DC)(DA)(DG)(DT)(DA)(DC)(DA)(DC)(DC)(DG)(DG)(DC)(DT)
(DT)(DG)(DT)(DA)(DG)(DA)(DA)(DC)(DC)(DA)(DG)(DT)(DG)(DA)(DC)(DA)(DG)(DA)(DT)(DT)
(DG)(DT)
;
DH
195 'polydeoxyribonucleotide'
;(DA)(DA)(DA)(DG)(DT)(DA)(DA)(DG)(DT)(DG)(DC)(DA)(DT)(DA)(DG)(DC)(DT)(DT)(DA)(DG)
(DA)(DT)(DT)(DG)(DT)(DC)(DC)(DA)(DA)(DT)(DC)(DC)(DA)(DG)(DT)(DG)(DC)(DG)(DC)(DG)
(DT)(DG)
;
DI
196 'polydeoxyribonucleotide'
;(DG)(DC)(DT)(DT)(DA)(DC)(DA)(DC)(DA)(DC)(DA)(DG)(DC)(DC)(DT)(DA)(DT)(DA)(DA)(DT)
(DG)(DA)(DA)(DG)(DT)(DA)(DC)(DG)(DG)(DT)(DT)(DT)(DA)(DG)(DA)(DC)(DA)(DA)(DA)(DC)
(DA)(DC)
;
DJ
197 'polydeoxyribonucleotide'
;(DA)(DG)(DT)(DC)(DA)(DG)(DG)(DT)(DG)(DG)(DG)(DT)(DC)(DT)(DT)(DG)(DA)(DG)(DT)(DT)
(DT)(DG)(DA)(DA)(DG)(DC)(DC)(DT)(DA)(DA)(DT)(DT)(DG)(DC)(DC)(DA)(DG)(DT)(DG)(DG)
(DT)(DC)
;
DK
198 'polydeoxyribonucleotide'
;(DT)(DC)(DG)(DT)(DC)(DA)(DC)(DT)(DA)(DT)(DA)(DC)(DT)(DG)(DT)(DT)(DA)(DT)(DT)(DG)
(DT)(DA)(DT)(DG)(DG)(DA)(DA)(DA)(DC)(DA)(DG)(DT)(DA)(DC)(DA)(DA)(DA)(DT)(DT)(DA)
(DC)(DA)
;
DL
199 'polydeoxyribonucleotide'
;(DA)(DG)(DG)(DA)(DA)(DC)(DC)(DG)(DT)(DT)(DA)(DG)(DC)(DG)(DT)(DT)(DA)(DG)(DA)(DG)
(DA)(DT)(DG)(DT)(DA)(DC)(DT)(DT)(DC)(DT)(DC)(DT)(DC)(DC)(DA)(DA)(DC)(DT)(DT)(DT)
(DG)(DA)
;
DM
200 'polydeoxyribonucleotide'
;(DC)(DA)(DC)(DC)(DT)(DA)(DA)(DG)(DT)(DT)(DT)(DC)(DC)(DC)(DA)(DC)(DC)(DC)(DT)(DC)
(DT)(DA)(DT)(DC)(DT)(DA)(DA)(DT)(DC)(DC)(DA)(DA)(DG)(DG)(DA)(DT)(DA)(DG)(DG)(DG)
(DC)(DA)
;
DN
201 'polydeoxyribonucleotide'
;(DA)(DA)(DG)(DC)(DT)(DA)(DG)(DT)(DG)(DC)(DT)(DA)(DA)(DA)(DA)(DA)(DA)(DA)(DA)(DG)
(DA)(DT)(DA)(DG)(DT)(DA)(DT)(DC)(DC)(DA)(DC)(DA)(DC)(DA)(DC)(DA)(DC)(DC)(DT)(DC)
(DC)(DA)
;
DO
202 'polydeoxyribonucleotide'
;(DT)(DT)(DA)(DT)(DG)(DG)(DG)(DC)(DA)(DT)(DC)(DC)(DA)(DG)(DC)(DT)(DA)(DA)(DA)(DG)
(DT)(DA)(DT)(DA)(DG)(DC)(DA)(DA)(DT)(DA)(DG)(DT)(DG)(DC)(DC)(DA)(DC)(DA)(DC)(DT)
(DT)(DA)
;
DP
203 'polydeoxyribonucleotide'
;(DT)(DG)(DG)(DA)(DA)(DT)(DC)(DG)(DA)(DT)(DT)(DT)(DT)(DG)(DC)(DC)(DT)(DC)(DA)(DT)
(DA)(DC)(DA)(DT)(DG)(DT)(DA)(DC)(DA)(DG)(DA)(DG)(DC)(DC)(DA)(DT)(DA)(DG)(DC)(DT)
(DT)(DA)
;
DQ
204 'polydeoxyribonucleotide'
;(DC)(DT)(DG)(DT)(DA)(DT)(DG)(DG)(DG)(DA)(DT)(DT)(DA)(DC)(DT)(DA)(DT)(DT)(DA)(DG)
(DT)(DA)(DA)(DA)(DT)(DG)(DA)(DA)(DT)(DT)(DT)(DA)(DG)(DT)(DT)(DA)(DA)(DT)(DT)(DT)
(DG)(DA)
;
DR
205 'polydeoxyribonucleotide'
;(DC)(DA)(DG)(DA)(DG)(DG)(DG)(DG)(DT)(DG)(DT)(DA)(DA)(DT)(DA)(DG)(DG)(DG)(DA)(DG)
(DT)(DT)(DA)(DT)(DA)(DT)(DA)(DA)(DT)(DT)(DA)(DT)(DT)(DG)(DC)(DA)(DA)(DC)(DT)(DG)
(DA)(DT)
;
DS
206 'polydeoxyribonucleotide'
;(DA)(DA)(DA)(DC)(DA)(DA)(DC)(DA)(DG)(DC)(DC)(DA)(DA)(DC)(DG)(DC)(DT)(DC)(DA)(DC)
(DT)(DC)(DC)(DC)(DA)(DT)(DC)(DT)(DT)(DC)(DT)(DG)(DA)(DC)(DC)(DT)(DA)(DA)(DA)(DT)
(DT)(DT)
;
DT
207 'polydeoxyribonucleotide'
;(DA)(DC)(DA)(DG)(DT)(DT)(DT)(DC)(DA)(DT)(DA)(DA)(DT)(DT)(DT)(DG)(DG)(DT)(DT)(DA)
(DC)(DT)(DG)(DT)(DT)(DA)(DG)(DC)(DT)(DA)(DC)(DA)(DT)(DC)(DA)(DT)(DA)(DC)(DC)(DA)
(DT)(DG)
;
DU
208 'polydeoxyribonucleotide'
;(DA)(DT)(DG)(DT)(DG)(DC)(DC)(DA)(DG)(DG)(DA)(DC)(DA)(DT)(DC)(DC)(DG)(DA)(DC)(DT)
(DT)(DG)(DG)(DT)(DT)(DC)(DA)(DC)(DG)(DA)(DA)(DC)(DT)(DC)(DA)(DT)(DC)(DT)(DC)(DC)
(DA)(DA)
;
DV
209 'polydeoxyribonucleotide'
;(DC)(DT)(DA)(DT)(DA)(DC)(DT)(DA)(DT)(DG)(DG)(DC)(DT)(DA)(DG)(DA)(DA)(DA)(DG)(DA)
(DG)(DA)(DT)(DT)(DT)(DG)(DT)(DA)(DC)(DA)(DC)(DA)(DG)(DC)(DT)(DT)(DA)(DG)(DA)(DA)
(DG)(DT)
;
DW
210 'polydeoxyribonucleotide'
;(DC)(DT)(DT)(DT)(DT)(DT)(DC)(DA)(DT)(DG)(DA)(DG)(DG)(DA)(DG)(DG)(DC)(DT)(DT)(DT)
(DG)(DT)(DG)(DT)(DA)(DG)(DA)(DA)(DA)(DA)(DT)(DA)(DT)(DC)(DC)(DC)(DA)(DT)(DC)(DC)
(DT)(DA)
;
DX
211 'polydeoxyribonucleotide'
;(DT)(DT)(DT)(DA)(DA)(DT)(DG)(DT)(DG)(DA)(DA)(DG)(DT)(DT)(DA)(DT)(DA)(DC)(DT)(DG)
(DC)(DA)(DG)(DC)(DA)(DT)(DA)(DA)(DT)(DA)(DC)(DC)(DC)(DT)(DA)(DT)(DC)(DT)(DG)(DA)
(DT)(DA)
;
DY
212 'polydeoxyribonucleotide'
;(DT)(DT)(DT)(DT)(DG)(DT)(DG)(DC)(DT)(DG)(DT)(DT)(DC)(DT)(DA)(DG)(DT)(DA)(DG)(DC)
(DT)(DT)(DG)(DC)(DC)(DC)(DA)(DT)(DT)(DG)(DC)(DT)(DC)(DC)(DA)(DA)(DG)(DT)(DC)(DA)
(DA)(DC)
;
DZ
213 'polydeoxyribonucleotide'
;(DC)(DG)(DG)(DA)(DT)(DA)(DT)(DA)(DC)(DC)(DA)(DA)(DC)(DT)(DA)(DA)(DC)(DA)(DA)(DC)
(DA)(DA)(DT)(DG)(DG)(DT)(DA)(DG)(DT)(DC)(DA)(DT)(DC)(DG)(DC)(DA)(DG)(DC)(DC)(DT)
(DT)(DA)
;
Da
214 'polydeoxyribonucleotide'
;(DT)(DT)(DT)(DT)(DT)(DT)(DT)(DT)(DT)(DC)(DA)(DA)(DC)(DG)(DC)(DA)(DA)(DG)(DG)(DA)
(DT)(DA)(DG)(DA)(DA)(DC)(DC)(DC)(DT)(DC)(DA)(DT)(DA)(DT)(DT)(DT)(DT)(DT)(DT)(DT)
(DT)(DT)
;
Db
215 'polydeoxyribonucleotide'
;(DT)(DT)(DA)(DT)(DA)(DC)(DC)(DT)(DT)(DA)(DT)(DG)(DC)(DG)(DT)(DT)(DG)(DG)(DG)(DG)
(DC)(DC)(DA)(DA)(DT)(DA)(DG)(DC)(DA)(DG)(DG)(DC)(DT)(DA)(DT)(DA)(DA)(DA)(DA)(DT)
(DC)(DA)
;
Dc
216 'polydeoxyribonucleotide'
;(DC)(DA)(DA)(DG)(DC)(DC)(DA)(DG)(DT)(DT)(DA)(DA)(DT)(DG)(DA)(DA)(DG)(DG)(DG)(DA)
(DC)(DT)(DT)(DA)(DC)(DC)(DA)(DG)(DA)(DT)(DA)(DT)(DG)(DA)(DC)(DC)(DC)(DC)(DC)(DG)
(DA)(DT)
;
Dd
217 'polydeoxyribonucleotide'
;(DC)(DG)(DT)(DG)(DA)(DC)(DC)(DC)(DC)(DC)(DT)(DC)(DT)(DT)(DC)(DT)(DC)(DA)(DG)(DC)
(DA)(DA)(DG)(DG)(DT)(DA)(DG)(DT)(DC)(DT)(DG)(DG)(DC)(DA)(DT)(DA)(DA)(DA)(DT)(DC)
(DC)(DT)
;
De
218 'polydeoxyribonucleotide'
;(DA)(DT)(DA)(DC)(DA)(DT)(DA)(DA)(DT)(DA)(DT)(DG)(DC)(DA)(DC)(DA)(DG)(DA)(DT)(DC)
(DT)(DG)(DA)(DT)(DC)(DC)(DT)(DG)(DA)(DC)(DT)(DA)(DG)(DG)(DA)(DT)(DG)(DT)(DA)(DC)
(DT)(DC)
;
Df
219 'polydeoxyribonucleotide'
;(DT)(DC)(DA)(DT)(DC)(DA)(DG)(DA)(DC)(DA)(DA)(DC)(DA)(DT)(DT)(DA)(DT)(DT)(DA)(DC)
(DA)(DA)(DT)(DA)(DA)(DA)(DA)(DC)(DC)(DA)(DT)(DA)(DC)(DA)(DC)(DG)(DA)(DG)(DT)(DT)
(DA)(DC)
;
Dg
220 'polydeoxyribonucleotide'
;(DT)(DT)(DT)(DT)(DT)(DT)(DT)(DT)(DT)(DG)(DG)(DG)(DT)(DG)(DT)(DG)(DC)(DC)(DT)(DC)
(DA)(DT)(DA)(DA)(DG)(DG)(DC)(DT)(DT)(DA)(DT)(DT)(DC)(DT)(DT)(DA)(DT)(DG)(DC)(DA)
(DG)(DC)
;
Dh
221 'polydeoxyribonucleotide'
;(DA)(DG)(DG)(DC)(DA)(DT)(DA)(DT)(DA)(DC)(DC)(DC)(DA)(DT)(DA)(DT)(DC)(DT)(DC)(DC)
(DT)(DA)(DA)(DT)(DA)(DC)(DA)(DC)(DT)(DA)(DG)(DC)(DT)(DT)(DT)(DA)(DC)(DT)(DA)(DA)
(DT)(DT)
;
Di
222 'polydeoxyribonucleotide'
;(DT)(DT)(DT)(DA)(DG)(DT)(DC)(DT)(DT)(DG)(DA)(DG)(DA)(DA)(DG)(DG)(DC)(DT)(DA)(DA)
(DA)(DG)(DA)(DG)(DG)(DG)(DT)(DT)(DA)(DA)(DG)(DG)(DT)(DA)(DT)(DC)(DT)(DA)(DC)(DT)
(DA)(DA)
;
Dj
223 'polydeoxyribonucleotide'
;(DC)(DT)(DT)(DC)(DT)(DG)(DT)(DC)(DA)(DA)(DA)(DA)(DG)(DG)(DA)(DA)(DT)(DT)(DA)(DC)
(DG)(DA)(DA)(DT)(DG)(DC)(DA)(DG)(DC)(DT)(DT)(DC)(DA)(DT)(DC)(DT)(DA)(DT)(DG)(DG)
(DA)(DT)
;
Dk
224 'polydeoxyribonucleotide'
;(DA)(DA)(DC)(DC)(DA)(DA)(DA)(DC)(DC)(DC)(DT)(DC)(DG)(DT)(DT)(DT)(DA)(DC)(DC)(DA)
(DG)(DG)(DA)(DA)(DA)(DG)(DA)(DT)(DC)(DC)(DA)(DA)(DA)(DT)(DC)(DA)(DC)(DA)(DC)(DT)
(DC)(DT)
;
Dl
225 'polydeoxyribonucleotide'
;(DC)(DG)(DA)(DT)(DA)(DA)(DA)(DC)(DT)(DC)(DT)(DT)(DC)(DA)(DA)(DG)(DG)(DG)(DA)(DA)
(DC)(DA)(DC)(DC)(DC)(DA)(DC)(DA)(DC)(DC)(DA)(DG)(DA)(DG)(DT)(DA)(DC)(DA)(DC)(DC)
(DA)(DG)
;
Dm
226 'polydeoxyribonucleotide'
;(DA)(DA)(DT)(DA)(DG)(DT)(DA)(DA)(DA)(DA)(DT)(DG)(DT)(DT)(DT)(DC)(DA)(DT)(DA)(DA)
(DA)(DA)(DT)(DG)(DA)(DA)(DT)(DA)(DA)(DG)(DC)(DG)(DA)(DA)(DA)(DC)(DA)(DA)(DG)(DA)
(DA)(DC)
;
Dn
227 'polydeoxyribonucleotide'
;(DT)(DG)(DA)(DA)(DT)(DC)(DC)(DA)(DG)(DG)(DG)(DG)(DG)(DT)(DG)(DA)(DT)(DC)(DT)(DC)
(DC)(DC)(DA)(DA)(DG)(DA)(DA)(DG)(DC)(DT)(DA)(DA)(DA)(DA)(DC)(DC)(DT)(DA)(DT)(DG)
(DA)(DA)
;
Do
228 'polydeoxyribonucleotide'
;(DT)(DA)(DA)(DC)(DT)(DT)(DG)(DG)(DC)(DT)(DG)(DA)(DG)(DG)(DC)(DC)(DA)(DA)(DC)(DT)
(DA)(DG)(DG)(DA)(DA)(DA)(DC)(DT)(DA)(DC)(DG)(DA)(DC)(DA)(DA)(DT)(DA)(DA)(DA)(DC)
(DA)(DA)
;
Dp
229 'polydeoxyribonucleotide'
;(DT)(DG)(DA)(DC)(DC)(DA)(DT)(DA)(DA)(DA)(DT)(DC)(DG)(DA)(DA)(DG)(DG)(DT)(DT)(DC)
(DA)(DG)(DA)(DA)(DA)(DA)(DC)(DG)(DA)(DG)(DC)(DT)(DT)(DA)(DT)(DC)(DC)(DT)(DT)(DT)
(DT)(DT)
;
Dq
230 'polydeoxyribonucleotide'
;(DT)(DT)(DG)(DC)(DA)(DT)(DC)(DA)(DA)(DA)(DA)(DA)(DT)(DT)(DC)(DA)(DC)(DG)(DT)(DT)
(DG)(DG)(DT)(DA)(DC)(DA)(DA)(DC)(DA)(DA)(DC)(DC)(DA)(DG)(DC)(DC)(DC)(DG)(DA)(DC)
(DA)(DA)
;
Dr
231 'polydeoxyribonucleotide'
;(DA)(DA)(DG)(DC)(DG)(DG)(DA)(DT)(DA)(DG)(DT)(DT)(DT)(DG)(DG)(DC)(DT)(DC)(DT)(DC)
(DC)(DG)(DG)(DA)(DA)(DT)(DC)(DG)(DT)(DA)(DG)(DA)(DC)(DT)(DG)(DC)(DT)(DT)(DG)(DT)
(DG)(DA)
;
Ds
232 'polydeoxyribonucleotide'
;(DT)(DA)(DT)(DA)(DG)(DT)(DC)(DA)(DA)(DA)(DT)(DA)(DT)(DC)(DA)(DC)(DT)(DA)(DA)(DA)
(DG)(DT)(DA)(DT)(DA)(DA)(DG)(DG)(DG)(DT)(DA)(DC)(DC)(DT)(DT)(DT)(DG)(DC)(DT)(DG)
(DA)(DA)
;
Dt
233 'polydeoxyribonucleotide'
;(DT)(DT)(DT)(DT)(DT)(DT)(DT)(DT)(DT)(DT)(DT)(DC)(DA)(DT)(DT)(DT)(DG)(DG)(DG)(DG)
(DC)(DG)(DC)(DA)(DA)(DA)(DA)(DA)(DT)(DC)(DA)(DG)(DG)(DT)(DC)(DG)(DC)(DT)(DT)(DC)
(DA)(DA)
;
Du
234 'polydeoxyribonucleotide'
;(DA)(DA)(DT)(DA)(DT)(DA)(DG)(DG)(DC)(DC)(DC)(DG)(DA)(DA)(DA)(DG)(DA)(DC)(DT)(DT)
(DC)(DA)(DG)(DA)(DA)(DG)(DC)(DA)(DA)(DA)(DA)(DG)(DG)(DC)(DT)(DA)(DC)(DA)(DA)(DT)
(DT)(DC)
;
Dv
235 'polydeoxyribonucleotide'
;(DT)(DG)(DA)(DC)(DA)(DA)(DA)(DG)(DC)(DG)(DT)(DT)(DT)(DT)(DA)(DA)(DT)(DT)(DC)(DG)
(DA)(DT)(DT)(DT)(DA)(DC)(DC)(DC)(DT)(DA)(DA)(DT)(DT)(DG)(DT)(DA)(DT)(DG)(DA)(DA)
(DA)(DG)
;
Dw
236 'polydeoxyribonucleotide'
;(DA)(DC)(DC)(DG)(DG)(DA)(DA)(DG)(DC)(DA)(DA)(DA)(DC)(DA)(DA)(DA)(DG)(DA)(DT)(DT)
(DT)(DG)(DC)(DG)(DG)(DA)(DG)(DT)(DT)(DA)(DC)(DA)(DA)(DA)(DT)(DC)(DT)(DC)(DC)(DC)
(DT)(DG)
;
Dx
237 'polydeoxyribonucleotide'
;(DC)(DA)(DG)(DA)(DG)(DA)(DC)(DG)(DT)(DG)(DC)(DT)(DA)(DC)(DG)(DT)(DG)(DC)(DC)(DA)
(DA)(DA)(DA)(DT)(DA)(DA)(DT)(DT)(DT)(DC)(DA)(DT)(DA)(DA)(DT)(DA)(DT)(DC)(DA)(DG)
(DT)(DA)
;
Dy
238 'polydeoxyribonucleotide'
;(DT)(DC)(DC)(DT)(DT)(DT)(DT)(DC)(DA)(DT)(DT)(DC)(DA)(DA)(DT)(DC)(DT)(DA)(DT)(DG)
(DC)(DA)(DG)(DT)(DA)(DG)(DT)(DT)(DA)(DG)(DG)(DC)(DC)(DC)(DT)(DA)(DC)(DA)(DA)(DC)
(DT)(DA)
;
Dz
239 'polydeoxyribonucleotide'
;(DT)(DG)(DT)(DA)(DG)(DC)(DG)(DG)(DT)(DC)(DA)(DC)(DG)(DC)(DG)(DA)(DA)(DC)(DG)(DT)
(DG)(DA)(DA)(DT)(DT)(DT)(DG)(DA)(DA)(DC)(DG)(DG)(DG)(DG)(DT)(DG)(DT)(DA)(DA)(DA)
(DA)(DC)
;
D0
240 'polydeoxyribonucleotide'
;(DA)(DA)(DG)(DT)(DT)(DT)(DT)(DA)(DG)(DG)(DA)(DA)(DG)(DG)(DT)(DG)(DG)(DC)(DA)(DA)
(DG)(DT)(DT)(DT)(DC)(DA)(DT)(DT)(DG)(DC)(DA)(DA)(DC)(DT)(DA)(DC)(DT)(DG)(DT)(DA)
(DG)(DC)
;
D1
241 'polydeoxyribonucleotide'
;(DT)(DC)(DC)(DC)(DT)(DT)(DA)(DC)(DG)(DA)(DA)(DA)(DA)(DA)(DC)(DC)(DG)(DT)(DC)(DT)
(DA)(DC)(DC)(DA)(DA)(DA)(DT)(DC)(DG)(DA)(DT)(DA)(DA)(DA)(DG)(DG)(DC)(DC)(DA)(DG)
(DA)(DA)
;
D2
242 'polydeoxyribonucleotide'
;(DT)(DT)(DG)(DG)(DA)(DA)(DA)(DT)(DC)(DA)(DG)(DG)(DA)(DG)(DC)(DA)(DC)(DT)(DT)(DA)
(DG)(DA)(DT)(DT)(DA)(DG)(DG)(DG)(DG)(DT)(DA)(DA)(DA)(DT)(DA)(DA)(DA)(DT)(DC)(DA)
(DG)(DA)
;
D3
243 'polydeoxyribonucleotide'
;(DC)(DT)(DT)(DG)(DG)(DC)(DT)(DT)(DC)(DT)(DA)(DG)(DG)(DT)(DC)(DA)(DT)(DT)(DG)(DA)
(DA)(DA)(DT)(DA)(DC)(DA)(DC)(DA)(DA)(DT)(DG)(DT)(DA)(DA)(DG)(DT)(DC)(DA)(DG)(DA)
(DA)(DC)
;
D4
244 'polydeoxyribonucleotide'
;(DG)(DA)(DG)(DT)(DG)(DA)(DC)(DT)(DC)(DA)(DA)(DA)(DC)(DA)(DA)(DG)(DG)(DA)(DA)(DG)
(DC)(DG)(DG)(DC)(DA)(DT)(DT)(DA)(DA)(DA)(DA)(DG)(DG)(DT)(DA)(DC)(DC)(DA)(DG)(DA)
(DG)(DC)
;
D5
245 'polydeoxyribonucleotide'
;(DT)(DT)(DT)(DT)(DT)(DT)(DT)(DT)(DT)(DA)(DG)(DG)(DA)(DG)(DG)(DT)(DC)(DC)(DC)(DT)
(DG)(DA)(DT)(DC)(DT)(DA)(DA)(DC)(DC)(DC)(DT)(DT)(DT)(DT)(DT)(DT)(DT)(DT)(DT)
;
D6
246 'polydeoxyribonucleotide'
;(DT)(DT)(DT)(DT)(DT)(DT)(DT)(DT)(DT)(DC)(DT)(DA)(DC)(DG)(DT)(DG)(DA)(DA)(DC)(DC)
(DA)(DT)(DC)(DA)(DC)(DT)(DC)(DA)(DG)(DG)(DG)(DC)(DC)(DG)(DA)(DA)(DA)(DT)(DC)
;
D7
247 'polydeoxyribonucleotide'
;(DC)(DA)(DC)(DG)(DA)(DC)(DT)(DT)(DG)(DA)(DC)(DC)(DC)(DT)(DT)(DG)(DA)(DG)(DG)(DT)
(DC)(DT)(DG)(DT)(DA)(DG)(DT)(DG)(DT)(DT)(DT)(DT)(DT)(DT)(DT)(DT)(DT)(DT)(DT)
;
D8
248 'polydeoxyribonucleotide'
;(DT)(DT)(DT)(DT)(DT)(DT)(DT)(DT)(DT)(DA)(DA)(DT)(DT)(DC)(DT)(DA)(DC)(DC)(DG)(DA)
(DT)(DG)(DG)(DC)(DC)(DC)(DA)(DT)(DT)(DT)(DT)(DT)(DT)(DT)(DT)(DT)
;
D9
249 'polydeoxyribonucleotide'
;(DT)(DT)(DT)(DT)(DT)(DT)(DT)(DT)(DT)(DA)(DC)(DA)(DT)(DC)(DT)(DC)(DA)(DC)(DC)(DT)
(DC)(DT)(DT)(DT)(DA)(DC)(DC)(DT)(DT)(DT)(DT)(DT)(DT)(DT)(DT)(DT)
;
EA
250 'polydeoxyribonucleotide'
;(DG)(DT)(DG)(DG)(DA)(DC)(DT)(DC)(DC)(DA)(DA)(DC)(DG)(DT)(DG)(DG)(DT)(DG)(DG)(DT)
(DT)(DA)(DA)(DT)(DA)(DC)(DC)(DC)(DG)(DA)(DA)(DC)(DA)(DA)(DA)
;
EB
251 'polydeoxyribonucleotide'
;(DA)(DA)(DC)(DA)(DG)(DA)(DG)(DA)(DT)(DA)(DG)(DA)(DA)(DC)(DC)(DA)(DG)(DA)(DA)(DC)
(DA)(DA)(DT)(DA)(DA)(DA)(DA)(DA)(DA)(DA)(DT)(DT)(DA)(DA)(DA)
;
EC
252 'polydeoxyribonucleotide'
;(DG)(DC)(DT)(DG)(DG)(DA)(DT)(DG)(DG)(DG)(DA)(DC)(DA)(DT)(DA)(DT)(DG)(DG)(DA)(DA)
(DA)(DA)(DC)(DG)(DA)(DA)(DC)(DC)(DA)(DC)(DC)(DA)(DG)(DC)(DA)
;
ED
253 'polydeoxyribonucleotide'
;(DC)(DT)(DT)(DG)(DG)(DA)(DG)(DC)(DA)(DC)(DA)(DT)(DA)(DG)(DG)(DA)(DA)(DT)(DA)(DC)
(DT)(DC)(DT)(DC)(DA)(DG)(DT)(DT)(DC)(DC)(DT)(DG)(DT)(DT)(DT)
;
EE
254 'polydeoxyribonucleotide'
;(DT)(DT)(DC)(DA)(DA)(DG)(DT)(DG)(DC)(DT)(DG)(DT)(DA)(DG)(DG)(DT)(DG)(DG)(DC)(DA)
(DT)(DT)(DA)(DA)(DA)(DA)(DC)(DA)(DT)(DA)(DT)(DC)(DA)(DG)(DA)
;
EF
255 'polydeoxyribonucleotide'
;(DA)(DC)(DA)(DG)(DA)(DA)(DA)(DG)(DA)(DT)(DG)(DA)(DC)(DA)(DT)(DT)(DT)(DA)(DA)(DA)
(DT)(DT)(DT)(DT)(DC)(DA)(DA)(DA)(DT)(DC)(DC)(DC)(DT)(DG)(DG)
;
EG
256 'polydeoxyribonucleotide'
;(DT)(DT)(DT)(DT)(DT)(DT)(DT)(DT)(DT)(DG)(DC)(DT)(DC)(DA)(DC)(DT)(DG)(DC)(DC)(DC)
(DG)(DC)(DT)(DT)(DT)(DC)(DG)(DA)(DG)(DA)(DG)(DC)(DC)(DA)(DG)
;
EH
257 'polydeoxyribonucleotide'
;(DA)(DA)(DA)(DT)(DT)(DG)(DT)(DC)(DC)(DA)(DC)(DA)(DA)(DG)(DT)(DG)(DA)(DA)(DG)(DG)
(DC)(DT)(DG)(DT)(DC)(DC)(DT)(DA)(DC)(DC)(DG)(DT)(DA)(DA)(DA)
;
EI
258 'polydeoxyribonucleotide'
;(DT)(DT)(DT)(DT)(DT)(DT)(DT)(DT)(DT)(DA)(DG)(DC)(DC)(DG)(DG)(DA)(DA)(DG)(DC)(DA)
(DT)(DA)(DA)(DA)(DG)(DT)(DG)(DA)(DG)(DG)(DA)(DT)(DT)(DT)(DA)
;
EJ
259 'polydeoxyribonucleotide'
;(DT)(DC)(DC)(DT)(DT)(DT)(DG)(DA)(DT)(DT)(DA)(DT)(DC)(DA)(DT)(DG)(DG)(DA)(DA)(DA)
(DG)(DT)(DT)(DG)(DA)(DG)(DT)(DA)(DT)(DA)(DC)(DT)(DG)(DC)(DT)
;
EK
260 'polydeoxyribonucleotide'
;(DG)(DA)(DT)(DG)(DA)(DT)(DG)(DA)(DT)(DC)(DA)(DG)(DT)(DG)(DG)(DG)(DC)(DC)(DT)(DA)
(DT)(DG)(DC)(DA)(DA)(DT)(DT)(DA)(DA)(DA)(DA)(DA)(DT)(DT)(DA)
;
EL
261 'polydeoxyribonucleotide'
;(DA)(DG)(DG)(DA)(DA)(DC)(DA)(DC)(DT)(DG)(DC)(DA)(DC)(DA)(DA)(DT)(DT)(DT)(DT)(DC)
(DA)(DG)(DG)(DT)(DT)(DT)(DC)(DT)(DT)(DG)(DG)(DA)(DT)(DG)(DA)
;
EM
262 'polydeoxyribonucleotide'
;(DT)(DT)(DT)(DT)(DT)(DT)(DT)(DT)(DT)(DT)(DC)(DG)(DT)(DA)(DA)(DT)(DC)(DA)(DT)(DG)
(DG)(DT)(DC)(DA)(DT)(DA)(DA)(DT)(DC)(DC)(DT)(DG)(DA)(DT)(DT)
;
EN
263 'polydeoxyribonucleotide'
;(DC)(DT)(DT)(DG)(DG)(DG)(DT)(DA)(DG)(DT)(DG)(DG)(DC)(DT)(DC)(DA)(DC)(DA)(DA)(DG)
(DG)(DG)(DA)(DT)(DG)(DT)(DT)(DC)(DC)(DA)(DG)(DG)(DA)(DA)(DC)
;
EO
264 'polydeoxyribonucleotide'
;(DT)(DA)(DA)(DC)(DA)(DC)(DC)(DC)(DT)(DG)(DA)(DC)(DG)(DC)(DA)(DG)(DT)(DG)(DG)(DT)
(DC)(DA)(DT)(DG)(DG)(DT)(DA)(DA)(DG)(DG)(DA)(DA)(DC)(DG)(DT)
;
EP
265 'polydeoxyribonucleotide'
;(DG)(DA)(DA)(DC)(DC)(DT)(DA)(DC)(DC)(DG)(DT)(DA)(DT)(DA)(DC)(DA)(DT)(DT)(DA)(DA)
(DA)(DT)(DA)(DA)(DT)(DA)(DT)(DT)(DC)(DA)(DC)(DA)(DA)(DA)(DC)
;
EQ
266 'polydeoxyribonucleotide'
;(DG)(DC)(DT)(DA)(DG)(DT)(DC)(DG)(DC)(DA)(DG)(DG)(DA)(DT)(DC)(DT)(DT)(DC)(DA)(DA)
(DT)(DA)(DA)(DC)(DC)(DC)(DC)(DC)(DG)(DA)(DT)(DT)(DT)(DA)(DG)
;
ER
267 'polydeoxyribonucleotide'
;(DG)(DT)(DG)(DA)(DG)(DT)(DG)(DC)(DA)(DA)(DA)(DA)(DT)(DT)(DT)(DA)(DA)(DA)(DT)(DC)
(DA)(DT)(DG)(DT)(DG)(DG)(DC)(DC)(DT)(DG)(DC)(DA)(DT)(DA)(DG)
;
ES
268 'polydeoxyribonucleotide'
;(DA)(DG)(DG)(DT)(DT)(DA)(DT)(DG)(DG)(DA)(DG)(DT)(DG)(DT)(DT)(DT)(DT)(DT)(DG)(DC)
(DT)(DC)(DT)(DC)(DT)(DG)(DT)(DA)(DG)(DC)(DG)(DA)(DG)(DA)(DA)
;
ET
269 'polydeoxyribonucleotide'
;(DG)(DA)(DT)(DG)(DA)(DG)(DT)(DC)(DC)(DT)(DC)(DT)(DT)(DG)(DT)(DT)(DG)(DA)(DG)(DT)
(DT)(DG)(DC)(DC)(DT)(DG)(DA)(DG)(DC)(DC)(DT)(DT)(DA)(DC)(DC)
;
EU
270 'polydeoxyribonucleotide'
;(DT)(DG)(DC)(DT)(DT)(DC)(DT)(DG)(DT)(DA)(DA)(DA)(DT)(DC)(DA)(DG)(DC)(DA)(DA)(DA)
(DA)(DT)(DT)(DA)(DG)(DT)(DA)(DC)(DA)(DG)(DA)(DG)(DG)(DC)(DT)
;
EV
271 'polydeoxyribonucleotide'
;(DC)(DC)(DC)(DA)(DT)(DA)(DT)(DG)(DC)(DC)(DC)(DT)(DA)(DG)(DA)(DA)(DA)(DC)(DA)(DA)
(DA)(DG)(DT)(DG)(DA)(DC)(DC)(DA)(DT)(DG)(DA)(DG)(DG)(DG)(DA)
;
EW
272 'polydeoxyribonucleotide'
;(DC)(DT)(DT)(DA)(DA)(DT)(DT)(DT)(DT)(DC)(DC)(DC)(DT)(DT)(DA)(DG)(DA)(DA)(DT)(DA)
(DG)(DT)(DA)(DC)(DC)(DG)(DC)(DC)(DA)(DC)(DC)(DC)(DT)(DC)(DA)
;
EX
273 'polydeoxyribonucleotide'
;(DA)(DT)(DC)(DA)(DT)(DA)(DG)(DG)(DT)(DC)(DT)(DG)(DA)(DG)(DG)(DT)(DT)(DA)(DT)(DA)
(DT)(DC)(DT)(DG)(DA)(DG)(DT)(DT)(DA)(DT)(DT)(DC)(DC)(DA)(DC)
;
EY
274 'polydeoxyribonucleotide'
;(DT)(DA)(DG)(DA)(DT)(DT)(DA)(DA)(DG)(DA)(DC)(DG)(DC)(DT)(DA)(DG)(DA)(DC)(DA)(DA)
(DA)(DT)(DT)(DC)(DA)(DG)(DG)(DG)(DT)(DT)(DT)(DG)(DT)(DC)(DG)
;
EZ
275 'polydeoxyribonucleotide'
;(DA)(DA)(DT)(DC)(DG)(DC)(DA)(DG)(DA)(DG)(DA)(DA)(DG)(DA)(DG)(DA)(DT)(DG)(DC)(DA)
(DC)(DC)(DC)(DC)(DC)(DT)(DT)(DG)(DA)(DA)(DA)(DA)(DC)(DA)(DT)
;
Ea
276 'polydeoxyribonucleotide'
;(DA)(DA)(DT)(DA)(DA)(DG)(DG)(DC)(DG)(DT)(DT)(DA)(DA)(DA)(DA)(DA)(DA)(DA)(DG)(DC)
(DC)(DA)(DA)(DG)(DG)(DA)(DA)(DT)(DC)(DC)(DA)(DA)(DA)(DA)(DA)
;
Eb
277 'polydeoxyribonucleotide'
;(DT)(DG)(DA)(DA)(DA)(DT)(DA)(DC)(DC)(DG)(DA)(DC)(DC)(DG)(DT)(DG)(DC)(DG)(DT)(DT)
(DA)(DG)(DA)(DG)(DA)(DA)(DT)(DA)(DG)(DA)(DG)(DC)(DC)(DT)(DT)
;
Ec
278 'polydeoxyribonucleotide'
;(DG)(DC)(DC)(DA)(DC)(DA)(DA)(DG)(DT)(DA)(DA)(DT)(DA)(DA)(DG)(DA)(DG)(DA)(DA)(DT)
(DA)(DC)(DC)(DA)(DG)(DA)(DC)(DG)(DA)(DG)(DA)(DA)(DG)(DA)(DG)
;
Ed
279 'polydeoxyribonucleotide'
;(DT)(DT)(DT)(DT)(DT)(DT)(DT)(DT)(DT)(DA)(DT)(DG)(DG)(DG)(DG)(DT)(DG)(DG)(DT)(DG)
(DG)(DA)(DG)(DC)(DT)(DC)(DT)(DG)(DC)(DT)(DG)(DA)(DC)(DC)(DT)
;
Ee
280 'polydeoxyribonucleotide'
;(DT)(DT)(DT)(DT)(DT)(DT)(DT)(DT)(DT)(DG)(DT)(DG)(DA)(DT)(DG)(DA)(DC)(DT)(DC)(DT)
(DG)(DA)(DT)(DG)(DG)(DT)(DC)(DA)(DA)(DA)(DG)(DC)(DA)(DG)(DA)
;
Ef
281 'polydeoxyribonucleotide'
;(DT)(DG)(DG)(DA)(DG)(DG)(DA)(DG)(DA)(DG)(DA)(DT)(DT)(DT)(DC)(DC)(DT)(DC)(DC)(DC)
(DA)(DA)(DT)(DG)(DA)(DT)(DT)(DC)(DG)(DC)(DC)(DC)(DA)(DG)(DT)
;
Eg
282 'polydeoxyribonucleotide'
;(DA)(DG)(DC)(DC)(DC)(DT)(DA)(DT)(DG)(DC)(DA)(DT)(DA)(DT)(DA)(DC)(DC)(DA)(DA)(DT)
(DC)(DT)(DA)(DG)(DC)(DA)(DA)(DG)(DT)(DA)(DT)(DG)(DG)(DT)(DC)
;
Eh
283 'polydeoxyribonucleotide'
;(DC)(DA)(DA)(DA)(DT)(DC)(DA)(DG)(DA)(DT)(DA)(DT)(DA)(DG)(DA)(DC)(DG)(DA)(DG)(DC)
(DA)(DA)(DG)(DG)(DA)(DC)(DT)(DA)(DG)(DC)(DC)(DG)(DA)(DC)(DA)
;
Ei
284 'polydeoxyribonucleotide'
;(DA)(DA)(DC)(DT)(DA)(DT)(DG)(DT)(DC)(DA)(DA)(DT)(DT)(DA)(DA)(DT)(DT)(DG)(DC)(DA)
(DG)(DG)(DC)(DG)(DG)(DG)(DA)(DG)(DA)(DA)(DA)(DC)(DA)(DG)(DC)
;
Ej
285 'polydeoxyribonucleotide'
;(DT)(DT)(DT)(DT)(DT)(DT)(DT)(DT)(DT)(DC)(DT)(DT)(DA)(DT)(DT)(DA)(DG)(DT)(DT)(DG)
(DC)(DT)(DT)(DA)(DA)(DG)(DC)(DC)(DA)(DC)(DC)(DT)(DG)(DT)(DT)
;
Ek
286 'polydeoxyribonucleotide'
;(DA)(DG)(DG)(DT)(DT)(DG)(DC)(DA)(DT)(DT)(DG)(DA)(DC)(DT)(DC)(DC)(DA)(DC)(DA)(DT)
(DA)(DC)(DA)(DA)(DT)(DA)(DT)(DA)(DC)(DC)(DA)(DT)(DA)(DG)(DT)
;
El
287 'polydeoxyribonucleotide'
;(DG)(DC)(DA)(DG)(DC)(DC)(DT)(DC)(DT)(DA)(DC)(DC)(DT)(DA)(DT)(DT)(DG)(DT)(DA)(DG)
(DG)(DT)(DT)(DT)(DA)(DT)(DT)(DA)(DG)(DA)(DA)(DG)(DA)(DT)(DG)
;
Em
288 'polydeoxyribonucleotide'
;(DT)(DT)(DT)(DT)(DT)(DT)(DT)(DT)(DT)(DG)(DG)(DC)(DG)(DA)(DT)(DT)(DA)(DA)(DG)(DT)
(DT)(DG)(DG)(DG)(DT)(DA)(DA)(DT)(DC)(DC)(DA)(DA)(DA)(DT)(DA)
;
En
289 'polydeoxyribonucleotide'
;(DA)(DT)(DT)(DA)(DA)(DG)(DT)(DG)(DC)(DA)(DT)(DT)(DA)(DG)(DG)(DG)(DA)(DG)(DA)(DG)
(DT)(DA)(DA)(DT)(DC)(DT)(DT)(DA)(DC)(DC)(DA)(DA)(DC)(DG)(DC)
;
Eo
290 'polydeoxyribonucleotide'
;(DG)(DT)(DC)(DA)(DA)(DA)(DA)(DA)(DG)(DT)(DT)(DA)(DA)(DG)(DG)(DA)(DC)(DG)(DG)(DT)
(DC)(DC)(DA)(DA)(DA)(DG)(DC)(DT)(DG)(DC)(DT)(DT)(DT)(DT)(DT)
;
Ep
291 'polydeoxyribonucleotide'
;(DT)(DC)(DT)(DG)(DA)(DG)(DT)(DG)(DA)(DG)(DC)(DT)(DC)(DC)(DG)(DA)(DC)(DT)(DC)(DT)
(DT)(DT)(DC)(DA)(DT)(DT)(DA)(DG)(DA)(DA)(DA)(DT)(DT)(DC)(DA)
;
Eq
292 'polydeoxyribonucleotide'
;(DG)(DA)(DT)(DG)(DT)(DT)(DT)(DA)(DT)(DA)(DT)(DC)(DA)(DG)(DG)(DA)(DG)(DA)(DG)(DA)
(DA)(DT)(DT)(DA)(DC)(DT)(DC)(DT)(DT)(DT)(DA)(DC)(DT)(DA)(DG)
;
Er
293 'polydeoxyribonucleotide'
;(DG)(DA)(DG)(DC)(DA)(DT)(DG)(DA)(DG)(DA)(DA)(DT)(DT)(DG)(DA)(DT)(DG)(DA)(DA)(DA)
(DA)(DT)(DG)(DC)(DG)(DA)(DT)(DT)(DT)(DT)(DT)(DT)(DG)(DT)(DT)
;
Es
294 'polydeoxyribonucleotide'
;(DT)(DT)(DT)(DT)(DT)(DT)(DT)(DT)(DT)(DT)(DT)(DG)(DG)(DG)(DA)(DA)(DG)(DG)(DG)(DC)
(DG)(DA)(DT)(DC)(DG)(DG)(DC)(DA)(DA)(DT)(DA)(DA)(DT)(DA)(DA)
;
Et
295 'polydeoxyribonucleotide'
;(DT)(DG)(DC)(DC)(DC)(DA)(DC)(DC)(DT)(DA)(DC)(DA)(DC)(DA)(DA)(DT)(DA)(DA)(DA)(DT)
(DC)(DA)(DA)(DA)(DA)(DG)(DA)(DA)(DT)(DT)(DG)(DG)(DA)(DA)(DC)
;
Eu
296 'polydeoxyribonucleotide'
;(DC)(DG)(DC)(DA)(DA)(DT)(DA)(DC)(DA)(DT)(DT)(DT)(DT)(DA)(DT)(DT)(DA)(DG)(DG)(DA)
(DA)(DC)(DG)(DC)(DC)(DA)(DA)(DA)(DG)(DA)(DC)(DA)(DA)(DA)(DA)
;
Ev
297 'polydeoxyribonucleotide'
;(DT)(DA)(DG)(DG)(DA)(DA)(DT)(DG)(DA)(DC)(DT)(DG)(DA)(DT)(DT)(DG)(DT)(DG)(DT)(DA)
(DA)(DC)(DA)(DG)(DA)(DC)(DT)(DT)(DG)(DG)(DA)(DA)(DA)(DG)(DC)
;
Ew
298 'polydeoxyribonucleotide'
;(DT)(DC)(DA)(DT)(DA)(DG)(DG)(DA)(DA)(DT)(DG)(DC)(DT)(DC)(DT)(DG)(DG)(DA)(DA)(DT)
(DT)(DT)(DT)(DG)(DA)(DC)(DT)(DA)(DT)(DT)(DC)(DA)(DC)(DC)(DA)
;
Ex
299 'polydeoxyribonucleotide'
;(DT)(DT)(DG)(DC)(DG)(DA)(DC)(DA)(DG)(DA)(DA)(DT)(DC)(DA)(DT)(DC)(DC)(DA)(DT)(DG)
(DA)(DA)(DA)(DA)(DG)(DA)(DT)(DC)(DA)(DA)(DA)(DT)(DC)(DA)(DA)
;
Ey
300 'polydeoxyribonucleotide'
;(DT)(DT)(DA)(DA)(DC)(DA)(DG)(DG)(DC)(DC)(DC)(DT)(DA)(DG)(DT)(DA)(DG)(DA)(DA)(DG)
(DG)(DG)(DA)(DT)(DT)(DG)(DC)(DA)(DG)(DC)(DC)(DA)(DG)(DG)(DA)
;
Ez
301 'polydeoxyribonucleotide'
;(DC)(DA)(DG)(DA)(DG)(DC)(DC)(DC)(DT)(DT)(DT)(DA)(DC)(DA)(DC)(DA)(DA)(DA)(DA)(DG)
(DG)(DA)(DG)(DT)(DA)(DA)(DC)(DA)(DT)(DT)(DA)(DT)(DC)(DA)(DT)
;
E0
302 'polydeoxyribonucleotide'
;(DC)(DA)(DC)(DC)(DA)(DG)(DA)(DA)(DA)(DC)(DT)(DT)(DC)(DC)(DA)(DC)(DA)(DG)(DG)(DA)
(DC)(DG)(DT)(DT)(DA)(DT)(DT)(DA)(DA)(DT)(DT)(DT)(DT)(DA)(DA)
;
E1
303 'polydeoxyribonucleotide'
;(DG)(DG)(DA)(DG)(DA)(DC)(DA)(DT)(DA)(DT)(DG)(DA)(DG)(DT)(DC)(DC)(DC)(DT)(DA)(DA)
(DA)(DG)(DG)(DG)(DA)(DG)(DG)(DC)(DC)(DA)(DG)(DG)(DA)(DA)(DC)
;
E2
304 'polydeoxyribonucleotide'
;(DC)(DC)(DT)(DT)(DG)(DT)(DG)(DA)(DG)(DG)(DT)(DT)(DG)(DA)(DA)(DC)(DC)(DG)(DG)(DA)
(DA)(DA)(DG)(DG)(DC)(DC)(DA)(DT)(DC)(DT)(DT)(DT)(DT)(DC)(DA)
;
E3
305 'polydeoxyribonucleotide'
;(DA)(DT)(DA)(DG)(DA)(DG)(DT)(DT)(DC)(DT)(DG)(DG)(DA)(DT)(DT)(DT)(DC)(DA)(DA)(DT)
(DA)(DT)(DT)(DG)(DA)(DC)(DA)(DA)(DT)(DG)(DA)(DG)(DA)(DA)(DG)
;
E4
306 'polydeoxyribonucleotide'
;(DC)(DT)(DG)(DA)(DG)(DT)(DC)(DT)(DC)(DT)(DG)(DA)(DA)(DT)(DT)(DC)(DA)(DT)(DC)(DA)
(DT)(DG)(DC)(DT)(DT)(DC)(DA)(DG)(DG)(DG)(DA)(DG)(DG)(DC)(DA)
;
E5
307 'polydeoxyribonucleotide'
;(DT)(DG)(DT)(DA)(DC)(DA)(DG)(DA)(DG)(DG)(DT)(DA)(DC)(DT)(DT)(DA)(DA)(DT)(DT)(DC)
(DA)(DG)(DA)(DA)(DG)(DT)(DG)(DT)(DA)(DT)(DA)(DG)(DA)(DG)(DG)
;
E6
308 'polydeoxyribonucleotide'
;(DT)(DT)(DG)(DA)(DG)(DT)(DA)(DG)(DT)(DG)(DT)(DA)(DC)(DT)(DT)(DG)(DC)(DG)(DT)(DA)
(DG)(DA)(DG)(DC)(DA)(DG)(DG)(DA)(DA)(DT)(DT)(DC)(DT)(DC)(DA)
;
E7
309 'polydeoxyribonucleotide'
;(DC)(DA)(DG)(DG)(DT)(DT)(DC)(DA)(DG)(DC)(DG)(DG)(DG)(DG)(DA)(DG)(DC)(DC)(DC)(DG)
(DG)(DA)(DT)(DT)(DG)(DA)(DT)(DT)(DG)(DA)(DG)(DA)(DA)(DA)(DC)
;
E8
310 'polydeoxyribonucleotide'
;(DC)(DA)(DG)(DT)(DA)(DC)(DC)(DT)(DC)(DC)(DT)(DA)(DA)(DA)(DT)(DC)(DT)(DG)(DT)(DG)
(DA)(DA)(DT)(DA)(DT)(DA)(DC)(DA)(DG)(DT)(DA)(DA)(DC)(DA)(DG)
;
E9
311 'polydeoxyribonucleotide'
;(DG)(DA)(DG)(DA)(DC)(DT)(DC)(DA)(DG)(DG)(DA)(DT)(DA)(DA)(DT)(DG)(DC)(DC)(DC)(DA)
(DG)(DG)(DG)(DA)(DT)(DT)(DC)(DG)(DC)(DC)(DT)(DG)(DA)(DT)(DT)
;
FA
312 'polydeoxyribonucleotide'
;(DA)(DA)(DA)(DA)(DT)(DC)(DT)(DT)(DG)(DC)(DG)(DA)(DA)(DT)(DG)(DT)(DG)(DG)(DA)(DA)
(DT)(DA)(DC)(DC)(DT)(DT)(DA)(DT)(DC)(DT)(DG)(DT)(DA)(DG)(DC)
;
FB
313 'polydeoxyribonucleotide'
;(DT)(DC)(DT)(DT)(DA)(DA)(DT)(DA)(DT)(DA)(DG)(DG)(DA)(DT)(DA)(DG)(DC)(DT)(DA)(DA)
(DT)(DG)(DC)(DA)(DG)(DA)(DA)(DC)(DT)(DA)(DA)(DT)(DT)(DT)(DA)
;
FC
314 'polydeoxyribonucleotide'
;(DA)(DA)(DG)(DG)(DC)(DC)(DG)(DC)(DT)(DA)(DC)(DT)(DG)(DG)(DG)(DA)(DA)(DG)(DC)(DT)
(DA)(DT)(DA)(DA)(DA)(DG)(DT)(DA)(DA)(DT)(DT)(DC)(DT)(DG)(DT)
;
FD
315 'polydeoxyribonucleotide'
;(DA)(DT)(DG)(DA)(DC)(DA)(DA)(DC)(DT)(DT)(DG)(DA)(DT)(DA)(DA)(DC)(DA)(DA)(DG)(DA)
(DA)(DT)(DT)(DT)(DA)(DT)(DC)(DA)(DA)(DC)(DA)(DA)(DT)(DA)(DG)
;
FE
316 'polydeoxyribonucleotide'
;(DC)(DG)(DA)(DT)(DT)(DA)(DT)(DA)(DT)(DT)(DT)(DT)(DA)(DT)(DA)(DA)(DG)(DC)(DC)(DC)
(DC)(DA)(DC)(DT)(DT)(DG)(DC)(DA)(DT)(DT)(DG)(DA)(DG)(DG)(DA)
;
FF
317 'polydeoxyribonucleotide'
;(DT)(DC)(DT)(DG)(DA)(DA)(DT)(DA)(DA)(DA)(DG)(DT)(DA)(DC)(DG)(DC)(DT)(DA)(DT)(DT)
(DT)(DT)(DC)(DT)(DC)(DT)(DC)(DA)(DG)(DT)(DG)(DT)(DT)(DT)(DG)
;
FG
318 'polydeoxyribonucleotide'
;(DT)(DC)(DT)(DA)(DA)(DG)(DC)(DT)(DG)(DA)(DA)(DT)(DA)(DG)(DC)(DT)(DA)(DC)(DC)(DT)
(DC)(DA)(DG)(DT)(DA)(DT)(DT)(DT)(DT)(DT)(DT)(DT)(DT)(DT)(DT)
;
FH
319 'polydeoxyribonucleotide'
;(DC)(DT)(DT)(DG)(DA)(DA)(DA)(DA)(DT)(DA)(DG)(DA)(DC)(DA)(DA)(DC)(DA)(DG)(DA)(DT)
(DT)(DG)(DG)(DC)(DA)(DT)(DG)(DG)(DA)(DG)(DA)(DC)(DC)(DA)(DC)
;
FI
320 'polydeoxyribonucleotide'
;(DG)(DA)(DA)(DT)(DA)(DC)(DA)(DA)(DA)(DC)(DG)(DT)(DA)(DA)(DA)(DA)(DT)(DC)(DA)(DT)
(DA)(DT)(DG)(DG)(DC)(DC)(DG)(DG)(DA)(DA)(DC)(DG)(DA)(DG)(DG)
;
FJ
321 'polydeoxyribonucleotide'
;(DA)(DA)(DA)(DA)(DA)(DT)(DC)(DA)(DT)(DT)(DT)(DC)(DA)(DG)(DG)(DC)(DT)(DG)(DC)(DG)
(DC)(DA)(DA)(DC)(DT)(DG)(DT)(DT)(DT)(DT)(DT)(DT)(DT)(DT)(DT)
;
FK
322 'polydeoxyribonucleotide'
;(DT)(DC)(DC)(DA)(DC)(DA)(DA)(DT)(DA)(DA)(DA)(DG)(DT)(DC)(DA)(DA)(DG)(DA)(DG)(DT)
(DA)(DA)(DT)(DG)(DA)(DA)(DC)(DG)(DT)(DT)(DT)(DG)(DC)(DT)(DG)
;
FL
323 'polydeoxyribonucleotide'
;(DG)(DT)(DG)(DC)(DA)(DT)(DG)(DG)(DA)(DT)(DA)(DC)(DC)(DT)(DC)(DC)(DT)(DC)(DT)(DA)
(DG)(DA)(DC)(DA)(DA)(DC)(DC)(DC)(DA)(DG)(DG)(DT)(DA)(DG)(DC)
;
FM
324 'polydeoxyribonucleotide'
;(DG)(DC)(DT)(DG)(DT)(DA)(DC)(DC)(DA)(DA)(DT)(DT)(DA)(DT)(DT)(DT)(DT)(DG)(DT)(DA)
(DC)(DT)(DG)(DG)(DC)(DT)(DT)(DT)(DT)(DT)(DT)(DT)(DT)(DT)(DT)
;
FN
325 'polydeoxyribonucleotide'
;(DT)(DT)(DT)(DT)(DT)(DT)(DT)(DT)(DT)(DT)(DA)(DC)(DC)(DC)(DA)(DG)(DT)(DC)(DA)(DA)
(DT)(DA)(DG)(DT)(DA)(DA)(DA)(DA)(DG)(DT)(DC)(DC)(DT)(DA)(DA)
;
FO
326 'polydeoxyribonucleotide'
;(DC)(DA)(DT)(DG)(DC)(DC)(DT)(DT)(DG)(DC)(DT)(DA)(DC)(DT)(DT)(DT)(DG)(DA)(DC)(DC)
(DC)(DG)(DG)(DA)(DT)(DA)(DT)(DA)(DA)(DT)(DA)(DC)(DC)(DA)(DG)
;
FP
327 'polydeoxyribonucleotide'
;(DA)(DT)(DA)(DC)(DT)(DC)(DT)(DA)(DA)(DA)(DA)(DA)(DT)(DA)(DC)(DA)(DG)(DA)(DC)(DC)
(DT)(DT)(DT)(DG)(DA)(DA)(DA)(DG)(DA)(DG)(DC)(DG)(DC)(DT)(DA)
;
FQ
328 'polydeoxyribonucleotide'
;(DT)(DG)(DT)(DG)(DT)(DA)(DT)(DA)(DT)(DG)(DT)(DT)(DG)(DG)(DT)(DA)(DA)(DT)(DC)(DA)
(DC)(DT)(DT)(DC)(DT)(DT)(DT)(DT)(DT)(DT)(DT)(DT)(DT)(DT)(DT)
;
FR
329 'polydeoxyribonucleotide'
;(DT)(DA)(DA)(DA)(DC)(DC)(DA)(DT)(DG)(DT)(DA)(DG)(DC)(DA)(DA)(DG)(DG)(DT)(DG)(DC)
(DT)(DT)(DG)(DC)(DG)(DG)(DG)(DA)(DG)(DT)(DA)(DC)(DC)(DG)(DC)
;
FS
330 'polydeoxyribonucleotide'
;(DG)(DG)(DC)(DC)(DA)(DC)(DA)(DT)(DT)(DT)(DA)(DA)(DG)(DA)(DC)(DC)(DC)(DA)(DG)(DC)
(DA)(DA)(DT)(DT)(DG)(DG)(DT)(DT)(DT)(DT)(DT)(DT)(DT)(DT)(DT)
;
FT
331 'polydeoxyribonucleotide'
;(DT)(DT)(DT)(DT)(DT)(DT)(DT)(DT)(DT)(DA)(DT)(DT)(DG)(DG)(DT)(DG)(DT)(DG)(DG)(DT)
(DT)(DT)(DG)(DT)(DG)(DT)(DT)(DT)(DA)(DA)(DT)(DA)(DA)(DG)(DT)
;
FU
332 'polydeoxyribonucleotide'
;(DG)(DA)(DT)(DA)(DA)(DG)(DA)(DG)(DG)(DT)(DC)(DA)(DC)(DC)(DA)(DC)(DA)(DA)(DC)(DG)
(DC)(DG)(DG)(DT)(DT)(DG)(DC)(DT)(DA)(DA)(DG)(DT)(DC)(DA)(DG)
;
FV
333 'polydeoxyribonucleotide'
;(DG)(DC)(DT)(DT)(DA)(DA)(DT)(DT)(DA)(DA)(DT)(DT)(DG)(DC)(DA)(DG)(DA)(DC)(DA)(DG)
(DC)(DA)(DT)(DT)(DT)(DG)(DA)(DG)(DG)(DT)(DT)(DC)(DT)(DC)(DA)
;
FW
334 'polydeoxyribonucleotide'
;(DC)(DT)(DA)(DC)(DA)(DG)(DG)(DA)(DT)(DT)(DT)(DA)(DG)(DT)(DT)(DT)(DT)(DC)(DT)(DG)
(DG)(DA)(DG)(DG)(DG)(DG)(DG)(DT)(DC)(DT)(DG)(DT)(DA)(DC)(DT)
;
FX
335 'polydeoxyribonucleotide'
;(DT)(DT)(DG)(DG)(DG)(DG)(DT)(DC)(DA)(DA)(DA)(DG)(DG)(DG)(DT)(DA)(DA)(DA)(DT)(DC)
(DA)(DA)(DT)(DG)(DT)(DG)(DC)(DG)(DT)(DT)(DT)(DT)(DA)(DT)(DC)
;
FY
336 'polydeoxyribonucleotide'
;(DA)(DA)(DA)(DG)(DA)(DA)(DC)(DG)(DA)(DT)(DA)(DG)(DG)(DG)(DA)(DA)(DT)(DC)(DA)(DA)
(DT)(DA)(DA)(DG)(DG)(DT)(DA)(DG)(DA)(DA)(DG)(DG)(DA)(DT)(DG)
;
FZ
337 'polydeoxyribonucleotide'
;(DT)(DA)(DA)(DT)(DG)(DA)(DT)(DA)(DA)(DC)(DT)(DC)(DG)(DA)(DT)(DA)(DT)(DT)(DT)(DT)
(DA)(DG)(DG)(DC)(DA)(DA)(DA)(DA)(DT)(DG)(DA)(DC)(DA)(DG)(DG)
;
Fa
338 'polydeoxyribonucleotide'
;(DA)(DC)(DC)(DT)(DT)(DC)(DT)(DT)(DA)(DA)(DG)(DT)(DA)(DG)(DG)(DT)(DA)(DT)(DT)(DG)
(DT)(DA)(DT)(DT)(DC)(DT)(DA)(DG)(DC)(DA)(DA)(DC)(DC)(DG)(DA)
;
Fb
339 'polydeoxyribonucleotide'
;(DC)(DA)(DA)(DT)(DG)(DC)(DA)(DA)(DG)(DA)(DG)(DA)(DG)(DG)(DT)(DG)(DA)(DG)(DT)(DA)
(DG)(DG)(DC)(DC)(DT)(DA)(DG)(DG)(DA)(DA)(DA)(DC)(DT)(DG)(DC)
;
Fc
340 'polydeoxyribonucleotide'
;(DA)(DG)(DG)(DT)(DG)(DA)(DA)(DA)(DC)(DC)(DA)(DC)(DG)(DG)(DG)(DT)(DG)(DA)(DG)(DA)
(DA)(DA)(DC)(DA)(DC)(DC)(DA)(DG)(DA)(DA)(DC)(DG)(DA)
;
Fd
341 'polydeoxyribonucleotide'
;(DA)(DC)(DT)(DG)(DT)(DG)(DC)(DA)(DC)(DC)(DT)(DA)(DT)(DG)(DA)(DG)(DG)(DA)(DA)(DG)
(DA)(DG)(DG)(DG)(DG)(DT)(DT)(DC)(DC)(DC)(DA)(DT)
;
Fe
342 'polydeoxyribonucleotide'
;(DT)(DT)(DT)(DT)(DT)(DT)(DT)(DT)(DT)(DT)(DC)(DT)(DG)(DC)(DT)(DG)(DT)(DC)(DC)(DT)
(DT)(DA)(DT)(DC)(DA)(DT)(DA)(DA)(DG)(DT)(DA)(DA)
;
Ff
343 'polydeoxyribonucleotide'
;(DA)(DA)(DG)(DA)(DG)(DT)(DC)(DC)(DA)(DC)(DT)(DA)(DT)(DT)(DA)(DT)(DC)(DC)(DC)(DT)
(DT)(DC)(DT)(DG)(DG)(DA)(DA)(DA)
;
Fg
344 'polydeoxyribonucleotide'
;(DT)(DC)(DA)(DC)(DC)(DT)(DG)(DC)(DC)(DC)(DT)(DT)(DC)(DA)(DC)(DC)(DG)(DC)(DC)(DT)
(DT)(DT)(DT)(DT)(DT)(DT)(DT)(DT)
;
Fh
345 'polydeoxyribonucleotide'
;(DC)(DT)(DA)(DT)(DG)(DT)(DT)(DC)(DA)(DC)(DC)(DA)(DG)(DT)(DG)(DA)(DG)(DA)(DC)(DT)
(DT)(DT)(DT)(DT)(DT)(DT)(DT)(DT)
;
Fi
346 'polydeoxyribonucleotide'
;(DT)(DA)(DG)(DA)(DC)(DA)(DG)(DC)(DG)(DC)(DT)(DA)(DG)(DG)(DG)(DC)(DG)(DC)(DT)(DG)
(DG)(DT)(DT)(DG)(DA)(DC)(DG)(DG)
;
Fj
347 'polydeoxyribonucleotide'
;(DT)(DT)(DT)(DT)(DT)(DT)(DT)(DT)(DT)(DG)(DG)(DG)(DT)(DG)(DG)(DT)(DT)(DT)(DT)(DT)
(DC)(DT)(DT)(DG)(DT)(DT)(DG)(DC)
;
Fk
348 'polydeoxyribonucleotide'
;(DG)(DT)(DA)(DA)(DA)(DA)(DG)(DG)(DG)(DG)(DA)(DT)(DT)(DT)(DG)(DC)(DA)(DA)(DG)(DG)
(DG)(DC)(DG)(DA)(DC)(DA)(DT)(DT)
;
Fl
349 'polydeoxyribonucleotide'
;(DG)(DT)(DC)(DA)(DC)(DA)(DC)(DC)(DA)(DT)(DG)(DG)(DA)(DA)(DT)(DT)(DT)(DA)(DT)(DC)
(DT)(DA)(DT)(DC)(DA)(DC)(DC)(DA)
;
Fm
350 'polydeoxyribonucleotide'
;(DG)(DG)(DG)(DA)(DC)(DA)(DT)(DC)(DA)(DT)(DT)(DG)(DC)(DA)(DT)(DT)(DA)(DA)(DG)(DC)
(DC)(DA)(DC)(DA)(DA)(DG)(DT)(DC)
;
Fn
351 'polydeoxyribonucleotide'
;(DT)(DG)(DG)(DC)(DA)(DC)(DG)(DG)(DC)(DC)(DA)(DA)(DC)(DG)(DC)(DG)(DC)(DG)(DG)(DT)
(DT)(DT)(DT)(DT)(DT)(DT)(DT)(DT)
;
Fo
352 'polydeoxyribonucleotide'
;(DA)(DT)(DG)(DC)(DG)(DC)(DG)(DC)(DG)(DT)(DT)(DT)(DT)(DC)(DC)(DG)(DG)(DA)(DA)(DA)
(DC)(DA)(DA)(DA)(DG)(DT)(DA)(DG)
;
Fp
353 'polydeoxyribonucleotide'
;(DG)(DG)(DG)(DA)(DA)(DA)(DC)(DC)(DT)(DG)(DT)(DC)(DG)(DT)(DG)(DC)(DC)(DA)(DG)(DT)
(DT)(DT)(DT)(DT)(DT)(DT)(DT)(DT)
;
Fq
354 'polydeoxyribonucleotide'
;(DA)(DA)(DC)(DA)(DC)(DA)(DT)(DT)(DA)(DA)(DT)(DT)(DG)(DC)(DG)(DT)(DT)(DG)(DC)(DT)
(DT)(DT)(DT)(DT)(DT)(DT)(DT)(DT)
;
Fr
355 'polydeoxyribonucleotide'
;(DC)(DA)(DT)(DT)(DT)(DG)(DG)(DA)(DC)(DT)(DA)(DG)(DC)(DC)(DT)(DA)(DT)(DG)(DA)(DT)
(DG)(DA)(DA)(DA)(DA)(DG)(DG)(DT)
;
Fs
356 'polydeoxyribonucleotide'
;(DC)(DA)(DG)(DT)(DT)(DG)(DA)(DA)(DA)(DG)(DG)(DA)(DC)(DT)(DG)(DG)(DA)(DT)(DC)(DT)
(DG)(DC)(DT)(DA)(DG)(DT)(DA)(DC)
;
Ft
357 'polydeoxyribonucleotide'
;(DT)(DA)(DT)(DC)(DT)(DA)(DA)(DG)(DC)(DC)(DA)(DA)(DG)(DC)(DT)(DA)(DC)(DT)(DG)(DT)
(DG)(DT)(DA)(DA)(DT)(DG)(DT)(DG)
;
Fu
358 'polydeoxyribonucleotide'
;(DT)(DT)(DG)(DT)(DA)(DA)(DA)(DG)(DC)(DC)(DT)(DG)(DG)(DG)(DG)(DT)(DG)(DC)(DC)(DT)
(DT)(DT)(DT)(DT)(DT)(DT)(DT)(DT)
;
Fv
359 'polydeoxyribonucleotide'
;(DC)(DT)(DT)(DA)(DG)(DG)(DG)(DC)(DA)(DT)(DT)(DA)(DT)(DG)(DC)(DA)(DA)(DG)(DG)(DG)
(DC)(DG)(DC)(DC)(DC)(DC)(DT)(DA)
;
Fw
360 'polydeoxyribonucleotide'
;(DA)(DA)(DA)(DT)(DT)(DC)(DC)(DA)(DC)(DA)(DC)(DA)(DA)(DC)(DA)(DT)(DA)(DC)(DG)(DT)
(DT)(DT)(DT)(DT)(DT)(DT)(DT)(DT)
;
Fx
361 'polydeoxyribonucleotide'
;(DA)(DC)(DC)(DT)(DA)(DC)(DT)(DC)(DA)(DG)(DG)(DT)(DG)(DT)(DG)(DG)(DC)(DT)(DT)(DA)
(DA)(DG)(DA)(DA)(DA)(DC)(DT)(DT)
;
Fy
362 'polydeoxyribonucleotide'
;(DG)(DG)(DA)(DA)(DT)(DT)(DA)(DT)(DT)(DA)(DC)(DC)(DG)(DT)(DA)(DG)(DT)(DT)(DT)(DT)
(DA)(DA)(DT)(DC)(DA)(DC)(DA)(DA)
;
Fz
363 'polydeoxyribonucleotide'
;(DT)(DA)(DG)(DC)(DT)(DG)(DT)(DT)(DT)(DC)(DC)(DT)(DG)(DT)(DG)(DT)(DG)(DA)(DA)(DT)
(DT)(DT)(DT)(DT)(DT)(DT)(DT)(DT)
;
F0
364 'polydeoxyribonucleotide'
;(DG)(DG)(DG)(DG)(DA)(DT)(DA)(DA)(DG)(DA)(DA)(DA)(DT)(DA)(DT)(DA)(DC)(DC)(DT)(DT)
(DT)(DA)(DG)(DC)(DT)(DG)(DG)(DC)
;
F1
365 'polydeoxyribonucleotide'
;(DG)(DA)(DA)(DT)(DA)(DT)(DA)(DC)(DC)(DG)(DA)(DG)(DC)(DT)(DC)(DG)(DA)(DA)(DT)(DT)
(DT)(DT)(DT)(DT)(DT)(DT)(DT)(DT)
;
F2
366 'polydeoxyribonucleotide'
;(DC)(DA)(DG)(DA)(DT)(DG)(DA)(DG)(DT)(DC)(DT)(DT)(DG)(DG)(DA)(DG)(DG)(DA)(DG)(DA)
(DA)(DA)(DT)(DT)(DT)(DC)(DA)(DT)
;
F3
367 'polydeoxyribonucleotide'
;(DC)(DA)(DA)(DT)(DA)(DA)(DC)(DG)(DG)(DC)(DA)(DA)(DG)(DA)(DT)(DG)(DA)(DG)(DG)(DG)
(DT)(DA)(DT)(DG)(DA)(DA)(DA)(DC)
;
F4
368 'polydeoxyribonucleotide'
;(DA)(DT)(DA)(DC)(DC)(DA)(DC)(DC)(DT)(DC)(DG)(DA)(DT)(DA)(DA)(DA)(DG)(DA)(DC)(DT)
(DT)(DT)(DT)(DT)(DT)(DT)(DT)(DT)
;
F5
369 'polydeoxyribonucleotide'
;(DG)(DC)(DA)(DC)(DC)(DG)(DG)(DC)(DT)(DA)(DT)(DG)(DT)(DT)(DG)(DG)(DA)(DC)(DC)(DT)
(DT)(DT)(DG)(DG)(DC)(DA)(DG)(DA)
;
F6
370 'polydeoxyribonucleotide'
;(DT)(DT)(DC)(DA)(DT)(DA)(DC)(DA)(DG)(DG)(DG)(DC)(DT)(DT)(DA)(DA)(DG)(DC)(DT)(DT)
(DT)(DT)(DT)(DT)(DT)(DT)(DT)(DT)
;
F7
371 'polydeoxyribonucleotide'
;(DT)(DT)(DG)(DA)(DA)(DC)(DA)(DA)(DC)(DG)(DC)(DC)(DG)(DT)(DC)(DG)(DA)(DG)(DA)(DG)
(DG)(DT)(DA)(DG)(DA)(DA)(DC)(DA)
;
F8
372 'polydeoxyribonucleotide'
;(DA)(DG)(DC)(DG)(DA)(DC)(DA)(DT)(DT)(DT)(DC)(DA)(DC)(DA)(DT)(DA)(DA)(DA)(DT)(DT)
(DT)(DT)(DT)(DT)(DT)(DT)(DT)(DT)
;
F9
373 'polydeoxyribonucleotide'
;(DG)(DA)(DT)(DG)(DA)(DG)(DT)(DC)(DT)(DG)(DG)(DA)(DG)(DT)(DC)(DA)(DG)(DC)(DA)(DT)
(DT)(DT)(DT)(DT)(DT)(DT)(DT)(DT)
;
GA
374 'polydeoxyribonucleotide'
;(DA)(DG)(DT)(DA)(DA)(DT)(DC)(DC)(DT)(DG)(DG)(DA)(DG)(DA)(DA)(DG)(DT)(DA)(DA)(DT)
(DT)(DT)(DT)(DT)(DT)(DT)(DT)(DT)
;
GB
375 'polydeoxyribonucleotide'
;(DC)(DG)(DA)(DC)(DT)(DT)(DT)(DT)(DT)(DC)(DA)(DA)(DA)(DT)(DA)(DT)(DT)(DA)(DT)(DT)
(DA)(DA)(DG)(DG)(DA)(DG)(DT)(DC)
;
GC
376 'polydeoxyribonucleotide'
;(DT)(DC)(DT)(DT)(DA)(DC)(DC)(DA)(DA)(DT)(DG)(DG)(DT)(DT)(DC)(DC)(DT)(DG)(DC)(DT)
(DG)(DC)(DT)(DT)(DG)(DG)(DA)(DT)
;
GD
377 'polydeoxyribonucleotide'
;(DC)(DT)(DC)(DT)(DG)(DG)(DT)(DT)(DA)(DT)(DC)(DA)(DC)(DA)(DG)(DC)(DA)(DA)(DG)(DT)
(DT)(DT)(DT)(DT)(DT)(DT)(DT)(DT)
;
GE
378 'polydeoxyribonucleotide'
;(DT)(DC)(DC)(DC)(DC)(DA)(DT)(DA)(DG)(DG)(DA)(DG)(DT)(DT)(DA)(DC)(DA)(DT)(DC)(DA)
(DA)(DC)(DA)(DT)(DG)(DT)(DA)(DC)
;
GF
379 'polydeoxyribonucleotide'
;(DT)(DT)(DA)(DT)(DT)(DT)(DA)(DA)(DC)(DA)(DA)(DC)(DG)(DC)(DC)(DA)(DA)(DC)(DA)(DT)
(DG)(DG)(DC)(DG)(DC)(DC)(DT)(DG)
;
GG
380 'polydeoxyribonucleotide'
;(DA)(DA)(DT)(DA)(DC)(DT)(DT)(DC)(DA)(DC)(DC)(DC)(DT)(DA)(DT)(DA)(DT)(DA)(DG)(DT)
(DT)(DT)(DT)(DT)(DT)(DT)(DT)(DT)
;
GH
381 'polydeoxyribonucleotide'
;(DA)(DA)(DG)(DA)(DC)(DC)(DT)(DA)(DT)(DC)(DT)(DT)(DA)(DA)(DT)(DA)(DG)(DT)(DA)(DC)
(DT)(DA)(DC)(DC)(DC)(DC)(DA)(DG)
;
GI
382 'polydeoxyribonucleotide'
;(DG)(DT)(DC)(DC)(DT)(DG)(DA)(DC)(DC)(DG)(DA)(DT)(DA)(DG)(DA)(DT)(DT)(DG)(DA)(DA)
(DT)(DT)(DT)(DC)(DT)(DT)(DA)(DA)
;
GJ
383 'polydeoxyribonucleotide'
;(DA)(DT)(DT)(DC)(DC)(DA)(DA)(DT)(DA)(DG)(DG)(DT)(DT)(DG)(DT)(DG)(DT)(DG)(DG)(DT)
(DT)(DT)(DT)(DT)(DT)(DT)(DT)(DT)
;
GK
384 'polydeoxyribonucleotide'
;(DA)(DG)(DC)(DT)(DG)(DG)(DA)(DA)(DG)(DA)(DT)(DT)(DG)(DA)(DG)(DA)(DG)(DG)(DC)(DT)
(DT)(DT)(DT)(DT)(DT)(DT)(DT)(DT)
;
GL
385 'polydeoxyribonucleotide'
;(DA)(DA)(DC)(DG)(DC)(DG)(DA)(DG)(DG)(DC)(DG)(DT)(DT)(DT)(DC)(DT)(DT)(DA)(DT)(DC)
(DC)(DA)(DA)(DC)(DG)(DG)(DG)(DT)
;
GM
386 'polydeoxyribonucleotide'
;(DA)(DA)(DT)(DG)(DG)(DA)(DC)(DA)(DC)(DC)(DC)(DC)(DA)(DC)(DA)(DT)(DG)(DG)(DT)(DT)
(DT)(DT)(DT)(DT)(DT)(DT)(DT)(DT)
;
GN
387 'polydeoxyribonucleotide'
;(DT)(DA)(DA)(DG)(DG)(DG)(DG)(DG)(DA)(DT)(DG)(DT)(DG)(DC)(DT)(DG)(DC)(DA)(DA)(DT)
(DT)(DT)(DT)(DT)(DT)(DT)(DT)(DT)
;
GO
388 'polydeoxyribonucleotide'
;(DT)(DT)(DT)(DT)(DT)(DT)(DT)(DT)(DT)(DT)(DT)(DA)(DC)(DG)(DC)(DC)(DA)(DG)(DC)(DT)
(DG)(DG)(DC)(DG)(DA)(DA)(DA)(DC)
;
GP
389 'polydeoxyribonucleotide'
;(DC)(DC)(DT)(DG)(DC)(DG)(DG)(DG)(DC)(DC)(DT)(DC)(DT)(DT)(DC)(DG)(DC)(DT)(DA)(DT)
(DT)(DT)(DT)(DT)(DT)(DT)(DT)(DT)
;
GQ
390 'polydeoxyribonucleotide'
;(DC)(DT)(DG)(DG)(DC)(DT)(DG)(DC)(DA)(DG)(DT)(DT)(DG)(DT)(DA)(DG)(DG)(DT)(DT)(DG)
(DG)(DC)(DA)(DA)(DC)(DT)(DC)(DT)
;
GR
391 'polydeoxyribonucleotide'
;(DA)(DC)(DC)(DT)(DT)(DT)(DA)(DA)(DA)(DG)(DG)(DT)(DT)(DG)(DT)(DA)(DC)(DT)(DG)(DA)
(DA)(DC)(DA)(DC)(DC)(DC)(DT)(DG)
;
GS
392 'polydeoxyribonucleotide'
;(DA)(DG)(DG)(DT)(DT)(DT)(DG)(DG)(DT)(DT)(DA)(DC)(DC)(DA)(DG)(DA)(DA)(DG)(DG)(DA)
(DA)(DA)(DC)(DC)(DG)(DA)(DG)(DA)
;
GT
393 'polydeoxyribonucleotide'
;(DG)(DT)(DA)(DA)(DG)(DC)(DA)(DG)(DA)(DT)(DA)(DG)(DC)(DC)(DA)(DA)(DA)(DA)(DG)(DA)
(DA)(DC)(DC)(DA)(DG)(DT)(DG)(DC)
;
GU
394 'polydeoxyribonucleotide'
;(DC)(DT)(DG)(DT)(DA)(DA)(DA)(DG)(DA)(DA)(DG)(DG)(DC)(DA)(DT)(DG)(DG)(DG)(DC)(DA)
(DC)(DT)(DG)(DT)(DC)(DA)(DC)(DT)
;
GV
395 'polydeoxyribonucleotide'
;(DC)(DT)(DA)(DA)(DA)(DC)(DG)(DC)(DA)(DA)(DA)(DG)(DA)(DC)(DT)(DT)(DA)(DT)(DC)(DA)
(DC)(DC)(DG)(DT)(DC)(DA)(DA)(DC)
;
GW
396 'polydeoxyribonucleotide'
;(DT)(DA)(DA)(DG)(DG)(DG)(DC)(DG)(DC)(DT)(DG)(DA)(DG)(DC)(DA)(DT)(DA)(DC)(DC)(DT)
(DA)(DC)(DC)(DA)(DC)(DC)(DG)(DA)
;
GX
397 'polydeoxyribonucleotide'
;(DT)(DT)(DT)(DT)(DT)(DT)(DT)(DT)(DT)(DG)(DC)(DG)(DG)(DA)(DT)(DT)(DG)(DA)(DC)(DC)
(DG)(DT)(DA)(DA)(DT)(DG)(DC)(DC)
;
GY
398 'polydeoxyribonucleotide'
;(DC)(DA)(DG)(DG)(DA)(DC)(DA)(DC)(DA)(DA)(DG)(DG)(DA)(DT)(DT)(DT)(DA)(DA)(DT)(DA)
(DC)(DG)(DT)(DA)(DT)(DG)(DG)(DA)
;
GZ
399 'polydeoxyribonucleotide'
;(DC)(DT)(DA)(DA)(DA)(DT)(DG)(DC)(DC)(DT)(DC)(DC)(DC)(DT)(DC)(DA)(DC)(DT)(DA)(DA)
(DC)(DA)(DC)(DA)(DT)(DG)(DG)(DC)
;
Ga
400 'polydeoxyribonucleotide'
;(DT)(DA)(DC)(DT)(DC)(DC)(DG)(DT)(DG)(DG)(DG)(DA)(DA)(DC)(DA)(DA)(DA)(DC)(DG)(DT)
(DT)(DT)(DT)(DT)(DT)(DT)(DT)(DT)
;
Gb
401 'polydeoxyribonucleotide'
;(DT)(DT)(DT)(DT)(DT)(DT)(DT)(DT)(DT)(DT)(DA)(DA)(DC)(DA)(DA)(DC)(DC)(DC)(DG)(DT)
(DC)(DG)(DG)(DA)(DT)(DT)(DA)(DT)
;
Gc
402 'polydeoxyribonucleotide'
;(DT)(DT)(DT)(DT)(DT)(DT)(DT)(DT)(DT)(DT)(DA)(DG)(DC)(DC)(DA)(DG)(DC)(DT)(DT)(DT)
(DC)(DA)(DT)(DC)(DA)(DA)(DG)(DA)
;
Gd
403 'polydeoxyribonucleotide'
;(DA)(DA)(DC)(DG)(DC)(DG)(DT)(DC)(DT)(DG)(DG)(DC)(DC)(DT)(DT)(DC)(DC)(DT)(DG)(DT)
(DT)(DT)(DT)(DT)(DT)(DT)(DT)(DT)
;
Ge
404 'polydeoxyribonucleotide'
;(DT)(DT)(DT)(DT)(DT)(DT)(DT)(DT)(DT)(DC)(DG)(DC)(DC)(DA)(DT)(DC)(DA)(DA)(DA)(DA)
(DA)(DT)(DA)(DA)(DT)(DT)(DA)(DT)
;
Gf
405 'polydeoxyribonucleotide'
;(DG)(DA)(DA)(DT)(DT)(DT)(DC)(DA)(DA)(DG)(DG)(DC)(DA)(DG)(DT)(DG)(DG)(DG)(DT)(DA)
(DT)(DT)(DG)(DA)(DA)(DT)(DG)(DG)
;
Gg
406 'polydeoxyribonucleotide'
;(DG)(DC)(DC)(DT)(DA)(DA)(DG)(DA)(DC)(DC)(DA)(DG)(DC)(DA)(DA)(DG)(DG)(DG)(DT)(DT)
(DT)(DC)(DA)(DA)(DC)(DA)(DC)(DC)
;
Gh
407 'polydeoxyribonucleotide'
;(DA)(DG)(DT)(DG)(DT)(DT)(DC)(DG)(DT)(DT)(DG)(DA)(DT)(DA)(DT)(DT)(DT)(DA)(DA)(DC)
(DA)(DT)(DT)(DG)(DG)(DT)(DC)(DT)
;
Gi
408 'polydeoxyribonucleotide'
;(DC)(DA)(DT)(DG)(DC)(DA)(DT)(DA)(DA)(DT)(DA)(DG)(DG)(DT)(DA)(DA)(DG)(DA)(DA)(DA)
(DA)(DG)(DA)(DC)(DA)(DG)(DC)(DT)
;
Gj
409 'polydeoxyribonucleotide'
;(DG)(DA)(DG)(DC)(DC)(DA)(DG)(DA)(DT)(DT)(DG)(DT)(DA)(DT)(DA)(DA)(DG)(DC)(DA)(DT)
(DT)(DT)(DT)(DT)(DT)(DT)(DT)(DT)
;
Gk
410 'polydeoxyribonucleotide'
;(DT)(DT)(DT)(DT)(DT)(DT)(DT)(DT)(DT)(DT)(DG)(DT)(DG)(DT)(DG)(DA)(DT)(DG)(DG)(DG)
(DG)(DA)(DA)(DA)(DG)(DA)(DC)(DT)
;
Gl
411 'polydeoxyribonucleotide'
;(DA)(DT)(DC)(DG)(DG)(DT)(DT)(DA)(DG)(DT)(DT)(DT)(DC)(DA)(DG)(DT)(DT)(DG)(DG)(DC)
(DT)(DT)(DG)(DA)(DA)(DT)(DT)(DT)
;
Gm
412 'polydeoxyribonucleotide'
;(DT)(DT)(DT)(DT)(DT)(DT)(DT)(DT)(DT)(DG)(DA)(DT)(DT)(DG)(DA)(DA)(DG)(DT)(DG)(DA)
(DT)(DT)(DC)(DT)(DC)(DT)(DC)(DT)
;
Gn
413 'polydeoxyribonucleotide'
;(DA)(DC)(DA)(DG)(DG)(DA)(DG)(DT)(DT)(DG)(DA)(DA)(DA)(DG)(DC)(DA)(DT)(DT)(DA)(DT)
(DT)(DT)(DT)(DT)(DT)(DT)(DT)(DT)
;
Go
414 'polydeoxyribonucleotide'
;(DT)(DT)(DT)(DT)(DT)(DT)(DT)(DT)(DT)(DA)(DA)(DC)(DA)(DA)(DG)(DC)(DC)(DT)(DA)(DC)
(DT)(DA)(DG)(DC)(DA)(DG)(DA)(DT)
;
Gp
415 'polydeoxyribonucleotide'
;(DT)(DT)(DT)(DT)(DT)(DT)(DT)(DT)(DT)(DT)(DT)(DA)(DT)(DA)(DA)(DC)(DA)(DT)(DT)(DC)
(DC)(DA)(DA)(DG)(DT)(DT)(DA)(DA)
;
Gq
416 'polydeoxyribonucleotide'
;(DT)(DT)(DT)(DT)(DT)(DT)(DT)(DT)(DT)(DT)(DA)(DG)(DA)(DC)(DT)(DG)(DG)(DA)(DG)(DG)
(DT)(DG)(DT)(DG)(DT)(DA)(DC)(DT)
;
Gr
417 'polydeoxyribonucleotide'
;(DC)(DC)(DA)(DT)(DG)(DT)(DT)(DA)(DC)(DT)(DT)(DA)(DG)(DG)(DC)(DG)(DA)(DA)(DA)(DT)
(DC)(DC)(DC)(DG)(DA)(DC)(DT)(DT)
;
Gs
418 'polydeoxyribonucleotide'
;(DT)(DT)(DT)(DT)(DT)(DT)(DT)(DT)(DT)(DA)(DA)(DA)(DG)(DA)(DT)(DT)(DC)(DA)(DA)(DA)
(DA)(DG)(DG)(DG)(DT)(DG)(DC)(DT)
;
Gt
419 'polydeoxyribonucleotide'
;(DC)(DG)(DC)(DT)(DG)(DA)(DG)(DT)(DA)(DA)(DT)(DG)(DT)(DG)(DT)(DA)(DG)(DG)(DT)(DT)
(DT)(DT)(DT)(DT)(DT)(DT)(DT)(DT)
;
Gu
420 'polydeoxyribonucleotide'
;(DG)(DA)(DC)(DC)(DA)(DG)(DG)(DC)(DG)(DC)(DA)(DT)(DC)(DA)(DC)(DT)(DA)(DG)(DT)(DC)
(DC)(DT)(DA)(DT)(DC)(DA)(DA)(DT)
;
Gv
421 'polydeoxyribonucleotide'
;(DT)(DT)(DT)(DT)(DT)(DT)(DT)(DT)(DT)(DT)(DA)(DT)(DT)(DT)(DT)(DA)(DA)(DA)(DT)(DG)
(DC)(DA)(DA)(DT)(DG)(DC)(DC)(DA)
;
Gw
422 'polydeoxyribonucleotide'
;(DA)(DT)(DG)(DG)(DG)(DT)(DC)(DT)(DG)(DC)(DA)(DA)(DG)(DA)(DT)(DT)(DG)(DA)(DG)(DA)
(DT)(DA)(DT)(DC)(DA)(DT)(DA)(DA)
;
Gx
423 'polydeoxyribonucleotide'
;(DT)(DG)(DA)(DA)(DA)(DG)(DT)(DG)(DG)(DG)(DT)(DA)(DT)(DA)(DT)(DC)(DA)(DA)(DG)(DT)
(DT)(DT)(DT)(DT)(DT)(DT)(DT)(DT)
;
Gy
424 'polydeoxyribonucleotide'
;(DA)(DA)(DG)(DA)(DA)(DG)(DT)(DA)(DC)(DC)(DT)(DG)(DG)(DA)(DG)(DT)(DG)(DT)(DA)(DC)
(DA)(DA)(DA)(DC)(DA)(DA)(DA)(DG)
;
Gz
425 'polydeoxyribonucleotide'
;(DT)(DG)(DA)(DC)(DT)(DA)(DT)(DA)(DG)(DG)(DC)(DC)(DC)(DC)(DC)(DA)(DT)(DG)(DA)(DA)
(DA)(DG)(DC)(DA)(DT)(DA)(DA)(DC)
;
G0
426 'polydeoxyribonucleotide'
;(DG)(DC)(DG)(DA)(DT)(DT)(DA)(DA)(DG)(DA)(DG)(DG)(DA)(DA)(DT)(DA)(DT)(DC)(DC)(DT)
(DA)(DA)(DT)(DC)(DC)(DA)(DC)(DC)
;
G1
427 'polydeoxyribonucleotide'
;(DA)(DG)(DC)(DG)(DA)(DT)(DG)(DT)(DT)(DT)(DA)(DG)(DC)(DT)(DA)(DT)(DA)(DT)(DT)(DT)
(DT)(DT)(DT)(DT)(DT)(DT)(DT)(DT)
;
G2
428 'polydeoxyribonucleotide'
;(DT)(DT)(DT)(DT)(DT)(DT)(DT)(DT)(DT)(DA)(DA)(DT)(DG)(DG)(DT)(DC)(DA)(DA)(DT)(DA)
(DA)(DC)(DC)(DA)(DC)(DC)(DA)(DG)
;
G3
429 'polydeoxyribonucleotide'
;(DC)(DC)(DA)(DT)(DT)(DA)(DG)(DA)(DT)(DA)(DC)(DA)(DT)(DT)(DT)(DC)(DG)(DC)(DA)(DT)
(DT)(DT)(DT)(DT)(DT)(DT)(DT)(DT)
;
G4
430 'polydeoxyribonucleotide'
;(DG)(DT)(DC)(DA)(DG)(DG)(DA)(DT)(DA)(DA)(DC)(DG)(DA)(DT)(DA)(DT)(DC)(DA)(DT)(DG)
(DT)(DA)(DA)(DC)(DT)(DG)(DT)(DT)
;
G5
431 'polydeoxyribonucleotide'
;(DC)(DC)(DG)(DC)(DG)(DC)(DT)(DT)(DA)(DA)(DT)(DG)(DG)(DA)(DG)(DC)(DA)(DG)(DA)(DT)
(DG)(DC)(DT)(DT)(DT)(DT)(DA)(DA)
;
G6
432 'polydeoxyribonucleotide'
;(DA)(DG)(DC)(DC)(DG)(DG)(DC)(DT)(DG)(DC)(DG)(DC)(DG)(DT)(DA)(DC)(DT)(DG)(DT)(DC)
(DC)(DA)(DT)(DA)(DC)(DA)(DG)(DT)
;
G7
433 'polydeoxyribonucleotide'
;(DT)(DC)(DT)(DT)(DG)(DT)(DC)(DA)(DT)(DG)(DG)(DT)(DT)(DT)(DC)(DG)(DC)(DC)(DA)(DA)
(DA)(DT)(DT)(DG)(DA)(DG)(DT)(DG)
;
G8
434 'polydeoxyribonucleotide'
;(DG)(DC)(DC)(DA)(DG)(DG)(DC)(DG)(DT)(DC)(DA)(DC)(DC)(DA)(DG)(DC)(DC)(DA)(DC)(DC)
(DA)(DA)(DT)(DA)(DT)(DT)(DA)(DC)
;
G9
435 'polydeoxyribonucleotide'
;(DT)(DA)(DA)(DC)(DC)(DC)(DA)(DG)(DT)(DG)(DA)(DT)(DA)(DA)(DT)(DA)(DG)(DC)(DT)(DG)
(DC)(DG)(DC)(DA)(DG)(DA)(DG)(DA)
;
HA
436 'polydeoxyribonucleotide'
;(DG)(DG)(DT)(DG)(DA)(DA)(DC)(DA)(DT)(DT)(DT)(DT)(DA)(DA)(DG)(DA)(DG)(DC)(DA)(DT)
(DT)(DG)(DC)(DC)(DT)(DC)(DT)(DG)
;
HB
437 'polydeoxyribonucleotide'
;(DT)(DT)(DT)(DT)(DT)(DT)(DT)(DT)(DT)(DC)(DA)(DT)(DT)(DT)(DC)(DT)(DC)(DC)(DG)(DA)
(DA)
;
HC
438 'polydeoxyribonucleotide'
;(DT)(DG)(DT)(DT)(DT)(DA)(DG)(DG)(DA)(DA)(DA)(DA)(DG)(DA)(DC)(DT)(DT)(DG)(DA)(DA)
(DG)
;
HD
439 'polydeoxyribonucleotide'
;(DA)(DG)(DT)(DA)(DT)(DA)(DA)(DT)(DT)(DT)(DC)(DA)(DA)(DC)(DT)(DA)(DT)(DC)(DA)(DG)
(DC)
;
HE
440 'polydeoxyribonucleotide'
;(DT)(DT)(DT)(DT)(DT)(DT)(DT)(DT)(DT)(DT)(DC)(DA)(DG)(DG)(DA)(DT)(DT)(DT)(DA)(DT)
(DG)
;
HF
441 'polydeoxyribonucleotide'
;(DC)(DC)(DG)(DG)(DA)(DA)(DA)(DC)(DC)(DA)(DG)(DG)(DT)(DT)(DT)(DT)(DT)(DT)(DT)(DT)
(DT)
;
HG
442 'polydeoxyribonucleotide'
;(DG)(DT)(DG)(DT)(DG)(DG)(DC)(DA)(DA)(DC)(DA)(DT)(DA)(DT)(DA)(DA)(DA)(DA)(DG)(DC)
(DC)
;
HH
443 'polydeoxyribonucleotide'
;(DA)(DG)(DC)(DC)(DA)(DG)(DC)(DT)(DT)(DT)(DC)(DC)(DT)(DT)(DT)(DT)(DT)(DT)(DT)(DT)
(DT)
;
HI
444 'polydeoxyribonucleotide'
;(DT)(DT)(DT)(DT)(DT)(DT)(DT)(DT)(DT)(DA)(DG)(DG)(DA)(DA)(DG)(DA)(DT)(DC)(DG)(DC)
(DA)
;
HJ
445 'polydeoxyribonucleotide'
;(DA)(DG)(DT)(DA)(DT)(DC)(DG)(DG)(DC)(DC)(DT)(DC)(DT)(DT)(DT)(DT)(DT)(DT)(DT)(DT)
(DT)
;
HK
446 'polydeoxyribonucleotide'
;(DA)(DA)(DG)(DG)(DA)(DA)(DT)(DT)(DA)(DG)(DA)(DG)(DC)(DC)(DA)(DG)(DC)(DA)(DA)(DG)
(DT)
;
HL
447 'polydeoxyribonucleotide'
;(DG)(DC)(DA)(DT)(DC)(DT)(DG)(DC)(DC)(DA)(DG)(DT)(DT)(DT)(DT)(DT)(DT)(DT)(DT)(DT)
(DT)
;
HM
448 'polydeoxyribonucleotide'
;(DC)(DT)(DT)(DT)(DA)(DG)(DC)(DC)(DA)(DT)(DC)(DG)(DA)(DT)(DG)(DT)(DG)(DC)(DA)(DG)
(DT)
;
HN
449 'polydeoxyribonucleotide'
;(DT)(DT)(DG)(DG)(DT)(DG)(DT)(DA)(DG)(DA)(DT)(DG)(DT)(DT)(DT)(DT)(DT)(DT)(DT)(DT)
(DT)
;
HO
450 'polydeoxyribonucleotide'
;(DA)(DA)(DT)(DT)(DA)(DT)(DT)(DG)(DG)(DC)(DA)(DA)(DT)(DG)(DT)(DA)(DT)(DT)(DA)(DA)
(DA)
;
HP
451 'polydeoxyribonucleotide'
;(DT)(DA)(DG)(DG)(DA)(DT)(DT)(DT)(DT)(DT)(DA)(DA)(DT)(DC)(DG)(DG)(DG)(DG)(DT)(DA)
(DC)
;
HQ
452 'polydeoxyribonucleotide'
;(DT)(DT)(DT)(DT)(DT)(DT)(DT)(DT)(DT)(DT)(DT)(DT)(DA)(DG)(DG)(DG)(DG)(DA)(DG)(DG)
(DT)
;
HR
453 'polydeoxyribonucleotide'
;(DT)(DT)(DG)(DC)(DT)(DT)(DT)(DC)(DG)(DA)(DG)(DG)(DT)(DG)(DG)(DA)(DT)(DT)(DG)(DC)
(DT)
;
HS
454 'polydeoxyribonucleotide'
;(DT)(DG)(DC)(DC)(DA)(DC)(DT)(DT)(DC)(DC)(DA)(DT)(DT)(DA)(DG)(DG)(DT)(DA)(DT)(DT)
(DC)
;
HT
455 'polydeoxyribonucleotide' (DT)(DT)(DG)(DG)(DG)(DC)(DT)(DT)(DG)(DA)(DG)(DA)(DT)(DG)(DG)(DT)(DT)(DT)(DA) HU
#
loop_
_chem_comp.id
_chem_comp.type
_chem_comp.name
_chem_comp.formula
DA DNA linking 2'-DEOXYADENOSINE-5'-MONOPHOSPHATE 'C10 H14 N5 O6 P'
DC DNA linking 2'-DEOXYCYTIDINE-5'-MONOPHOSPHATE 'C9 H14 N3 O7 P'
DG DNA linking 2'-DEOXYGUANOSINE-5'-MONOPHOSPHATE 'C10 H14 N5 O7 P'
DT DNA linking THYMIDINE-5'-MONOPHOSPHATE 'C10 H15 N2 O8 P'
#